data_1WFV
#
_entry.id   1WFV
#
_entity_poly.entity_id   1
_entity_poly.type   'polypeptide(L)'
_entity_poly.pdbx_seq_one_letter_code
;GSSGSSGQDFDYFTVDMEKGAKGFGFSIRGGREYKMDLYVLRLAEDGPAIRNGRMRVGDQIIEINGESTRDMTHARAIEL
IKSGGRRVRLLLKRGTGSGPSSG
;
_entity_poly.pdbx_strand_id   A
#
# COMPACT_ATOMS: atom_id res chain seq x y z
N GLY A 1 33.53 -0.56 11.25
CA GLY A 1 33.12 0.32 10.19
C GLY A 1 31.95 -0.23 9.40
N SER A 2 30.92 -0.67 10.11
CA SER A 2 29.73 -1.22 9.47
C SER A 2 28.56 -0.24 9.55
N SER A 3 27.56 -0.45 8.70
CA SER A 3 26.40 0.43 8.66
C SER A 3 25.16 -0.32 8.18
N GLY A 4 24.03 -0.09 8.84
CA GLY A 4 22.80 -0.76 8.47
C GLY A 4 21.84 -0.88 9.64
N SER A 5 20.57 -0.58 9.38
CA SER A 5 19.55 -0.66 10.42
C SER A 5 19.21 -2.11 10.75
N SER A 6 18.45 -2.31 11.81
CA SER A 6 18.06 -3.65 12.23
C SER A 6 16.65 -4.00 11.74
N GLY A 7 16.50 -5.18 11.16
CA GLY A 7 15.21 -5.60 10.66
C GLY A 7 15.15 -5.62 9.14
N GLN A 8 15.52 -6.74 8.55
CA GLN A 8 15.51 -6.88 7.09
C GLN A 8 14.10 -7.17 6.59
N ASP A 9 13.31 -6.11 6.41
CA ASP A 9 11.95 -6.25 5.92
C ASP A 9 11.93 -6.58 4.43
N PHE A 10 10.73 -6.80 3.89
CA PHE A 10 10.58 -7.13 2.48
C PHE A 10 11.10 -6.00 1.60
N ASP A 11 10.97 -6.17 0.29
CA ASP A 11 11.43 -5.17 -0.66
C ASP A 11 10.60 -3.89 -0.55
N TYR A 12 11.25 -2.79 -0.20
CA TYR A 12 10.57 -1.51 -0.06
C TYR A 12 10.51 -0.77 -1.39
N PHE A 13 9.49 -1.09 -2.19
CA PHE A 13 9.32 -0.45 -3.48
C PHE A 13 8.14 0.51 -3.48
N THR A 14 8.20 1.54 -4.32
CA THR A 14 7.14 2.53 -4.41
C THR A 14 6.13 2.17 -5.48
N VAL A 15 4.93 2.72 -5.38
CA VAL A 15 3.87 2.47 -6.36
C VAL A 15 3.47 3.74 -7.08
N ASP A 16 3.17 3.62 -8.37
CA ASP A 16 2.75 4.76 -9.17
C ASP A 16 1.55 4.41 -10.05
N MET A 17 0.45 5.12 -9.82
CA MET A 17 -0.77 4.90 -10.59
C MET A 17 -1.61 6.17 -10.67
N GLU A 18 -2.57 6.18 -11.59
CA GLU A 18 -3.44 7.34 -11.76
C GLU A 18 -4.89 6.97 -11.49
N LYS A 19 -5.76 7.97 -11.53
CA LYS A 19 -7.19 7.76 -11.28
C LYS A 19 -7.85 7.05 -12.46
N GLY A 20 -9.00 6.45 -12.23
CA GLY A 20 -9.72 5.77 -13.28
C GLY A 20 -11.18 6.16 -13.36
N ALA A 21 -12.00 5.30 -13.95
CA ALA A 21 -13.42 5.56 -14.08
C ALA A 21 -14.04 5.92 -12.74
N LYS A 22 -13.90 5.01 -11.77
CA LYS A 22 -14.46 5.23 -10.44
C LYS A 22 -13.33 5.38 -9.41
N GLY A 23 -12.20 5.91 -9.86
CA GLY A 23 -11.07 6.11 -8.96
C GLY A 23 -9.89 5.22 -9.31
N PHE A 24 -8.85 5.27 -8.48
CA PHE A 24 -7.66 4.47 -8.72
C PHE A 24 -8.01 2.99 -8.87
N GLY A 25 -9.16 2.60 -8.33
CA GLY A 25 -9.59 1.22 -8.43
C GLY A 25 -8.90 0.33 -7.42
N PHE A 26 -8.72 0.83 -6.21
CA PHE A 26 -8.05 0.07 -5.15
C PHE A 26 -8.53 0.51 -3.78
N SER A 27 -8.67 -0.44 -2.87
CA SER A 27 -9.12 -0.15 -1.51
C SER A 27 -8.05 -0.51 -0.49
N ILE A 28 -8.26 -0.08 0.75
CA ILE A 28 -7.31 -0.37 1.82
C ILE A 28 -8.02 -0.92 3.06
N ARG A 29 -7.24 -1.44 4.00
CA ARG A 29 -7.80 -2.00 5.22
C ARG A 29 -6.87 -1.75 6.41
N GLY A 30 -7.39 -1.93 7.61
CA GLY A 30 -6.59 -1.73 8.81
C GLY A 30 -6.40 -0.26 9.14
N GLY A 31 -5.57 0.03 10.13
CA GLY A 31 -5.32 1.41 10.52
C GLY A 31 -5.41 1.60 12.02
N ARG A 32 -4.92 2.73 12.50
CA ARG A 32 -4.93 3.05 13.92
C ARG A 32 -6.31 2.77 14.52
N GLU A 33 -7.35 2.96 13.71
CA GLU A 33 -8.72 2.72 14.16
C GLU A 33 -8.90 1.29 14.63
N TYR A 34 -8.24 0.36 13.95
CA TYR A 34 -8.34 -1.06 14.29
C TYR A 34 -7.03 -1.55 14.90
N LYS A 35 -6.11 -0.63 15.15
CA LYS A 35 -4.81 -0.97 15.73
C LYS A 35 -4.07 -1.97 14.86
N MET A 36 -3.90 -1.63 13.58
CA MET A 36 -3.21 -2.50 12.64
C MET A 36 -2.68 -1.70 11.46
N ASP A 37 -1.70 -2.26 10.76
CA ASP A 37 -1.12 -1.61 9.59
C ASP A 37 -2.15 -1.45 8.48
N LEU A 38 -1.78 -0.70 7.44
CA LEU A 38 -2.67 -0.46 6.32
C LEU A 38 -2.34 -1.39 5.16
N TYR A 39 -3.31 -2.23 4.79
CA TYR A 39 -3.13 -3.17 3.69
C TYR A 39 -4.12 -2.91 2.58
N VAL A 40 -3.89 -3.54 1.43
CA VAL A 40 -4.76 -3.37 0.27
C VAL A 40 -5.96 -4.33 0.35
N LEU A 41 -7.11 -3.80 0.74
CA LEU A 41 -8.32 -4.60 0.86
C LEU A 41 -8.55 -5.42 -0.41
N ARG A 42 -8.83 -4.74 -1.51
CA ARG A 42 -9.07 -5.40 -2.79
C ARG A 42 -8.60 -4.54 -3.95
N LEU A 43 -8.77 -5.04 -5.17
CA LEU A 43 -8.36 -4.31 -6.37
C LEU A 43 -9.48 -4.30 -7.40
N ALA A 44 -9.52 -3.24 -8.21
CA ALA A 44 -10.53 -3.10 -9.25
C ALA A 44 -10.09 -3.78 -10.53
N GLU A 45 -10.85 -4.78 -10.97
CA GLU A 45 -10.54 -5.51 -12.19
C GLU A 45 -10.49 -4.57 -13.39
N ASP A 46 -11.32 -3.54 -13.36
CA ASP A 46 -11.37 -2.57 -14.45
C ASP A 46 -10.84 -1.22 -13.99
N GLY A 47 -9.82 -1.24 -13.14
CA GLY A 47 -9.24 -0.01 -12.63
C GLY A 47 -7.77 0.13 -12.98
N PRO A 48 -7.23 1.35 -12.84
CA PRO A 48 -5.84 1.65 -13.14
C PRO A 48 -4.88 1.00 -12.14
N ALA A 49 -5.43 0.57 -11.00
CA ALA A 49 -4.62 -0.07 -9.97
C ALA A 49 -4.24 -1.49 -10.36
N ILE A 50 -5.25 -2.33 -10.56
CA ILE A 50 -5.02 -3.71 -10.95
C ILE A 50 -4.16 -3.81 -12.21
N ARG A 51 -4.04 -2.68 -12.91
CA ARG A 51 -3.25 -2.64 -14.13
C ARG A 51 -1.82 -2.17 -13.84
N ASN A 52 -1.64 -1.52 -12.69
CA ASN A 52 -0.34 -1.03 -12.30
C ASN A 52 0.64 -2.17 -12.06
N GLY A 53 0.27 -3.08 -11.15
CA GLY A 53 1.12 -4.22 -10.84
C GLY A 53 1.94 -3.99 -9.59
N ARG A 54 2.69 -2.89 -9.57
CA ARG A 54 3.53 -2.57 -8.42
C ARG A 54 2.83 -2.89 -7.11
N MET A 55 1.50 -2.78 -7.12
CA MET A 55 0.71 -3.07 -5.93
C MET A 55 -0.34 -4.14 -6.22
N ARG A 56 -0.53 -5.04 -5.26
CA ARG A 56 -1.50 -6.12 -5.42
C ARG A 56 -2.38 -6.24 -4.17
N VAL A 57 -3.25 -7.24 -4.17
CA VAL A 57 -4.13 -7.48 -3.03
C VAL A 57 -3.51 -8.43 -2.03
N GLY A 58 -3.27 -7.93 -0.81
CA GLY A 58 -2.67 -8.76 0.22
C GLY A 58 -1.31 -8.27 0.63
N ASP A 59 -1.01 -7.01 0.34
CA ASP A 59 0.27 -6.42 0.67
C ASP A 59 0.14 -5.47 1.87
N GLN A 60 1.27 -4.93 2.32
CA GLN A 60 1.28 -4.03 3.45
C GLN A 60 1.84 -2.66 3.06
N ILE A 61 1.01 -1.63 3.19
CA ILE A 61 1.44 -0.27 2.84
C ILE A 61 2.12 0.40 4.02
N ILE A 62 3.38 0.80 3.82
CA ILE A 62 4.14 1.46 4.87
C ILE A 62 4.19 2.97 4.65
N GLU A 63 3.89 3.39 3.42
CA GLU A 63 3.90 4.80 3.08
C GLU A 63 2.75 5.13 2.12
N ILE A 64 2.29 6.38 2.18
CA ILE A 64 1.19 6.82 1.32
C ILE A 64 1.41 8.26 0.87
N ASN A 65 1.55 8.45 -0.44
CA ASN A 65 1.76 9.79 -0.99
C ASN A 65 2.97 10.47 -0.36
N GLY A 66 3.93 9.66 0.11
CA GLY A 66 5.11 10.19 0.73
C GLY A 66 4.86 10.65 2.15
N GLU A 67 3.72 10.27 2.70
CA GLU A 67 3.36 10.64 4.07
C GLU A 67 3.41 9.43 5.00
N SER A 68 4.44 9.39 5.85
CA SER A 68 4.59 8.28 6.79
C SER A 68 3.24 7.78 7.27
N THR A 69 2.97 6.50 7.03
CA THR A 69 1.70 5.89 7.44
C THR A 69 1.76 5.45 8.89
N ARG A 70 2.03 6.39 9.79
CA ARG A 70 2.11 6.09 11.21
C ARG A 70 1.06 6.87 12.00
N ASP A 71 0.59 6.29 13.09
CA ASP A 71 -0.42 6.94 13.93
C ASP A 71 -1.57 7.47 13.08
N MET A 72 -1.80 6.82 11.95
CA MET A 72 -2.88 7.23 11.05
C MET A 72 -4.04 6.25 11.12
N THR A 73 -5.25 6.74 10.82
CA THR A 73 -6.44 5.91 10.85
C THR A 73 -6.92 5.58 9.44
N HIS A 74 -7.47 4.38 9.27
CA HIS A 74 -7.98 3.95 7.98
C HIS A 74 -8.62 5.11 7.23
N ALA A 75 -9.26 6.01 7.98
CA ALA A 75 -9.92 7.16 7.38
C ALA A 75 -8.91 8.08 6.69
N ARG A 76 -7.81 8.37 7.39
CA ARG A 76 -6.77 9.24 6.85
C ARG A 76 -6.28 8.72 5.50
N ALA A 77 -5.68 7.54 5.50
CA ALA A 77 -5.17 6.94 4.27
C ALA A 77 -6.19 7.03 3.15
N ILE A 78 -7.47 6.96 3.50
CA ILE A 78 -8.54 7.05 2.52
C ILE A 78 -8.65 8.46 1.95
N GLU A 79 -8.34 9.45 2.77
CA GLU A 79 -8.41 10.84 2.35
C GLU A 79 -7.13 11.26 1.63
N LEU A 80 -6.04 10.56 1.93
CA LEU A 80 -4.75 10.85 1.31
C LEU A 80 -4.77 10.50 -0.18
N ILE A 81 -5.42 9.39 -0.52
CA ILE A 81 -5.52 8.96 -1.90
C ILE A 81 -6.30 9.97 -2.75
N LYS A 82 -7.24 10.65 -2.11
CA LYS A 82 -8.05 11.65 -2.80
C LYS A 82 -7.50 13.05 -2.58
N SER A 83 -6.63 13.18 -1.58
CA SER A 83 -6.03 14.47 -1.27
C SER A 83 -4.95 14.83 -2.28
N GLY A 84 -4.24 13.82 -2.76
CA GLY A 84 -3.18 14.04 -3.74
C GLY A 84 -3.72 14.44 -5.10
N GLY A 85 -4.81 13.79 -5.51
CA GLY A 85 -5.41 14.08 -6.79
C GLY A 85 -5.71 12.83 -7.59
N ARG A 86 -5.23 12.79 -8.83
CA ARG A 86 -5.47 11.65 -9.71
C ARG A 86 -4.30 10.66 -9.63
N ARG A 87 -3.16 11.15 -9.14
CA ARG A 87 -1.96 10.32 -9.03
C ARG A 87 -1.65 10.02 -7.56
N VAL A 88 -1.58 8.75 -7.22
CA VAL A 88 -1.30 8.33 -5.86
C VAL A 88 -0.07 7.42 -5.81
N ARG A 89 0.91 7.81 -5.00
CA ARG A 89 2.14 7.03 -4.86
C ARG A 89 2.32 6.55 -3.43
N LEU A 90 2.22 5.25 -3.22
CA LEU A 90 2.37 4.66 -1.90
C LEU A 90 3.45 3.58 -1.91
N LEU A 91 4.15 3.45 -0.78
CA LEU A 91 5.21 2.44 -0.66
C LEU A 91 4.63 1.10 -0.24
N LEU A 92 4.70 0.12 -1.14
CA LEU A 92 4.19 -1.21 -0.86
C LEU A 92 5.27 -2.27 -1.07
N LYS A 93 5.18 -3.37 -0.34
CA LYS A 93 6.14 -4.45 -0.45
C LYS A 93 5.44 -5.81 -0.50
N ARG A 94 5.80 -6.62 -1.48
CA ARG A 94 5.20 -7.94 -1.65
C ARG A 94 5.83 -8.94 -0.68
N GLY A 95 5.00 -9.82 -0.13
CA GLY A 95 5.50 -10.82 0.80
C GLY A 95 6.01 -12.06 0.10
N THR A 96 6.63 -11.88 -1.05
CA THR A 96 7.17 -12.99 -1.82
C THR A 96 8.53 -13.41 -1.30
N GLY A 97 9.27 -12.46 -0.74
CA GLY A 97 10.59 -12.75 -0.21
C GLY A 97 11.67 -12.66 -1.26
N SER A 98 12.91 -12.89 -0.85
CA SER A 98 14.05 -12.83 -1.77
C SER A 98 14.23 -14.15 -2.50
N GLY A 99 13.35 -15.11 -2.21
CA GLY A 99 13.43 -16.42 -2.85
C GLY A 99 13.47 -17.54 -1.84
N PRO A 100 14.00 -18.71 -2.27
CA PRO A 100 14.10 -19.89 -1.42
C PRO A 100 15.13 -19.72 -0.30
N SER A 101 14.66 -19.72 0.94
CA SER A 101 15.54 -19.56 2.09
C SER A 101 16.11 -20.90 2.52
N SER A 102 17.22 -21.29 1.90
CA SER A 102 17.87 -22.56 2.22
C SER A 102 19.32 -22.56 1.74
N GLY A 103 20.21 -23.12 2.55
CA GLY A 103 21.61 -23.17 2.20
C GLY A 103 22.49 -23.57 3.37
N GLY A 1 17.60 -9.63 24.18
CA GLY A 1 18.82 -10.31 23.79
C GLY A 1 18.76 -10.83 22.37
N SER A 2 18.63 -12.15 22.23
CA SER A 2 18.57 -12.78 20.92
C SER A 2 17.42 -12.21 20.10
N SER A 3 16.23 -12.18 20.71
CA SER A 3 15.05 -11.66 20.03
C SER A 3 14.83 -10.18 20.35
N GLY A 4 15.59 -9.33 19.67
CA GLY A 4 15.48 -7.89 19.90
C GLY A 4 14.25 -7.30 19.24
N SER A 5 14.29 -6.00 18.99
CA SER A 5 13.17 -5.30 18.37
C SER A 5 12.66 -6.08 17.16
N SER A 6 11.34 -6.26 17.09
CA SER A 6 10.72 -6.99 15.98
C SER A 6 10.27 -6.04 14.88
N GLY A 7 11.10 -5.90 13.86
CA GLY A 7 10.78 -5.02 12.75
C GLY A 7 11.91 -4.89 11.76
N GLN A 8 11.86 -5.71 10.70
CA GLN A 8 12.89 -5.69 9.67
C GLN A 8 12.27 -5.55 8.28
N ASP A 9 12.09 -4.32 7.84
CA ASP A 9 11.51 -4.05 6.54
C ASP A 9 12.10 -4.98 5.48
N PHE A 10 11.38 -5.15 4.37
CA PHE A 10 11.84 -6.01 3.29
C PHE A 10 11.06 -5.73 2.01
N ASP A 11 11.79 -5.53 0.91
CA ASP A 11 11.16 -5.25 -0.38
C ASP A 11 10.35 -3.96 -0.33
N TYR A 12 10.94 -2.92 0.25
CA TYR A 12 10.28 -1.64 0.37
C TYR A 12 10.32 -0.88 -0.96
N PHE A 13 9.33 -1.15 -1.81
CA PHE A 13 9.25 -0.50 -3.11
C PHE A 13 8.06 0.46 -3.16
N THR A 14 8.17 1.48 -4.01
CA THR A 14 7.11 2.46 -4.16
C THR A 14 6.16 2.09 -5.29
N VAL A 15 4.97 2.70 -5.29
CA VAL A 15 3.99 2.44 -6.33
C VAL A 15 3.52 3.73 -6.99
N ASP A 16 3.23 3.67 -8.28
CA ASP A 16 2.77 4.83 -9.03
C ASP A 16 1.59 4.47 -9.93
N MET A 17 0.48 5.18 -9.75
CA MET A 17 -0.72 4.93 -10.55
C MET A 17 -1.60 6.17 -10.60
N GLU A 18 -2.67 6.10 -11.39
CA GLU A 18 -3.59 7.22 -11.53
C GLU A 18 -4.98 6.85 -11.02
N LYS A 19 -5.87 7.84 -10.99
CA LYS A 19 -7.24 7.62 -10.52
C LYS A 19 -8.13 7.16 -11.67
N GLY A 20 -9.32 6.67 -11.32
CA GLY A 20 -10.25 6.20 -12.33
C GLY A 20 -11.61 6.88 -12.22
N ALA A 21 -12.65 6.07 -12.05
CA ALA A 21 -14.00 6.59 -11.93
C ALA A 21 -14.32 6.98 -10.50
N LYS A 22 -14.18 6.04 -9.58
CA LYS A 22 -14.44 6.28 -8.17
C LYS A 22 -13.16 6.15 -7.34
N GLY A 23 -12.03 6.37 -7.98
CA GLY A 23 -10.76 6.28 -7.29
C GLY A 23 -9.72 5.48 -8.07
N PHE A 24 -8.66 5.06 -7.40
CA PHE A 24 -7.60 4.29 -8.03
C PHE A 24 -7.98 2.81 -8.12
N GLY A 25 -9.26 2.55 -8.37
CA GLY A 25 -9.73 1.18 -8.47
C GLY A 25 -9.03 0.26 -7.49
N PHE A 26 -8.83 0.75 -6.27
CA PHE A 26 -8.17 -0.04 -5.22
C PHE A 26 -8.61 0.42 -3.84
N SER A 27 -8.85 -0.55 -2.95
CA SER A 27 -9.28 -0.24 -1.60
C SER A 27 -8.20 -0.61 -0.59
N ILE A 28 -8.34 -0.10 0.63
CA ILE A 28 -7.38 -0.39 1.68
C ILE A 28 -8.07 -0.92 2.93
N ARG A 29 -7.27 -1.43 3.88
CA ARG A 29 -7.81 -1.96 5.12
C ARG A 29 -6.84 -1.73 6.27
N GLY A 30 -7.36 -1.84 7.50
CA GLY A 30 -6.52 -1.64 8.67
C GLY A 30 -6.26 -0.17 8.96
N GLY A 31 -5.31 0.09 9.84
CA GLY A 31 -4.98 1.47 10.19
C GLY A 31 -4.90 1.69 11.68
N ARG A 32 -4.38 2.84 12.08
CA ARG A 32 -4.25 3.17 13.50
C ARG A 32 -5.56 2.91 14.24
N GLU A 33 -6.68 3.03 13.52
CA GLU A 33 -7.99 2.81 14.11
C GLU A 33 -8.12 1.38 14.64
N TYR A 34 -7.51 0.44 13.93
CA TYR A 34 -7.57 -0.97 14.32
C TYR A 34 -6.21 -1.43 14.83
N LYS A 35 -5.31 -0.49 15.07
CA LYS A 35 -3.97 -0.80 15.57
C LYS A 35 -3.26 -1.76 14.62
N MET A 36 -3.31 -1.46 13.33
CA MET A 36 -2.65 -2.30 12.33
C MET A 36 -2.25 -1.47 11.11
N ASP A 37 -1.34 -2.02 10.31
CA ASP A 37 -0.88 -1.33 9.10
C ASP A 37 -1.98 -1.27 8.05
N LEU A 38 -1.73 -0.51 6.99
CA LEU A 38 -2.70 -0.35 5.92
C LEU A 38 -2.41 -1.32 4.78
N TYR A 39 -3.34 -2.24 4.54
CA TYR A 39 -3.18 -3.22 3.48
C TYR A 39 -4.21 -3.00 2.37
N VAL A 40 -4.00 -3.67 1.24
CA VAL A 40 -4.91 -3.55 0.11
C VAL A 40 -6.12 -4.48 0.27
N LEU A 41 -7.24 -3.90 0.67
CA LEU A 41 -8.46 -4.68 0.87
C LEU A 41 -8.81 -5.47 -0.38
N ARG A 42 -9.14 -4.76 -1.46
CA ARG A 42 -9.50 -5.40 -2.72
C ARG A 42 -9.12 -4.51 -3.90
N LEU A 43 -8.80 -5.13 -5.03
CA LEU A 43 -8.44 -4.40 -6.23
C LEU A 43 -9.56 -4.44 -7.26
N ALA A 44 -9.64 -3.40 -8.09
CA ALA A 44 -10.66 -3.31 -9.11
C ALA A 44 -10.19 -3.94 -10.42
N GLU A 45 -10.90 -4.98 -10.86
CA GLU A 45 -10.55 -5.68 -12.09
C GLU A 45 -10.59 -4.74 -13.28
N ASP A 46 -11.36 -3.66 -13.15
CA ASP A 46 -11.48 -2.68 -14.22
C ASP A 46 -10.95 -1.32 -13.77
N GLY A 47 -10.03 -1.34 -12.82
CA GLY A 47 -9.44 -0.11 -12.31
C GLY A 47 -8.01 0.08 -12.76
N PRO A 48 -7.48 1.29 -12.57
CA PRO A 48 -6.10 1.63 -12.94
C PRO A 48 -5.07 0.94 -12.05
N ALA A 49 -5.47 0.63 -10.82
CA ALA A 49 -4.59 -0.03 -9.87
C ALA A 49 -4.24 -1.44 -10.34
N ILE A 50 -5.25 -2.30 -10.43
CA ILE A 50 -5.05 -3.68 -10.87
C ILE A 50 -4.19 -3.74 -12.12
N ARG A 51 -4.19 -2.64 -12.87
CA ARG A 51 -3.40 -2.57 -14.10
C ARG A 51 -1.94 -2.21 -13.80
N ASN A 52 -1.74 -1.44 -12.74
CA ASN A 52 -0.39 -1.03 -12.35
C ASN A 52 0.49 -2.26 -12.09
N GLY A 53 0.08 -3.08 -11.13
CA GLY A 53 0.84 -4.27 -10.80
C GLY A 53 1.72 -4.07 -9.59
N ARG A 54 2.54 -3.02 -9.61
CA ARG A 54 3.44 -2.73 -8.50
C ARG A 54 2.77 -3.04 -7.16
N MET A 55 1.44 -2.93 -7.13
CA MET A 55 0.69 -3.20 -5.91
C MET A 55 -0.39 -4.24 -6.17
N ARG A 56 -0.68 -5.07 -5.17
CA ARG A 56 -1.69 -6.11 -5.28
C ARG A 56 -2.49 -6.23 -3.99
N VAL A 57 -3.41 -7.18 -3.96
CA VAL A 57 -4.25 -7.41 -2.79
C VAL A 57 -3.51 -8.23 -1.74
N GLY A 58 -3.67 -7.84 -0.48
CA GLY A 58 -3.02 -8.55 0.60
C GLY A 58 -1.72 -7.89 1.02
N ASP A 59 -1.11 -7.16 0.09
CA ASP A 59 0.16 -6.48 0.37
C ASP A 59 0.03 -5.60 1.61
N GLN A 60 1.17 -5.10 2.08
CA GLN A 60 1.20 -4.24 3.26
C GLN A 60 1.82 -2.88 2.92
N ILE A 61 1.03 -1.82 3.06
CA ILE A 61 1.50 -0.47 2.77
C ILE A 61 2.08 0.18 4.03
N ILE A 62 3.31 0.68 3.91
CA ILE A 62 3.98 1.34 5.02
C ILE A 62 4.01 2.84 4.85
N GLU A 63 3.76 3.29 3.62
CA GLU A 63 3.75 4.72 3.32
C GLU A 63 2.62 5.06 2.34
N ILE A 64 2.09 6.28 2.46
CA ILE A 64 1.02 6.72 1.59
C ILE A 64 1.20 8.19 1.20
N ASN A 65 1.31 8.45 -0.09
CA ASN A 65 1.49 9.80 -0.59
C ASN A 65 2.66 10.50 0.11
N GLY A 66 3.62 9.71 0.58
CA GLY A 66 4.76 10.26 1.27
C GLY A 66 4.48 10.55 2.73
N GLU A 67 3.65 9.71 3.35
CA GLU A 67 3.29 9.89 4.75
C GLU A 67 3.54 8.61 5.53
N SER A 68 3.69 8.74 6.85
CA SER A 68 3.93 7.59 7.71
C SER A 68 2.62 6.93 8.12
N THR A 69 2.25 5.88 7.39
CA THR A 69 1.03 5.14 7.67
C THR A 69 1.03 4.58 9.08
N ARG A 70 2.17 4.66 9.75
CA ARG A 70 2.31 4.17 11.11
C ARG A 70 1.48 5.00 12.08
N ASP A 71 1.23 6.26 11.71
CA ASP A 71 0.46 7.16 12.54
C ASP A 71 -0.74 7.71 11.78
N MET A 72 -1.52 6.82 11.19
CA MET A 72 -2.70 7.22 10.42
C MET A 72 -3.79 6.14 10.50
N THR A 73 -5.04 6.58 10.52
CA THR A 73 -6.17 5.67 10.59
C THR A 73 -6.71 5.35 9.20
N HIS A 74 -7.42 4.23 9.08
CA HIS A 74 -8.00 3.83 7.80
C HIS A 74 -8.66 5.01 7.10
N ALA A 75 -9.15 5.96 7.89
CA ALA A 75 -9.80 7.14 7.34
C ALA A 75 -8.79 8.07 6.68
N ARG A 76 -7.71 8.38 7.38
CA ARG A 76 -6.67 9.25 6.85
C ARG A 76 -6.24 8.80 5.46
N ALA A 77 -5.88 7.53 5.33
CA ALA A 77 -5.45 6.98 4.06
C ALA A 77 -6.50 7.23 2.98
N ILE A 78 -7.74 6.88 3.27
CA ILE A 78 -8.83 7.07 2.33
C ILE A 78 -8.99 8.54 1.95
N GLU A 79 -8.41 9.42 2.76
CA GLU A 79 -8.48 10.86 2.52
C GLU A 79 -7.26 11.34 1.74
N LEU A 80 -6.12 10.71 2.01
CA LEU A 80 -4.87 11.08 1.34
C LEU A 80 -4.90 10.67 -0.12
N ILE A 81 -5.45 9.50 -0.41
CA ILE A 81 -5.54 9.00 -1.77
C ILE A 81 -6.31 9.97 -2.66
N LYS A 82 -7.28 10.66 -2.07
CA LYS A 82 -8.08 11.63 -2.81
C LYS A 82 -7.55 13.04 -2.61
N SER A 83 -6.65 13.20 -1.65
CA SER A 83 -6.07 14.51 -1.35
C SER A 83 -4.93 14.83 -2.32
N GLY A 84 -4.26 13.79 -2.80
CA GLY A 84 -3.17 13.98 -3.73
C GLY A 84 -3.64 14.43 -5.10
N GLY A 85 -4.71 13.81 -5.59
CA GLY A 85 -5.24 14.16 -6.89
C GLY A 85 -5.56 12.95 -7.73
N ARG A 86 -5.08 12.95 -8.98
CA ARG A 86 -5.33 11.83 -9.88
C ARG A 86 -4.23 10.78 -9.78
N ARG A 87 -3.05 11.22 -9.34
CA ARG A 87 -1.91 10.32 -9.20
C ARG A 87 -1.59 10.07 -7.72
N VAL A 88 -1.45 8.80 -7.36
CA VAL A 88 -1.15 8.43 -5.98
C VAL A 88 0.12 7.57 -5.91
N ARG A 89 0.91 7.79 -4.88
CA ARG A 89 2.15 7.04 -4.68
C ARG A 89 2.28 6.55 -3.25
N LEU A 90 2.38 5.23 -3.09
CA LEU A 90 2.50 4.63 -1.77
C LEU A 90 3.58 3.54 -1.76
N LEU A 91 4.21 3.36 -0.60
CA LEU A 91 5.26 2.35 -0.46
C LEU A 91 4.67 1.01 -0.05
N LEU A 92 4.83 0.01 -0.92
CA LEU A 92 4.31 -1.33 -0.64
C LEU A 92 5.41 -2.38 -0.79
N LYS A 93 5.33 -3.42 0.02
CA LYS A 93 6.32 -4.50 -0.02
C LYS A 93 5.67 -5.83 -0.38
N ARG A 94 6.24 -6.51 -1.37
CA ARG A 94 5.71 -7.80 -1.81
C ARG A 94 6.64 -8.93 -1.41
N GLY A 95 6.07 -9.98 -0.82
CA GLY A 95 6.86 -11.12 -0.40
C GLY A 95 7.01 -12.15 -1.49
N THR A 96 7.84 -11.85 -2.47
CA THR A 96 8.08 -12.77 -3.58
C THR A 96 9.42 -13.47 -3.44
N GLY A 97 10.40 -12.76 -2.89
CA GLY A 97 11.72 -13.33 -2.72
C GLY A 97 12.00 -13.72 -1.29
N SER A 98 12.98 -14.60 -1.08
CA SER A 98 13.33 -15.06 0.25
C SER A 98 14.56 -15.96 0.21
N GLY A 99 15.36 -15.92 1.28
CA GLY A 99 16.55 -16.75 1.35
C GLY A 99 16.24 -18.23 1.41
N PRO A 100 15.81 -18.69 2.59
CA PRO A 100 15.48 -20.10 2.82
C PRO A 100 14.20 -20.51 2.09
N SER A 101 14.26 -21.65 1.41
CA SER A 101 13.12 -22.16 0.67
C SER A 101 12.42 -23.29 1.43
N SER A 102 11.11 -23.38 1.26
CA SER A 102 10.33 -24.41 1.94
C SER A 102 10.28 -24.17 3.45
N GLY A 103 10.07 -22.92 3.82
CA GLY A 103 10.02 -22.56 5.24
C GLY A 103 9.43 -21.18 5.46
N GLY A 1 25.59 -7.50 15.89
CA GLY A 1 26.00 -6.43 14.99
C GLY A 1 24.94 -6.11 13.95
N SER A 2 24.01 -5.22 14.31
CA SER A 2 22.94 -4.82 13.41
C SER A 2 22.86 -3.31 13.28
N SER A 3 23.57 -2.76 12.31
CA SER A 3 23.59 -1.33 12.07
C SER A 3 22.57 -0.93 11.00
N GLY A 4 21.39 -1.54 11.07
CA GLY A 4 20.36 -1.23 10.10
C GLY A 4 18.98 -1.69 10.56
N SER A 5 18.49 -1.09 11.65
CA SER A 5 17.19 -1.45 12.20
C SER A 5 16.15 -1.56 11.09
N SER A 6 16.15 -0.57 10.19
CA SER A 6 15.20 -0.56 9.09
C SER A 6 15.92 -0.37 7.76
N GLY A 7 16.45 -1.46 7.20
CA GLY A 7 17.16 -1.40 5.94
C GLY A 7 16.90 -2.62 5.08
N GLN A 8 16.81 -3.79 5.71
CA GLN A 8 16.57 -5.03 4.99
C GLN A 8 15.09 -5.44 5.07
N ASP A 9 14.28 -4.86 4.19
CA ASP A 9 12.85 -5.15 4.17
C ASP A 9 12.51 -6.05 2.99
N PHE A 10 11.21 -6.29 2.79
CA PHE A 10 10.75 -7.14 1.70
C PHE A 10 10.77 -6.37 0.37
N ASP A 11 11.84 -5.63 0.14
CA ASP A 11 11.98 -4.84 -1.08
C ASP A 11 11.06 -3.62 -1.05
N TYR A 12 11.20 -2.82 -0.01
CA TYR A 12 10.39 -1.61 0.14
C TYR A 12 10.37 -0.81 -1.15
N PHE A 13 9.41 -1.11 -2.02
CA PHE A 13 9.29 -0.41 -3.29
C PHE A 13 8.08 0.53 -3.28
N THR A 14 8.13 1.56 -4.12
CA THR A 14 7.04 2.53 -4.20
C THR A 14 6.08 2.18 -5.34
N VAL A 15 4.88 2.76 -5.30
CA VAL A 15 3.88 2.51 -6.32
C VAL A 15 3.49 3.80 -7.02
N ASP A 16 3.21 3.70 -8.32
CA ASP A 16 2.82 4.86 -9.12
C ASP A 16 1.64 4.53 -10.02
N MET A 17 0.50 5.16 -9.76
CA MET A 17 -0.70 4.93 -10.55
C MET A 17 -1.54 6.21 -10.64
N GLU A 18 -2.53 6.19 -11.53
CA GLU A 18 -3.41 7.35 -11.71
C GLU A 18 -4.85 7.00 -11.36
N LYS A 19 -5.69 8.02 -11.29
CA LYS A 19 -7.10 7.82 -10.96
C LYS A 19 -7.90 7.43 -12.19
N GLY A 20 -8.92 6.59 -12.00
CA GLY A 20 -9.74 6.15 -13.11
C GLY A 20 -11.10 6.82 -13.11
N ALA A 21 -12.15 6.03 -13.37
CA ALA A 21 -13.51 6.55 -13.40
C ALA A 21 -14.05 6.76 -12.00
N LYS A 22 -13.92 5.74 -11.16
CA LYS A 22 -14.39 5.81 -9.79
C LYS A 22 -13.23 5.79 -8.80
N GLY A 23 -12.08 6.30 -9.24
CA GLY A 23 -10.91 6.34 -8.38
C GLY A 23 -9.77 5.50 -8.92
N PHE A 24 -8.69 5.41 -8.16
CA PHE A 24 -7.52 4.64 -8.58
C PHE A 24 -7.89 3.17 -8.80
N GLY A 25 -9.05 2.78 -8.29
CA GLY A 25 -9.50 1.41 -8.44
C GLY A 25 -8.82 0.48 -7.47
N PHE A 26 -8.66 0.92 -6.23
CA PHE A 26 -8.02 0.11 -5.20
C PHE A 26 -8.51 0.50 -3.81
N SER A 27 -8.77 -0.49 -2.98
CA SER A 27 -9.26 -0.25 -1.63
C SER A 27 -8.20 -0.64 -0.59
N ILE A 28 -8.31 -0.06 0.60
CA ILE A 28 -7.36 -0.35 1.67
C ILE A 28 -8.07 -0.87 2.92
N ARG A 29 -7.30 -1.36 3.87
CA ARG A 29 -7.85 -1.89 5.11
C ARG A 29 -6.88 -1.70 6.27
N GLY A 30 -7.38 -1.87 7.49
CA GLY A 30 -6.55 -1.72 8.67
C GLY A 30 -6.30 -0.26 9.02
N GLY A 31 -5.35 -0.02 9.91
CA GLY A 31 -5.05 1.35 10.32
C GLY A 31 -5.05 1.51 11.83
N ARG A 32 -4.53 2.65 12.29
CA ARG A 32 -4.47 2.92 13.72
C ARG A 32 -5.80 2.59 14.40
N GLU A 33 -6.90 2.81 13.67
CA GLU A 33 -8.22 2.52 14.20
C GLU A 33 -8.34 1.07 14.65
N TYR A 34 -7.75 0.17 13.88
CA TYR A 34 -7.79 -1.25 14.19
C TYR A 34 -6.45 -1.72 14.74
N LYS A 35 -5.63 -0.77 15.19
CA LYS A 35 -4.31 -1.09 15.74
C LYS A 35 -3.54 -2.01 14.81
N MET A 36 -3.53 -1.66 13.52
CA MET A 36 -2.82 -2.46 12.52
C MET A 36 -2.36 -1.60 11.36
N ASP A 37 -1.53 -2.17 10.49
CA ASP A 37 -1.01 -1.44 9.33
C ASP A 37 -2.07 -1.36 8.24
N LEU A 38 -1.79 -0.55 7.22
CA LEU A 38 -2.71 -0.38 6.10
C LEU A 38 -2.38 -1.33 4.96
N TYR A 39 -3.34 -2.16 4.58
CA TYR A 39 -3.14 -3.12 3.50
C TYR A 39 -4.17 -2.91 2.39
N VAL A 40 -3.95 -3.56 1.25
CA VAL A 40 -4.86 -3.46 0.12
C VAL A 40 -6.05 -4.39 0.28
N LEU A 41 -7.19 -3.81 0.66
CA LEU A 41 -8.41 -4.59 0.84
C LEU A 41 -8.75 -5.39 -0.41
N ARG A 42 -9.03 -4.68 -1.49
CA ARG A 42 -9.37 -5.32 -2.76
C ARG A 42 -9.04 -4.42 -3.93
N LEU A 43 -8.73 -5.03 -5.08
CA LEU A 43 -8.38 -4.28 -6.28
C LEU A 43 -9.55 -4.27 -7.27
N ALA A 44 -9.68 -3.17 -8.01
CA ALA A 44 -10.74 -3.04 -9.00
C ALA A 44 -10.34 -3.67 -10.33
N GLU A 45 -11.10 -4.69 -10.75
CA GLU A 45 -10.82 -5.38 -12.00
C GLU A 45 -10.92 -4.41 -13.18
N ASP A 46 -11.64 -3.31 -12.99
CA ASP A 46 -11.82 -2.31 -14.03
C ASP A 46 -11.17 -0.99 -13.64
N GLY A 47 -10.08 -1.07 -12.87
CA GLY A 47 -9.39 0.13 -12.43
C GLY A 47 -7.94 0.15 -12.85
N PRO A 48 -7.31 1.33 -12.78
CA PRO A 48 -5.90 1.51 -13.15
C PRO A 48 -4.96 0.83 -12.17
N ALA A 49 -5.43 0.63 -10.93
CA ALA A 49 -4.62 0.01 -9.91
C ALA A 49 -4.33 -1.45 -10.25
N ILE A 50 -5.38 -2.22 -10.50
CA ILE A 50 -5.24 -3.63 -10.84
C ILE A 50 -4.37 -3.81 -12.09
N ARG A 51 -4.22 -2.72 -12.85
CA ARG A 51 -3.42 -2.76 -14.07
C ARG A 51 -1.99 -2.30 -13.79
N ASN A 52 -1.81 -1.60 -12.67
CA ASN A 52 -0.49 -1.10 -12.29
C ASN A 52 0.48 -2.24 -12.03
N GLY A 53 0.09 -3.14 -11.13
CA GLY A 53 0.94 -4.28 -10.79
C GLY A 53 1.80 -4.03 -9.57
N ARG A 54 2.55 -2.94 -9.58
CA ARG A 54 3.42 -2.59 -8.47
C ARG A 54 2.76 -2.93 -7.14
N MET A 55 1.43 -2.82 -7.10
CA MET A 55 0.68 -3.12 -5.89
C MET A 55 -0.39 -4.17 -6.16
N ARG A 56 -0.71 -4.96 -5.14
CA ARG A 56 -1.71 -6.01 -5.26
C ARG A 56 -2.55 -6.12 -3.98
N VAL A 57 -3.47 -7.07 -3.97
CA VAL A 57 -4.34 -7.29 -2.82
C VAL A 57 -3.66 -8.17 -1.78
N GLY A 58 -3.54 -7.65 -0.57
CA GLY A 58 -2.91 -8.41 0.50
C GLY A 58 -1.62 -7.76 0.99
N ASP A 59 -0.89 -7.13 0.09
CA ASP A 59 0.36 -6.47 0.42
C ASP A 59 0.17 -5.54 1.63
N GLN A 60 1.28 -5.07 2.18
CA GLN A 60 1.24 -4.16 3.33
C GLN A 60 1.83 -2.81 2.98
N ILE A 61 1.03 -1.76 3.14
CA ILE A 61 1.49 -0.41 2.85
C ILE A 61 2.03 0.28 4.10
N ILE A 62 3.23 0.83 4.00
CA ILE A 62 3.86 1.52 5.12
C ILE A 62 3.87 3.03 4.91
N GLU A 63 3.72 3.45 3.65
CA GLU A 63 3.71 4.86 3.31
C GLU A 63 2.62 5.17 2.28
N ILE A 64 2.07 6.37 2.36
CA ILE A 64 1.03 6.79 1.43
C ILE A 64 1.19 8.26 1.03
N ASN A 65 1.29 8.50 -0.27
CA ASN A 65 1.45 9.86 -0.78
C ASN A 65 2.57 10.58 -0.05
N GLY A 66 3.68 9.89 0.16
CA GLY A 66 4.81 10.49 0.85
C GLY A 66 4.50 10.82 2.30
N GLU A 67 3.70 9.97 2.95
CA GLU A 67 3.31 10.17 4.34
C GLU A 67 3.43 8.88 5.13
N SER A 68 4.12 8.95 6.26
CA SER A 68 4.31 7.77 7.11
C SER A 68 2.97 7.25 7.61
N THR A 69 2.68 5.99 7.30
CA THR A 69 1.43 5.37 7.73
C THR A 69 1.61 4.58 9.01
N ARG A 70 2.23 5.20 10.01
CA ARG A 70 2.47 4.55 11.28
C ARG A 70 1.45 4.99 12.32
N ASP A 71 1.16 6.29 12.34
CA ASP A 71 0.21 6.85 13.29
C ASP A 71 -0.99 7.45 12.56
N MET A 72 -1.53 6.70 11.60
CA MET A 72 -2.68 7.15 10.82
C MET A 72 -3.83 6.16 10.93
N THR A 73 -5.05 6.64 10.68
CA THR A 73 -6.24 5.79 10.75
C THR A 73 -6.78 5.51 9.35
N HIS A 74 -7.34 4.31 9.17
CA HIS A 74 -7.90 3.92 7.89
C HIS A 74 -8.53 5.11 7.17
N ALA A 75 -9.13 6.01 7.95
CA ALA A 75 -9.77 7.20 7.40
C ALA A 75 -8.75 8.08 6.68
N ARG A 76 -7.68 8.43 7.38
CA ARG A 76 -6.64 9.28 6.82
C ARG A 76 -6.23 8.78 5.44
N ALA A 77 -5.81 7.51 5.37
CA ALA A 77 -5.40 6.91 4.12
C ALA A 77 -6.42 7.16 3.02
N ILE A 78 -7.68 6.90 3.33
CA ILE A 78 -8.76 7.10 2.36
C ILE A 78 -8.85 8.56 1.93
N GLU A 79 -8.31 9.45 2.75
CA GLU A 79 -8.33 10.87 2.46
C GLU A 79 -7.10 11.27 1.66
N LEU A 80 -5.98 10.61 1.92
CA LEU A 80 -4.74 10.90 1.22
C LEU A 80 -4.83 10.51 -0.25
N ILE A 81 -5.47 9.37 -0.51
CA ILE A 81 -5.63 8.89 -1.89
C ILE A 81 -6.40 9.89 -2.74
N LYS A 82 -7.34 10.59 -2.11
CA LYS A 82 -8.14 11.59 -2.81
C LYS A 82 -7.59 12.99 -2.59
N SER A 83 -6.77 13.14 -1.55
CA SER A 83 -6.17 14.43 -1.24
C SER A 83 -5.01 14.73 -2.17
N GLY A 84 -4.33 13.68 -2.63
CA GLY A 84 -3.21 13.85 -3.52
C GLY A 84 -3.62 14.35 -4.89
N GLY A 85 -4.65 13.73 -5.45
CA GLY A 85 -5.12 14.14 -6.77
C GLY A 85 -5.46 12.96 -7.66
N ARG A 86 -4.96 13.01 -8.89
CA ARG A 86 -5.20 11.93 -9.84
C ARG A 86 -4.09 10.88 -9.79
N ARG A 87 -2.94 11.29 -9.28
CA ARG A 87 -1.79 10.40 -9.17
C ARG A 87 -1.42 10.15 -7.70
N VAL A 88 -1.42 8.89 -7.30
CA VAL A 88 -1.09 8.53 -5.93
C VAL A 88 0.15 7.63 -5.88
N ARG A 89 0.94 7.79 -4.83
CA ARG A 89 2.16 6.99 -4.67
C ARG A 89 2.30 6.50 -3.23
N LEU A 90 2.27 5.18 -3.05
CA LEU A 90 2.39 4.58 -1.73
C LEU A 90 3.47 3.50 -1.71
N LEU A 91 4.14 3.36 -0.58
CA LEU A 91 5.20 2.36 -0.43
C LEU A 91 4.61 1.00 -0.10
N LEU A 92 4.87 0.02 -0.96
CA LEU A 92 4.37 -1.34 -0.75
C LEU A 92 5.47 -2.36 -1.01
N LYS A 93 5.44 -3.45 -0.25
CA LYS A 93 6.42 -4.52 -0.38
C LYS A 93 5.74 -5.87 -0.61
N ARG A 94 6.20 -6.58 -1.64
CA ARG A 94 5.63 -7.88 -1.97
C ARG A 94 6.38 -9.00 -1.23
N GLY A 95 5.65 -10.04 -0.83
CA GLY A 95 6.26 -11.15 -0.14
C GLY A 95 6.83 -12.19 -1.08
N THR A 96 7.79 -11.77 -1.92
CA THR A 96 8.41 -12.67 -2.88
C THR A 96 9.74 -13.20 -2.35
N GLY A 97 10.51 -12.32 -1.72
CA GLY A 97 11.79 -12.71 -1.17
C GLY A 97 11.79 -14.13 -0.63
N SER A 98 11.21 -14.30 0.56
CA SER A 98 11.14 -15.62 1.19
C SER A 98 9.71 -16.15 1.17
N GLY A 99 8.99 -15.89 0.09
CA GLY A 99 7.63 -16.34 -0.03
C GLY A 99 6.81 -16.08 1.23
N PRO A 100 5.59 -16.63 1.28
CA PRO A 100 4.70 -16.47 2.43
C PRO A 100 5.19 -17.22 3.66
N SER A 101 4.44 -17.11 4.75
CA SER A 101 4.79 -17.79 5.99
C SER A 101 6.04 -17.16 6.60
N SER A 102 6.09 -15.83 6.58
CA SER A 102 7.24 -15.10 7.13
C SER A 102 7.17 -15.05 8.65
N GLY A 103 7.79 -16.03 9.30
CA GLY A 103 7.79 -16.09 10.75
C GLY A 103 8.97 -15.35 11.36
N GLY A 1 28.27 -4.64 17.17
CA GLY A 1 27.75 -5.88 17.71
C GLY A 1 27.37 -6.87 16.62
N SER A 2 27.77 -8.12 16.79
CA SER A 2 27.46 -9.16 15.81
C SER A 2 25.99 -9.55 15.88
N SER A 3 25.45 -10.00 14.75
CA SER A 3 24.05 -10.40 14.68
C SER A 3 23.13 -9.24 15.02
N GLY A 4 23.38 -8.10 14.37
CA GLY A 4 22.56 -6.93 14.62
C GLY A 4 21.52 -6.69 13.53
N SER A 5 20.29 -6.42 13.93
CA SER A 5 19.21 -6.19 12.99
C SER A 5 18.31 -5.04 13.45
N SER A 6 18.18 -4.03 12.62
CA SER A 6 17.35 -2.87 12.94
C SER A 6 16.26 -2.66 11.89
N GLY A 7 15.09 -3.25 12.13
CA GLY A 7 13.99 -3.12 11.20
C GLY A 7 14.33 -3.65 9.82
N GLN A 8 14.15 -4.94 9.63
CA GLN A 8 14.44 -5.57 8.34
C GLN A 8 13.19 -6.21 7.74
N ASP A 9 12.71 -5.62 6.65
CA ASP A 9 11.51 -6.12 5.98
C ASP A 9 11.81 -6.45 4.52
N PHE A 10 10.77 -6.82 3.78
CA PHE A 10 10.92 -7.16 2.37
C PHE A 10 11.39 -5.94 1.56
N ASP A 11 11.45 -6.10 0.25
CA ASP A 11 11.90 -5.02 -0.63
C ASP A 11 10.92 -3.86 -0.58
N TYR A 12 11.40 -2.70 -0.11
CA TYR A 12 10.57 -1.52 0.00
C TYR A 12 10.53 -0.76 -1.33
N PHE A 13 9.49 -1.00 -2.11
CA PHE A 13 9.34 -0.34 -3.40
C PHE A 13 8.17 0.65 -3.37
N THR A 14 8.16 1.57 -4.33
CA THR A 14 7.11 2.58 -4.42
C THR A 14 6.12 2.25 -5.53
N VAL A 15 4.91 2.79 -5.41
CA VAL A 15 3.87 2.54 -6.41
C VAL A 15 3.50 3.83 -7.14
N ASP A 16 3.22 3.71 -8.43
CA ASP A 16 2.87 4.86 -9.25
C ASP A 16 1.67 4.54 -10.14
N MET A 17 0.53 5.16 -9.84
CA MET A 17 -0.68 4.94 -10.62
C MET A 17 -1.51 6.22 -10.71
N GLU A 18 -2.63 6.15 -11.42
CA GLU A 18 -3.51 7.30 -11.59
C GLU A 18 -4.95 6.94 -11.23
N LYS A 19 -5.81 7.95 -11.21
CA LYS A 19 -7.22 7.74 -10.88
C LYS A 19 -8.01 7.29 -12.11
N GLY A 20 -9.05 6.50 -11.87
CA GLY A 20 -9.87 6.02 -12.97
C GLY A 20 -11.29 6.55 -12.92
N ALA A 21 -12.23 5.77 -13.46
CA ALA A 21 -13.63 6.18 -13.47
C ALA A 21 -14.18 6.30 -12.04
N LYS A 22 -13.96 5.26 -11.25
CA LYS A 22 -14.43 5.25 -9.86
C LYS A 22 -13.26 5.34 -8.89
N GLY A 23 -12.19 6.01 -9.32
CA GLY A 23 -11.03 6.16 -8.47
C GLY A 23 -9.85 5.32 -8.95
N PHE A 24 -8.78 5.31 -8.16
CA PHE A 24 -7.58 4.55 -8.52
C PHE A 24 -7.92 3.08 -8.73
N GLY A 25 -9.09 2.67 -8.27
CA GLY A 25 -9.51 1.29 -8.43
C GLY A 25 -8.85 0.36 -7.42
N PHE A 26 -8.67 0.86 -6.19
CA PHE A 26 -8.04 0.08 -5.14
C PHE A 26 -8.53 0.52 -3.77
N SER A 27 -8.70 -0.44 -2.86
CA SER A 27 -9.17 -0.15 -1.52
C SER A 27 -8.09 -0.47 -0.49
N ILE A 28 -8.35 -0.10 0.77
CA ILE A 28 -7.40 -0.35 1.85
C ILE A 28 -8.11 -0.86 3.10
N ARG A 29 -7.33 -1.32 4.07
CA ARG A 29 -7.89 -1.83 5.32
C ARG A 29 -6.92 -1.62 6.48
N GLY A 30 -7.39 -1.85 7.69
CA GLY A 30 -6.56 -1.68 8.87
C GLY A 30 -6.31 -0.23 9.19
N GLY A 31 -5.41 0.02 10.14
CA GLY A 31 -5.10 1.38 10.54
C GLY A 31 -5.13 1.57 12.04
N ARG A 32 -4.69 2.74 12.49
CA ARG A 32 -4.66 3.05 13.92
C ARG A 32 -6.02 2.75 14.56
N GLU A 33 -7.08 2.84 13.76
CA GLU A 33 -8.43 2.57 14.25
C GLU A 33 -8.56 1.14 14.75
N TYR A 34 -7.84 0.22 14.09
CA TYR A 34 -7.88 -1.18 14.47
C TYR A 34 -6.52 -1.65 15.00
N LYS A 35 -5.65 -0.69 15.28
CA LYS A 35 -4.32 -0.99 15.80
C LYS A 35 -3.59 -1.97 14.89
N MET A 36 -3.50 -1.62 13.61
CA MET A 36 -2.82 -2.46 12.63
C MET A 36 -2.38 -1.64 11.43
N ASP A 37 -1.45 -2.20 10.64
CA ASP A 37 -0.94 -1.52 9.46
C ASP A 37 -2.04 -1.39 8.40
N LEU A 38 -1.75 -0.62 7.35
CA LEU A 38 -2.70 -0.42 6.26
C LEU A 38 -2.41 -1.35 5.09
N TYR A 39 -3.37 -2.23 4.79
CA TYR A 39 -3.22 -3.17 3.70
C TYR A 39 -4.29 -2.96 2.64
N VAL A 40 -4.07 -3.52 1.45
CA VAL A 40 -5.02 -3.40 0.36
C VAL A 40 -6.20 -4.36 0.53
N LEU A 41 -7.37 -3.81 0.79
CA LEU A 41 -8.57 -4.63 0.98
C LEU A 41 -8.89 -5.43 -0.28
N ARG A 42 -9.07 -4.73 -1.39
CA ARG A 42 -9.37 -5.38 -2.65
C ARG A 42 -9.02 -4.47 -3.83
N LEU A 43 -8.65 -5.08 -4.95
CA LEU A 43 -8.28 -4.32 -6.15
C LEU A 43 -9.43 -4.30 -7.14
N ALA A 44 -9.50 -3.24 -7.94
CA ALA A 44 -10.55 -3.10 -8.94
C ALA A 44 -10.15 -3.79 -10.25
N GLU A 45 -10.92 -4.80 -10.62
CA GLU A 45 -10.65 -5.55 -11.85
C GLU A 45 -10.79 -4.64 -13.07
N ASP A 46 -11.54 -3.56 -12.92
CA ASP A 46 -11.75 -2.61 -14.01
C ASP A 46 -11.10 -1.28 -13.70
N GLY A 47 -10.21 -1.26 -12.71
CA GLY A 47 -9.54 -0.04 -12.34
C GLY A 47 -8.12 0.01 -12.84
N PRO A 48 -7.51 1.21 -12.77
CA PRO A 48 -6.13 1.42 -13.23
C PRO A 48 -5.10 0.74 -12.33
N ALA A 49 -5.45 0.59 -11.05
CA ALA A 49 -4.56 -0.04 -10.08
C ALA A 49 -4.22 -1.46 -10.52
N ILE A 50 -5.25 -2.31 -10.62
CA ILE A 50 -5.05 -3.69 -11.03
C ILE A 50 -4.26 -3.78 -12.33
N ARG A 51 -4.19 -2.67 -13.05
CA ARG A 51 -3.47 -2.62 -14.31
C ARG A 51 -2.01 -2.24 -14.09
N ASN A 52 -1.75 -1.50 -13.02
CA ASN A 52 -0.40 -1.06 -12.69
C ASN A 52 0.50 -2.26 -12.42
N GLY A 53 0.12 -3.08 -11.44
CA GLY A 53 0.91 -4.25 -11.10
C GLY A 53 1.81 -4.01 -9.90
N ARG A 54 2.63 -2.96 -9.97
CA ARG A 54 3.54 -2.63 -8.88
C ARG A 54 2.89 -2.90 -7.53
N MET A 55 1.58 -2.74 -7.46
CA MET A 55 0.84 -2.96 -6.23
C MET A 55 -0.32 -3.94 -6.45
N ARG A 56 -0.54 -4.81 -5.49
CA ARG A 56 -1.61 -5.80 -5.58
C ARG A 56 -2.37 -5.91 -4.26
N VAL A 57 -3.47 -6.64 -4.27
CA VAL A 57 -4.29 -6.83 -3.08
C VAL A 57 -3.69 -7.89 -2.16
N GLY A 58 -3.52 -7.54 -0.89
CA GLY A 58 -2.96 -8.47 0.07
C GLY A 58 -1.60 -8.04 0.57
N ASP A 59 -1.14 -6.88 0.11
CA ASP A 59 0.15 -6.35 0.51
C ASP A 59 0.01 -5.43 1.72
N GLN A 60 1.15 -5.04 2.30
CA GLN A 60 1.15 -4.16 3.47
C GLN A 60 1.73 -2.80 3.11
N ILE A 61 0.89 -1.76 3.18
CA ILE A 61 1.33 -0.41 2.86
C ILE A 61 2.00 0.24 4.07
N ILE A 62 3.22 0.73 3.87
CA ILE A 62 3.96 1.38 4.94
C ILE A 62 3.94 2.90 4.78
N GLU A 63 3.74 3.35 3.55
CA GLU A 63 3.70 4.78 3.25
C GLU A 63 2.56 5.11 2.30
N ILE A 64 2.09 6.35 2.36
CA ILE A 64 1.00 6.80 1.49
C ILE A 64 1.21 8.23 1.03
N ASN A 65 1.41 8.42 -0.26
CA ASN A 65 1.61 9.75 -0.83
C ASN A 65 2.80 10.44 -0.16
N GLY A 66 3.74 9.64 0.33
CA GLY A 66 4.91 10.19 0.98
C GLY A 66 4.66 10.54 2.43
N GLU A 67 3.79 9.77 3.09
CA GLU A 67 3.46 10.01 4.49
C GLU A 67 3.48 8.70 5.28
N SER A 68 4.15 8.73 6.43
CA SER A 68 4.25 7.55 7.29
C SER A 68 2.87 7.05 7.68
N THR A 69 2.44 5.96 7.05
CA THR A 69 1.13 5.37 7.32
C THR A 69 0.93 5.19 8.83
N ARG A 70 2.03 5.20 9.58
CA ARG A 70 1.97 5.03 11.02
C ARG A 70 1.27 6.21 11.68
N ASP A 71 0.47 5.93 12.71
CA ASP A 71 -0.25 6.97 13.43
C ASP A 71 -1.39 7.53 12.58
N MET A 72 -1.89 6.71 11.66
CA MET A 72 -2.98 7.12 10.78
C MET A 72 -4.12 6.11 10.84
N THR A 73 -5.35 6.60 10.73
CA THR A 73 -6.53 5.74 10.77
C THR A 73 -7.01 5.43 9.36
N HIS A 74 -7.60 4.25 9.19
CA HIS A 74 -8.12 3.84 7.88
C HIS A 74 -8.80 5.00 7.17
N ALA A 75 -9.34 5.93 7.96
CA ALA A 75 -10.02 7.10 7.40
C ALA A 75 -9.03 8.05 6.73
N ARG A 76 -7.95 8.38 7.44
CA ARG A 76 -6.94 9.27 6.91
C ARG A 76 -6.42 8.77 5.57
N ALA A 77 -5.86 7.56 5.57
CA ALA A 77 -5.33 6.97 4.34
C ALA A 77 -6.32 7.08 3.19
N ILE A 78 -7.61 6.99 3.52
CA ILE A 78 -8.66 7.08 2.52
C ILE A 78 -8.76 8.50 1.96
N GLU A 79 -8.38 9.48 2.76
CA GLU A 79 -8.42 10.88 2.35
C GLU A 79 -7.12 11.28 1.66
N LEU A 80 -6.05 10.56 1.95
CA LEU A 80 -4.75 10.84 1.36
C LEU A 80 -4.72 10.45 -0.11
N ILE A 81 -5.29 9.29 -0.42
CA ILE A 81 -5.34 8.80 -1.78
C ILE A 81 -6.05 9.79 -2.70
N LYS A 82 -7.02 10.51 -2.15
CA LYS A 82 -7.77 11.50 -2.91
C LYS A 82 -7.21 12.90 -2.68
N SER A 83 -6.41 13.05 -1.63
CA SER A 83 -5.82 14.34 -1.31
C SER A 83 -4.69 14.68 -2.28
N GLY A 84 -4.00 13.65 -2.76
CA GLY A 84 -2.90 13.85 -3.68
C GLY A 84 -3.38 14.32 -5.04
N GLY A 85 -4.49 13.76 -5.51
CA GLY A 85 -5.02 14.14 -6.80
C GLY A 85 -5.34 12.94 -7.67
N ARG A 86 -5.03 13.06 -8.96
CA ARG A 86 -5.28 11.97 -9.90
C ARG A 86 -4.16 10.93 -9.86
N ARG A 87 -3.00 11.36 -9.39
CA ARG A 87 -1.84 10.48 -9.29
C ARG A 87 -1.48 10.21 -7.83
N VAL A 88 -1.45 8.93 -7.46
CA VAL A 88 -1.12 8.55 -6.09
C VAL A 88 0.12 7.67 -6.06
N ARG A 89 0.90 7.79 -4.99
CA ARG A 89 2.12 7.00 -4.84
C ARG A 89 2.30 6.55 -3.39
N LEU A 90 2.28 5.24 -3.19
CA LEU A 90 2.44 4.67 -1.85
C LEU A 90 3.54 3.62 -1.83
N LEU A 91 4.19 3.48 -0.68
CA LEU A 91 5.27 2.51 -0.52
C LEU A 91 4.71 1.14 -0.13
N LEU A 92 4.82 0.17 -1.03
CA LEU A 92 4.33 -1.18 -0.77
C LEU A 92 5.45 -2.20 -0.90
N LYS A 93 5.33 -3.30 -0.17
CA LYS A 93 6.33 -4.36 -0.20
C LYS A 93 5.67 -5.74 -0.26
N ARG A 94 6.12 -6.56 -1.20
CA ARG A 94 5.57 -7.90 -1.37
C ARG A 94 6.05 -8.81 -0.24
N GLY A 95 5.35 -9.93 -0.05
CA GLY A 95 5.72 -10.87 0.99
C GLY A 95 6.39 -12.11 0.44
N THR A 96 7.42 -11.91 -0.38
CA THR A 96 8.16 -13.02 -0.97
C THR A 96 9.52 -13.19 -0.31
N GLY A 97 9.89 -12.24 0.55
CA GLY A 97 11.17 -12.31 1.23
C GLY A 97 11.21 -13.42 2.25
N SER A 98 10.16 -13.52 3.07
CA SER A 98 10.09 -14.55 4.10
C SER A 98 9.96 -15.94 3.48
N GLY A 99 10.80 -16.86 3.93
CA GLY A 99 10.77 -18.22 3.41
C GLY A 99 11.39 -18.33 2.04
N PRO A 100 11.67 -19.57 1.61
CA PRO A 100 12.27 -19.84 0.30
C PRO A 100 11.32 -19.54 -0.85
N SER A 101 10.12 -19.09 -0.52
CA SER A 101 9.11 -18.78 -1.53
C SER A 101 8.75 -20.00 -2.35
N SER A 102 8.59 -21.13 -1.66
CA SER A 102 8.25 -22.39 -2.33
C SER A 102 6.75 -22.66 -2.26
N GLY A 103 6.18 -22.46 -1.07
CA GLY A 103 4.76 -22.68 -0.88
C GLY A 103 3.91 -21.61 -1.54
N GLY A 1 22.90 10.72 21.39
CA GLY A 1 23.56 9.70 20.59
C GLY A 1 22.69 8.47 20.40
N SER A 2 21.98 8.42 19.29
CA SER A 2 21.10 7.29 18.98
C SER A 2 21.27 6.83 17.54
N SER A 3 22.05 5.78 17.34
CA SER A 3 22.30 5.24 16.02
C SER A 3 21.01 4.73 15.38
N GLY A 4 21.06 4.42 14.09
CA GLY A 4 19.89 3.92 13.39
C GLY A 4 20.26 3.04 12.21
N SER A 5 19.97 3.52 11.01
CA SER A 5 20.26 2.77 9.78
C SER A 5 19.77 1.32 9.92
N SER A 6 18.62 1.16 10.56
CA SER A 6 18.04 -0.17 10.75
C SER A 6 16.78 -0.34 9.91
N GLY A 7 16.96 -0.55 8.62
CA GLY A 7 15.82 -0.73 7.73
C GLY A 7 16.07 -1.77 6.66
N GLN A 8 15.90 -3.04 7.02
CA GLN A 8 16.12 -4.13 6.07
C GLN A 8 14.85 -4.95 5.89
N ASP A 9 13.71 -4.37 6.27
CA ASP A 9 12.43 -5.06 6.15
C ASP A 9 12.23 -5.61 4.74
N PHE A 10 11.06 -6.18 4.49
CA PHE A 10 10.75 -6.75 3.19
C PHE A 10 11.03 -5.74 2.07
N ASP A 11 10.69 -6.12 0.84
CA ASP A 11 10.92 -5.26 -0.31
C ASP A 11 10.29 -3.88 -0.08
N TYR A 12 11.10 -2.84 -0.19
CA TYR A 12 10.63 -1.48 0.01
C TYR A 12 10.55 -0.73 -1.32
N PHE A 13 9.52 -1.04 -2.10
CA PHE A 13 9.33 -0.39 -3.40
C PHE A 13 8.15 0.58 -3.35
N THR A 14 8.13 1.52 -4.29
CA THR A 14 7.07 2.51 -4.36
C THR A 14 6.08 2.19 -5.47
N VAL A 15 4.86 2.69 -5.33
CA VAL A 15 3.82 2.46 -6.33
C VAL A 15 3.44 3.75 -7.04
N ASP A 16 3.15 3.64 -8.33
CA ASP A 16 2.75 4.80 -9.12
C ASP A 16 1.55 4.47 -10.00
N MET A 17 0.43 5.16 -9.74
CA MET A 17 -0.79 4.94 -10.52
C MET A 17 -1.64 6.21 -10.54
N GLU A 18 -2.69 6.19 -11.36
CA GLU A 18 -3.59 7.34 -11.47
C GLU A 18 -4.99 6.98 -11.01
N LYS A 19 -5.87 7.98 -10.97
CA LYS A 19 -7.25 7.77 -10.54
C LYS A 19 -8.13 7.38 -11.73
N GLY A 20 -9.20 6.65 -11.44
CA GLY A 20 -10.10 6.21 -12.49
C GLY A 20 -11.45 6.92 -12.42
N ALA A 21 -12.52 6.13 -12.36
CA ALA A 21 -13.87 6.68 -12.29
C ALA A 21 -14.26 6.96 -10.84
N LYS A 22 -14.21 5.92 -10.01
CA LYS A 22 -14.58 6.06 -8.61
C LYS A 22 -13.34 5.94 -7.71
N GLY A 23 -12.18 6.24 -8.27
CA GLY A 23 -10.94 6.17 -7.52
C GLY A 23 -9.87 5.37 -8.24
N PHE A 24 -8.82 4.99 -7.50
CA PHE A 24 -7.73 4.22 -8.08
C PHE A 24 -8.07 2.74 -8.12
N GLY A 25 -9.32 2.44 -8.44
CA GLY A 25 -9.76 1.05 -8.52
C GLY A 25 -9.04 0.17 -7.51
N PHE A 26 -8.84 0.69 -6.30
CA PHE A 26 -8.17 -0.06 -5.24
C PHE A 26 -8.62 0.40 -3.87
N SER A 27 -8.79 -0.54 -2.95
CA SER A 27 -9.22 -0.23 -1.59
C SER A 27 -8.15 -0.62 -0.58
N ILE A 28 -8.29 -0.12 0.65
CA ILE A 28 -7.34 -0.41 1.70
C ILE A 28 -8.05 -0.95 2.95
N ARG A 29 -7.28 -1.45 3.90
CA ARG A 29 -7.83 -1.99 5.14
C ARG A 29 -6.90 -1.72 6.31
N GLY A 30 -7.42 -1.89 7.52
CA GLY A 30 -6.63 -1.67 8.72
C GLY A 30 -6.46 -0.19 9.02
N GLY A 31 -5.55 0.13 9.93
CA GLY A 31 -5.31 1.50 10.31
C GLY A 31 -5.26 1.70 11.81
N ARG A 32 -4.81 2.87 12.24
CA ARG A 32 -4.72 3.18 13.66
C ARG A 32 -6.04 2.92 14.37
N GLU A 33 -7.11 2.84 13.59
CA GLU A 33 -8.44 2.59 14.15
C GLU A 33 -8.55 1.16 14.67
N TYR A 34 -7.91 0.23 13.98
CA TYR A 34 -7.93 -1.17 14.37
C TYR A 34 -6.58 -1.60 14.94
N LYS A 35 -5.70 -0.63 15.13
CA LYS A 35 -4.36 -0.91 15.67
C LYS A 35 -3.60 -1.85 14.76
N MET A 36 -3.56 -1.52 13.47
CA MET A 36 -2.84 -2.34 12.49
C MET A 36 -2.39 -1.50 11.31
N ASP A 37 -1.51 -2.07 10.48
CA ASP A 37 -1.01 -1.37 9.32
C ASP A 37 -2.07 -1.29 8.22
N LEU A 38 -1.79 -0.52 7.18
CA LEU A 38 -2.73 -0.35 6.07
C LEU A 38 -2.40 -1.32 4.94
N TYR A 39 -3.33 -2.22 4.65
CA TYR A 39 -3.15 -3.21 3.59
C TYR A 39 -4.19 -3.03 2.49
N VAL A 40 -3.97 -3.68 1.36
CA VAL A 40 -4.89 -3.60 0.23
C VAL A 40 -6.12 -4.45 0.47
N LEU A 41 -7.27 -3.79 0.62
CA LEU A 41 -8.52 -4.49 0.85
C LEU A 41 -8.94 -5.29 -0.38
N ARG A 42 -9.13 -4.61 -1.49
CA ARG A 42 -9.54 -5.26 -2.74
C ARG A 42 -9.12 -4.42 -3.95
N LEU A 43 -8.83 -5.10 -5.05
CA LEU A 43 -8.42 -4.42 -6.27
C LEU A 43 -9.53 -4.46 -7.32
N ALA A 44 -9.58 -3.44 -8.17
CA ALA A 44 -10.59 -3.36 -9.22
C ALA A 44 -10.11 -4.04 -10.50
N GLU A 45 -10.82 -5.08 -10.91
CA GLU A 45 -10.46 -5.81 -12.11
C GLU A 45 -10.55 -4.91 -13.34
N ASP A 46 -11.22 -3.78 -13.19
CA ASP A 46 -11.37 -2.82 -14.29
C ASP A 46 -10.78 -1.47 -13.92
N GLY A 47 -10.02 -1.44 -12.83
CA GLY A 47 -9.41 -0.19 -12.39
C GLY A 47 -7.97 -0.06 -12.86
N PRO A 48 -7.41 1.15 -12.72
CA PRO A 48 -6.02 1.44 -13.13
C PRO A 48 -5.00 0.74 -12.24
N ALA A 49 -5.39 0.46 -11.00
CA ALA A 49 -4.51 -0.21 -10.05
C ALA A 49 -4.17 -1.62 -10.53
N ILE A 50 -5.17 -2.49 -10.56
CA ILE A 50 -4.97 -3.86 -10.99
C ILE A 50 -4.14 -3.93 -12.26
N ARG A 51 -4.13 -2.84 -13.01
CA ARG A 51 -3.37 -2.77 -14.25
C ARG A 51 -1.92 -2.39 -13.98
N ASN A 52 -1.70 -1.58 -12.95
CA ASN A 52 -0.36 -1.14 -12.58
C ASN A 52 0.54 -2.33 -12.30
N GLY A 53 0.15 -3.13 -11.31
CA GLY A 53 0.93 -4.30 -10.95
C GLY A 53 1.81 -4.06 -9.74
N ARG A 54 2.62 -3.00 -9.79
CA ARG A 54 3.51 -2.67 -8.69
C ARG A 54 2.86 -3.00 -7.35
N MET A 55 1.54 -2.87 -7.29
CA MET A 55 0.81 -3.16 -6.05
C MET A 55 -0.27 -4.21 -6.31
N ARG A 56 -0.51 -5.06 -5.32
CA ARG A 56 -1.52 -6.11 -5.43
C ARG A 56 -2.31 -6.23 -4.13
N VAL A 57 -3.21 -7.22 -4.10
CA VAL A 57 -4.04 -7.44 -2.92
C VAL A 57 -3.33 -8.32 -1.90
N GLY A 58 -3.49 -7.99 -0.62
CA GLY A 58 -2.84 -8.76 0.42
C GLY A 58 -1.49 -8.21 0.81
N ASP A 59 -1.12 -7.08 0.21
CA ASP A 59 0.17 -6.45 0.49
C ASP A 59 0.06 -5.50 1.67
N GLN A 60 1.20 -5.08 2.20
CA GLN A 60 1.23 -4.17 3.34
C GLN A 60 1.80 -2.81 2.94
N ILE A 61 0.98 -1.77 3.09
CA ILE A 61 1.40 -0.42 2.74
C ILE A 61 2.03 0.29 3.94
N ILE A 62 3.27 0.74 3.78
CA ILE A 62 3.98 1.43 4.85
C ILE A 62 3.94 2.94 4.64
N GLU A 63 4.00 3.36 3.38
CA GLU A 63 3.97 4.78 3.04
C GLU A 63 2.78 5.11 2.15
N ILE A 64 2.21 6.30 2.34
CA ILE A 64 1.07 6.73 1.54
C ILE A 64 1.21 8.19 1.12
N ASN A 65 1.43 8.41 -0.17
CA ASN A 65 1.58 9.76 -0.71
C ASN A 65 2.66 10.52 0.05
N GLY A 66 3.75 9.82 0.37
CA GLY A 66 4.84 10.45 1.10
C GLY A 66 4.48 10.76 2.53
N GLU A 67 3.65 9.92 3.14
CA GLU A 67 3.24 10.12 4.52
C GLU A 67 3.36 8.82 5.31
N SER A 68 4.10 8.86 6.41
CA SER A 68 4.30 7.69 7.25
C SER A 68 2.96 7.14 7.73
N THR A 69 2.70 5.87 7.40
CA THR A 69 1.46 5.22 7.78
C THR A 69 1.63 4.43 9.08
N ARG A 70 2.16 5.10 10.10
CA ARG A 70 2.38 4.46 11.39
C ARG A 70 1.36 4.94 12.41
N ASP A 71 0.96 6.21 12.30
CA ASP A 71 -0.02 6.79 13.21
C ASP A 71 -1.20 7.38 12.44
N MET A 72 -1.70 6.63 11.47
CA MET A 72 -2.83 7.07 10.67
C MET A 72 -3.94 6.03 10.67
N THR A 73 -5.18 6.51 10.73
CA THR A 73 -6.34 5.62 10.73
C THR A 73 -6.85 5.36 9.32
N HIS A 74 -7.51 4.23 9.12
CA HIS A 74 -8.05 3.86 7.82
C HIS A 74 -8.65 5.09 7.12
N ALA A 75 -9.22 6.00 7.92
CA ALA A 75 -9.84 7.20 7.38
C ALA A 75 -8.79 8.09 6.73
N ARG A 76 -7.75 8.44 7.48
CA ARG A 76 -6.69 9.30 6.96
C ARG A 76 -6.20 8.81 5.62
N ALA A 77 -5.93 7.51 5.52
CA ALA A 77 -5.46 6.91 4.28
C ALA A 77 -6.45 7.14 3.15
N ILE A 78 -7.72 6.88 3.41
CA ILE A 78 -8.76 7.06 2.41
C ILE A 78 -8.87 8.52 1.99
N GLU A 79 -8.31 9.41 2.81
CA GLU A 79 -8.35 10.84 2.51
C GLU A 79 -7.09 11.27 1.78
N LEU A 80 -5.96 10.62 2.09
CA LEU A 80 -4.69 10.95 1.47
C LEU A 80 -4.70 10.53 0.00
N ILE A 81 -5.36 9.42 -0.30
CA ILE A 81 -5.45 8.92 -1.67
C ILE A 81 -6.16 9.92 -2.58
N LYS A 82 -7.15 10.61 -2.03
CA LYS A 82 -7.92 11.60 -2.78
C LYS A 82 -7.40 13.01 -2.53
N SER A 83 -6.56 13.13 -1.50
CA SER A 83 -5.98 14.43 -1.15
C SER A 83 -4.91 14.84 -2.15
N GLY A 84 -4.17 13.86 -2.65
CA GLY A 84 -3.12 14.13 -3.62
C GLY A 84 -3.66 14.57 -4.96
N GLY A 85 -4.71 13.89 -5.42
CA GLY A 85 -5.31 14.24 -6.70
C GLY A 85 -5.60 13.01 -7.54
N ARG A 86 -5.21 13.06 -8.81
CA ARG A 86 -5.43 11.93 -9.72
C ARG A 86 -4.26 10.96 -9.70
N ARG A 87 -3.12 11.43 -9.19
CA ARG A 87 -1.92 10.60 -9.12
C ARG A 87 -1.58 10.29 -7.66
N VAL A 88 -1.48 8.99 -7.35
CA VAL A 88 -1.15 8.56 -6.01
C VAL A 88 0.10 7.70 -5.99
N ARG A 89 0.89 7.82 -4.93
CA ARG A 89 2.12 7.05 -4.80
C ARG A 89 2.30 6.56 -3.37
N LEU A 90 2.25 5.24 -3.19
CA LEU A 90 2.41 4.65 -1.87
C LEU A 90 3.48 3.56 -1.88
N LEU A 91 4.18 3.41 -0.76
CA LEU A 91 5.23 2.40 -0.65
C LEU A 91 4.66 1.06 -0.17
N LEU A 92 4.72 0.05 -1.03
CA LEU A 92 4.22 -1.26 -0.69
C LEU A 92 5.34 -2.30 -0.69
N LYS A 93 5.21 -3.31 0.16
CA LYS A 93 6.21 -4.36 0.26
C LYS A 93 5.63 -5.71 -0.17
N ARG A 94 6.33 -6.39 -1.08
CA ARG A 94 5.88 -7.68 -1.58
C ARG A 94 6.66 -8.82 -0.92
N GLY A 95 6.05 -9.99 -0.86
CA GLY A 95 6.70 -11.14 -0.25
C GLY A 95 6.44 -11.24 1.23
N THR A 96 5.92 -10.17 1.81
CA THR A 96 5.62 -10.14 3.24
C THR A 96 4.29 -10.81 3.53
N GLY A 97 3.40 -10.82 2.54
CA GLY A 97 2.10 -11.44 2.71
C GLY A 97 1.93 -12.67 1.86
N SER A 98 0.99 -12.61 0.90
CA SER A 98 0.73 -13.73 0.02
C SER A 98 0.32 -13.24 -1.37
N GLY A 99 0.45 -14.13 -2.36
CA GLY A 99 0.10 -13.78 -3.72
C GLY A 99 0.24 -14.94 -4.68
N PRO A 100 0.14 -14.65 -5.99
CA PRO A 100 0.25 -15.66 -7.03
C PRO A 100 1.67 -16.20 -7.17
N SER A 101 1.84 -17.49 -6.89
CA SER A 101 3.15 -18.13 -6.97
C SER A 101 3.55 -18.34 -8.43
N SER A 102 4.06 -17.28 -9.06
CA SER A 102 4.50 -17.36 -10.45
C SER A 102 5.36 -16.15 -10.82
N GLY A 103 6.48 -16.41 -11.48
CA GLY A 103 7.37 -15.34 -11.88
C GLY A 103 8.64 -15.31 -11.07
N GLY A 1 24.65 4.22 11.57
CA GLY A 1 24.18 4.56 10.24
C GLY A 1 22.78 4.03 9.97
N SER A 2 22.60 2.73 10.16
CA SER A 2 21.30 2.09 9.93
C SER A 2 20.31 2.49 11.02
N SER A 3 19.67 3.64 10.83
CA SER A 3 18.69 4.13 11.80
C SER A 3 17.27 3.86 11.32
N GLY A 4 16.57 2.99 12.03
CA GLY A 4 15.20 2.65 11.66
C GLY A 4 14.77 1.31 12.22
N SER A 5 13.47 1.04 12.16
CA SER A 5 12.92 -0.21 12.67
C SER A 5 12.80 -1.24 11.55
N SER A 6 13.81 -2.09 11.43
CA SER A 6 13.83 -3.13 10.40
C SER A 6 13.49 -4.49 10.99
N GLY A 7 12.51 -5.16 10.40
CA GLY A 7 12.11 -6.47 10.89
C GLY A 7 12.25 -7.56 9.84
N GLN A 8 11.13 -8.15 9.44
CA GLN A 8 11.13 -9.20 8.44
C GLN A 8 10.40 -8.75 7.17
N ASP A 9 10.35 -7.45 6.96
CA ASP A 9 9.69 -6.88 5.80
C ASP A 9 10.34 -7.38 4.51
N PHE A 10 9.88 -6.87 3.37
CA PHE A 10 10.43 -7.26 2.08
C PHE A 10 10.84 -6.04 1.27
N ASP A 11 11.24 -6.27 0.03
CA ASP A 11 11.68 -5.19 -0.85
C ASP A 11 10.82 -3.94 -0.65
N TYR A 12 11.48 -2.82 -0.38
CA TYR A 12 10.78 -1.56 -0.17
C TYR A 12 10.67 -0.76 -1.46
N PHE A 13 9.65 -1.06 -2.25
CA PHE A 13 9.43 -0.37 -3.52
C PHE A 13 8.24 0.58 -3.43
N THR A 14 8.22 1.58 -4.30
CA THR A 14 7.14 2.55 -4.32
C THR A 14 6.14 2.24 -5.44
N VAL A 15 4.90 2.70 -5.26
CA VAL A 15 3.85 2.48 -6.26
C VAL A 15 3.47 3.77 -6.95
N ASP A 16 3.20 3.69 -8.25
CA ASP A 16 2.81 4.86 -9.04
C ASP A 16 1.62 4.54 -9.94
N MET A 17 0.50 5.18 -9.68
CA MET A 17 -0.71 4.96 -10.47
C MET A 17 -1.58 6.21 -10.50
N GLU A 18 -2.64 6.17 -11.29
CA GLU A 18 -3.55 7.30 -11.41
C GLU A 18 -4.96 6.93 -10.96
N LYS A 19 -5.85 7.92 -10.93
CA LYS A 19 -7.23 7.69 -10.51
C LYS A 19 -8.07 7.21 -11.69
N GLY A 20 -9.20 6.58 -11.38
CA GLY A 20 -10.08 6.07 -12.43
C GLY A 20 -11.45 6.71 -12.39
N ALA A 21 -12.49 5.88 -12.31
CA ALA A 21 -13.86 6.38 -12.27
C ALA A 21 -14.25 6.78 -10.85
N LYS A 22 -14.14 5.83 -9.93
CA LYS A 22 -14.49 6.08 -8.53
C LYS A 22 -13.25 5.96 -7.64
N GLY A 23 -12.09 6.29 -8.19
CA GLY A 23 -10.86 6.21 -7.43
C GLY A 23 -9.79 5.40 -8.13
N PHE A 24 -8.75 5.02 -7.39
CA PHE A 24 -7.66 4.24 -7.95
C PHE A 24 -8.03 2.76 -8.00
N GLY A 25 -9.27 2.48 -8.38
CA GLY A 25 -9.72 1.09 -8.46
C GLY A 25 -9.03 0.20 -7.45
N PHE A 26 -8.84 0.71 -6.25
CA PHE A 26 -8.18 -0.06 -5.18
C PHE A 26 -8.65 0.42 -3.81
N SER A 27 -8.78 -0.53 -2.88
CA SER A 27 -9.22 -0.21 -1.52
C SER A 27 -8.15 -0.59 -0.51
N ILE A 28 -8.28 -0.07 0.71
CA ILE A 28 -7.34 -0.35 1.77
C ILE A 28 -8.04 -0.92 3.00
N ARG A 29 -7.25 -1.42 3.95
CA ARG A 29 -7.79 -2.01 5.17
C ARG A 29 -6.85 -1.79 6.34
N GLY A 30 -7.39 -1.80 7.55
CA GLY A 30 -6.58 -1.61 8.74
C GLY A 30 -6.31 -0.15 9.02
N GLY A 31 -5.45 0.13 10.00
CA GLY A 31 -5.12 1.50 10.34
C GLY A 31 -5.04 1.71 11.84
N ARG A 32 -4.56 2.88 12.25
CA ARG A 32 -4.43 3.21 13.66
C ARG A 32 -5.77 3.04 14.39
N GLU A 33 -6.86 3.00 13.61
CA GLU A 33 -8.18 2.85 14.17
C GLU A 33 -8.40 1.43 14.68
N TYR A 34 -7.78 0.46 14.01
CA TYR A 34 -7.90 -0.95 14.38
C TYR A 34 -6.61 -1.47 14.99
N LYS A 35 -5.65 -0.56 15.19
CA LYS A 35 -4.37 -0.92 15.76
C LYS A 35 -3.61 -1.86 14.84
N MET A 36 -3.65 -1.59 13.54
CA MET A 36 -2.96 -2.40 12.55
C MET A 36 -2.50 -1.56 11.37
N ASP A 37 -1.60 -2.11 10.56
CA ASP A 37 -1.07 -1.41 9.40
C ASP A 37 -2.12 -1.31 8.30
N LEU A 38 -1.82 -0.52 7.27
CA LEU A 38 -2.74 -0.34 6.16
C LEU A 38 -2.41 -1.29 5.01
N TYR A 39 -3.35 -2.17 4.68
CA TYR A 39 -3.16 -3.14 3.61
C TYR A 39 -4.17 -2.90 2.49
N VAL A 40 -3.94 -3.56 1.35
CA VAL A 40 -4.83 -3.43 0.20
C VAL A 40 -6.03 -4.36 0.32
N LEU A 41 -7.15 -3.80 0.74
CA LEU A 41 -8.38 -4.57 0.91
C LEU A 41 -8.66 -5.42 -0.33
N ARG A 42 -8.93 -4.75 -1.45
CA ARG A 42 -9.21 -5.44 -2.70
C ARG A 42 -8.71 -4.63 -3.89
N LEU A 43 -8.95 -5.14 -5.09
CA LEU A 43 -8.53 -4.46 -6.32
C LEU A 43 -9.65 -4.45 -7.35
N ALA A 44 -9.69 -3.39 -8.15
CA ALA A 44 -10.71 -3.27 -9.20
C ALA A 44 -10.25 -3.92 -10.50
N GLU A 45 -11.01 -4.90 -10.95
CA GLU A 45 -10.68 -5.62 -12.18
C GLU A 45 -10.67 -4.66 -13.37
N ASP A 46 -11.41 -3.56 -13.24
CA ASP A 46 -11.49 -2.57 -14.31
C ASP A 46 -10.91 -1.23 -13.86
N GLY A 47 -10.02 -1.29 -12.86
CA GLY A 47 -9.40 -0.09 -12.35
C GLY A 47 -7.96 0.07 -12.81
N PRO A 48 -7.39 1.25 -12.59
CA PRO A 48 -6.01 1.56 -12.98
C PRO A 48 -4.99 0.80 -12.14
N ALA A 49 -5.38 0.45 -10.91
CA ALA A 49 -4.50 -0.27 -10.01
C ALA A 49 -4.20 -1.67 -10.54
N ILE A 50 -5.22 -2.52 -10.59
CA ILE A 50 -5.06 -3.88 -11.08
C ILE A 50 -4.23 -3.91 -12.36
N ARG A 51 -4.18 -2.77 -13.05
CA ARG A 51 -3.42 -2.67 -14.29
C ARG A 51 -1.96 -2.30 -14.00
N ASN A 52 -1.75 -1.51 -12.96
CA ASN A 52 -0.41 -1.10 -12.58
C ASN A 52 0.50 -2.30 -12.34
N GLY A 53 0.09 -3.16 -11.42
CA GLY A 53 0.87 -4.34 -11.11
C GLY A 53 1.77 -4.15 -9.91
N ARG A 54 2.59 -3.10 -9.95
CA ARG A 54 3.50 -2.80 -8.86
C ARG A 54 2.87 -3.14 -7.51
N MET A 55 1.55 -3.04 -7.44
CA MET A 55 0.82 -3.33 -6.22
C MET A 55 -0.23 -4.42 -6.45
N ARG A 56 -0.69 -5.04 -5.36
CA ARG A 56 -1.69 -6.09 -5.45
C ARG A 56 -2.47 -6.21 -4.14
N VAL A 57 -3.34 -7.21 -4.07
CA VAL A 57 -4.15 -7.44 -2.88
C VAL A 57 -3.40 -8.32 -1.87
N GLY A 58 -3.44 -7.93 -0.60
CA GLY A 58 -2.77 -8.69 0.43
C GLY A 58 -1.43 -8.09 0.80
N ASP A 59 -1.13 -6.91 0.28
CA ASP A 59 0.13 -6.23 0.56
C ASP A 59 -0.01 -5.32 1.77
N GLN A 60 1.12 -5.02 2.41
CA GLN A 60 1.12 -4.17 3.58
C GLN A 60 1.75 -2.81 3.27
N ILE A 61 0.92 -1.77 3.23
CA ILE A 61 1.40 -0.43 2.94
C ILE A 61 1.98 0.23 4.18
N ILE A 62 3.11 0.90 4.01
CA ILE A 62 3.77 1.58 5.12
C ILE A 62 3.84 3.08 4.89
N GLU A 63 3.84 3.48 3.62
CA GLU A 63 3.90 4.89 3.25
C GLU A 63 2.83 5.23 2.24
N ILE A 64 2.15 6.35 2.45
CA ILE A 64 1.09 6.79 1.55
C ILE A 64 1.25 8.27 1.19
N ASN A 65 1.34 8.56 -0.09
CA ASN A 65 1.49 9.93 -0.57
C ASN A 65 2.59 10.65 0.22
N GLY A 66 3.62 9.91 0.61
CA GLY A 66 4.72 10.50 1.36
C GLY A 66 4.36 10.73 2.82
N GLU A 67 3.50 9.87 3.37
CA GLU A 67 3.09 10.00 4.75
C GLU A 67 3.28 8.69 5.51
N SER A 68 3.77 8.78 6.74
CA SER A 68 4.01 7.59 7.56
C SER A 68 2.69 6.93 7.95
N THR A 69 2.33 5.87 7.24
CA THR A 69 1.10 5.14 7.52
C THR A 69 1.14 4.46 8.88
N ARG A 70 2.29 4.58 9.55
CA ARG A 70 2.47 3.97 10.85
C ARG A 70 1.66 4.71 11.91
N ASP A 71 1.32 5.97 11.62
CA ASP A 71 0.54 6.78 12.54
C ASP A 71 -0.68 7.39 11.85
N MET A 72 -1.46 6.54 11.18
CA MET A 72 -2.64 7.01 10.47
C MET A 72 -3.74 5.94 10.49
N THR A 73 -4.99 6.40 10.54
CA THR A 73 -6.13 5.49 10.58
C THR A 73 -6.63 5.19 9.17
N HIS A 74 -7.48 4.17 9.06
CA HIS A 74 -8.05 3.79 7.76
C HIS A 74 -8.70 4.98 7.07
N ALA A 75 -9.11 5.97 7.87
CA ALA A 75 -9.75 7.16 7.34
C ALA A 75 -8.74 8.08 6.65
N ARG A 76 -7.66 8.38 7.37
CA ARG A 76 -6.60 9.25 6.82
C ARG A 76 -6.20 8.80 5.43
N ALA A 77 -5.82 7.53 5.31
CA ALA A 77 -5.41 6.97 4.03
C ALA A 77 -6.46 7.24 2.95
N ILE A 78 -7.71 6.90 3.26
CA ILE A 78 -8.81 7.09 2.32
C ILE A 78 -8.96 8.57 1.95
N GLU A 79 -8.37 9.44 2.76
CA GLU A 79 -8.44 10.88 2.52
C GLU A 79 -7.22 11.35 1.75
N LEU A 80 -6.07 10.72 2.01
CA LEU A 80 -4.83 11.09 1.34
C LEU A 80 -4.87 10.69 -0.13
N ILE A 81 -5.45 9.53 -0.42
CA ILE A 81 -5.55 9.04 -1.78
C ILE A 81 -6.31 10.03 -2.66
N LYS A 82 -7.26 10.73 -2.06
CA LYS A 82 -8.07 11.71 -2.79
C LYS A 82 -7.51 13.11 -2.59
N SER A 83 -6.66 13.27 -1.59
CA SER A 83 -6.06 14.57 -1.30
C SER A 83 -4.93 14.88 -2.26
N GLY A 84 -4.23 13.84 -2.71
CA GLY A 84 -3.13 14.01 -3.65
C GLY A 84 -3.60 14.44 -5.03
N GLY A 85 -4.76 13.94 -5.44
CA GLY A 85 -5.30 14.28 -6.74
C GLY A 85 -5.65 13.06 -7.55
N ARG A 86 -5.14 13.01 -8.79
CA ARG A 86 -5.41 11.88 -9.68
C ARG A 86 -4.28 10.86 -9.62
N ARG A 87 -3.13 11.29 -9.10
CA ARG A 87 -1.96 10.41 -9.01
C ARG A 87 -1.64 10.11 -7.54
N VAL A 88 -1.53 8.83 -7.22
CA VAL A 88 -1.23 8.41 -5.86
C VAL A 88 0.02 7.54 -5.81
N ARG A 89 0.85 7.74 -4.79
CA ARG A 89 2.08 6.98 -4.63
C ARG A 89 2.23 6.49 -3.20
N LEU A 90 2.33 5.18 -3.04
CA LEU A 90 2.49 4.57 -1.73
C LEU A 90 3.55 3.47 -1.75
N LEU A 91 4.23 3.29 -0.62
CA LEU A 91 5.26 2.27 -0.50
C LEU A 91 4.65 0.90 -0.20
N LEU A 92 5.03 -0.10 -0.99
CA LEU A 92 4.52 -1.45 -0.81
C LEU A 92 5.61 -2.49 -1.05
N LYS A 93 5.50 -3.64 -0.39
CA LYS A 93 6.47 -4.71 -0.55
C LYS A 93 5.80 -5.99 -1.03
N ARG A 94 6.35 -6.58 -2.09
CA ARG A 94 5.81 -7.81 -2.66
C ARG A 94 6.10 -9.00 -1.74
N GLY A 95 5.17 -9.95 -1.71
CA GLY A 95 5.35 -11.13 -0.87
C GLY A 95 6.19 -12.19 -1.54
N THR A 96 7.51 -12.01 -1.52
CA THR A 96 8.42 -12.97 -2.13
C THR A 96 9.21 -13.72 -1.08
N GLY A 97 9.09 -13.30 0.17
CA GLY A 97 9.79 -13.95 1.26
C GLY A 97 11.15 -13.31 1.53
N SER A 98 11.87 -13.85 2.51
CA SER A 98 13.18 -13.32 2.88
C SER A 98 14.28 -14.00 2.07
N GLY A 99 14.03 -14.18 0.77
CA GLY A 99 15.00 -14.81 -0.10
C GLY A 99 15.67 -16.00 0.56
N PRO A 100 14.91 -17.09 0.72
CA PRO A 100 15.41 -18.33 1.33
C PRO A 100 16.43 -19.04 0.45
N SER A 101 17.59 -19.35 1.02
CA SER A 101 18.65 -20.03 0.27
C SER A 101 18.83 -21.46 0.79
N SER A 102 18.01 -22.38 0.30
CA SER A 102 18.09 -23.77 0.70
C SER A 102 17.42 -24.68 -0.32
N GLY A 103 17.93 -25.89 -0.45
CA GLY A 103 17.37 -26.84 -1.40
C GLY A 103 17.49 -26.36 -2.84
N GLY A 1 21.48 -0.34 8.94
CA GLY A 1 21.05 -0.64 10.30
C GLY A 1 21.01 -2.13 10.58
N SER A 2 21.67 -2.55 11.64
CA SER A 2 21.72 -3.96 12.02
C SER A 2 20.74 -4.24 13.15
N SER A 3 19.54 -3.66 13.06
CA SER A 3 18.51 -3.85 14.08
C SER A 3 17.25 -4.45 13.47
N GLY A 4 16.38 -4.95 14.32
CA GLY A 4 15.14 -5.56 13.86
C GLY A 4 13.98 -5.32 14.80
N SER A 5 14.25 -5.40 16.10
CA SER A 5 13.21 -5.20 17.11
C SER A 5 11.97 -6.03 16.78
N SER A 6 12.19 -7.28 16.42
CA SER A 6 11.09 -8.19 16.09
C SER A 6 10.36 -7.70 14.84
N GLY A 7 11.11 -7.37 13.80
CA GLY A 7 10.51 -6.89 12.56
C GLY A 7 11.42 -7.10 11.36
N GLN A 8 10.90 -7.78 10.35
CA GLN A 8 11.67 -8.04 9.14
C GLN A 8 10.96 -7.51 7.90
N ASP A 9 11.46 -6.41 7.37
CA ASP A 9 10.86 -5.79 6.18
C ASP A 9 11.40 -6.43 4.91
N PHE A 10 10.79 -6.09 3.78
CA PHE A 10 11.22 -6.63 2.50
C PHE A 10 11.48 -5.52 1.49
N ASP A 11 11.76 -5.89 0.24
CA ASP A 11 12.03 -4.92 -0.80
C ASP A 11 11.05 -3.75 -0.73
N TYR A 12 11.52 -2.63 -0.21
CA TYR A 12 10.69 -1.44 -0.08
C TYR A 12 10.57 -0.70 -1.42
N PHE A 13 9.54 -1.03 -2.18
CA PHE A 13 9.32 -0.39 -3.48
C PHE A 13 8.14 0.56 -3.43
N THR A 14 8.13 1.52 -4.34
CA THR A 14 7.05 2.51 -4.40
C THR A 14 6.05 2.17 -5.50
N VAL A 15 4.84 2.71 -5.39
CA VAL A 15 3.80 2.46 -6.36
C VAL A 15 3.43 3.74 -7.11
N ASP A 16 3.14 3.60 -8.40
CA ASP A 16 2.77 4.75 -9.23
C ASP A 16 1.57 4.42 -10.11
N MET A 17 0.46 5.10 -9.86
CA MET A 17 -0.76 4.89 -10.63
C MET A 17 -1.58 6.17 -10.71
N GLU A 18 -2.65 6.12 -11.51
CA GLU A 18 -3.51 7.28 -11.68
C GLU A 18 -4.96 6.93 -11.33
N LYS A 19 -5.82 7.95 -11.28
CA LYS A 19 -7.23 7.75 -10.97
C LYS A 19 -8.02 7.37 -12.22
N GLY A 20 -9.02 6.50 -12.04
CA GLY A 20 -9.83 6.07 -13.15
C GLY A 20 -11.24 6.63 -13.10
N ALA A 21 -12.21 5.81 -13.47
CA ALA A 21 -13.61 6.24 -13.46
C ALA A 21 -14.14 6.35 -12.03
N LYS A 22 -13.99 5.28 -11.27
CA LYS A 22 -14.45 5.25 -9.89
C LYS A 22 -13.28 5.33 -8.92
N GLY A 23 -12.19 5.96 -9.35
CA GLY A 23 -11.01 6.09 -8.51
C GLY A 23 -9.86 5.25 -9.01
N PHE A 24 -8.76 5.27 -8.26
CA PHE A 24 -7.57 4.50 -8.64
C PHE A 24 -7.92 3.03 -8.87
N GLY A 25 -9.03 2.60 -8.30
CA GLY A 25 -9.45 1.22 -8.46
C GLY A 25 -8.80 0.30 -7.45
N PHE A 26 -8.66 0.77 -6.22
CA PHE A 26 -8.04 -0.02 -5.17
C PHE A 26 -8.56 0.40 -3.80
N SER A 27 -8.65 -0.56 -2.88
CA SER A 27 -9.15 -0.30 -1.54
C SER A 27 -8.09 -0.64 -0.49
N ILE A 28 -8.28 -0.14 0.73
CA ILE A 28 -7.34 -0.40 1.81
C ILE A 28 -8.05 -0.97 3.03
N ARG A 29 -7.26 -1.43 4.00
CA ARG A 29 -7.82 -2.01 5.22
C ARG A 29 -6.90 -1.76 6.40
N GLY A 30 -7.40 -2.01 7.61
CA GLY A 30 -6.61 -1.82 8.81
C GLY A 30 -6.42 -0.36 9.15
N GLY A 31 -5.54 -0.08 10.11
CA GLY A 31 -5.30 1.30 10.51
C GLY A 31 -5.33 1.47 12.02
N ARG A 32 -4.89 2.63 12.49
CA ARG A 32 -4.86 2.91 13.92
C ARG A 32 -6.21 2.58 14.56
N GLU A 33 -7.27 2.66 13.77
CA GLU A 33 -8.61 2.37 14.26
C GLU A 33 -8.71 0.93 14.74
N TYR A 34 -8.02 0.03 14.06
CA TYR A 34 -8.04 -1.39 14.41
C TYR A 34 -6.69 -1.82 14.96
N LYS A 35 -5.83 -0.84 15.26
CA LYS A 35 -4.50 -1.13 15.80
C LYS A 35 -3.74 -2.09 14.90
N MET A 36 -3.67 -1.76 13.62
CA MET A 36 -2.97 -2.60 12.65
C MET A 36 -2.49 -1.77 11.45
N ASP A 37 -1.54 -2.32 10.71
CA ASP A 37 -1.01 -1.64 9.53
C ASP A 37 -2.07 -1.51 8.45
N LEU A 38 -1.76 -0.74 7.41
CA LEU A 38 -2.69 -0.53 6.30
C LEU A 38 -2.37 -1.47 5.14
N TYR A 39 -3.37 -2.25 4.74
CA TYR A 39 -3.20 -3.19 3.64
C TYR A 39 -4.25 -2.96 2.55
N VAL A 40 -3.99 -3.52 1.37
CA VAL A 40 -4.91 -3.36 0.24
C VAL A 40 -6.10 -4.32 0.38
N LEU A 41 -7.23 -3.79 0.83
CA LEU A 41 -8.43 -4.59 1.00
C LEU A 41 -8.72 -5.42 -0.25
N ARG A 42 -9.05 -4.73 -1.34
CA ARG A 42 -9.35 -5.40 -2.60
C ARG A 42 -9.03 -4.50 -3.79
N LEU A 43 -8.65 -5.10 -4.91
CA LEU A 43 -8.31 -4.35 -6.11
C LEU A 43 -9.49 -4.33 -7.08
N ALA A 44 -9.57 -3.27 -7.88
CA ALA A 44 -10.65 -3.13 -8.86
C ALA A 44 -10.25 -3.72 -10.20
N GLU A 45 -10.91 -4.80 -10.60
CA GLU A 45 -10.62 -5.46 -11.86
C GLU A 45 -10.80 -4.49 -13.03
N ASP A 46 -11.64 -3.49 -12.84
CA ASP A 46 -11.90 -2.50 -13.87
C ASP A 46 -11.24 -1.16 -13.52
N GLY A 47 -10.18 -1.22 -12.72
CA GLY A 47 -9.48 -0.01 -12.32
C GLY A 47 -8.07 0.05 -12.86
N PRO A 48 -7.47 1.24 -12.83
CA PRO A 48 -6.10 1.46 -13.32
C PRO A 48 -5.07 0.81 -12.41
N ALA A 49 -5.44 0.58 -11.15
CA ALA A 49 -4.54 -0.03 -10.19
C ALA A 49 -4.21 -1.48 -10.58
N ILE A 50 -5.25 -2.29 -10.70
CA ILE A 50 -5.08 -3.70 -11.07
C ILE A 50 -4.25 -3.83 -12.33
N ARG A 51 -4.10 -2.73 -13.07
CA ARG A 51 -3.33 -2.72 -14.31
C ARG A 51 -1.87 -2.35 -14.04
N ASN A 52 -1.65 -1.59 -12.97
CA ASN A 52 -0.31 -1.15 -12.60
C ASN A 52 0.58 -2.35 -12.30
N GLY A 53 0.18 -3.13 -11.29
CA GLY A 53 0.95 -4.30 -10.91
C GLY A 53 1.83 -4.04 -9.69
N ARG A 54 2.65 -3.00 -9.76
CA ARG A 54 3.54 -2.66 -8.66
C ARG A 54 2.86 -2.92 -7.31
N MET A 55 1.53 -2.79 -7.29
CA MET A 55 0.77 -3.03 -6.06
C MET A 55 -0.39 -3.99 -6.31
N ARG A 56 -0.67 -4.83 -5.32
CA ARG A 56 -1.74 -5.81 -5.44
C ARG A 56 -2.49 -5.95 -4.13
N VAL A 57 -3.60 -6.68 -4.15
CA VAL A 57 -4.41 -6.89 -2.95
C VAL A 57 -3.79 -7.95 -2.06
N GLY A 58 -3.51 -7.58 -0.82
CA GLY A 58 -2.92 -8.51 0.13
C GLY A 58 -1.54 -8.07 0.59
N ASP A 59 -1.10 -6.92 0.11
CA ASP A 59 0.21 -6.37 0.48
C ASP A 59 0.10 -5.50 1.72
N GLN A 60 1.23 -4.90 2.12
CA GLN A 60 1.25 -4.04 3.30
C GLN A 60 1.77 -2.65 2.93
N ILE A 61 0.93 -1.64 3.10
CA ILE A 61 1.31 -0.27 2.79
C ILE A 61 1.97 0.40 3.98
N ILE A 62 3.21 0.85 3.79
CA ILE A 62 3.96 1.50 4.85
C ILE A 62 4.02 3.01 4.63
N GLU A 63 3.78 3.44 3.39
CA GLU A 63 3.80 4.86 3.05
C GLU A 63 2.62 5.21 2.14
N ILE A 64 2.23 6.48 2.17
CA ILE A 64 1.13 6.96 1.35
C ILE A 64 1.34 8.41 0.92
N ASN A 65 1.49 8.61 -0.39
CA ASN A 65 1.70 9.94 -0.93
C ASN A 65 2.82 10.66 -0.18
N GLY A 66 3.95 9.98 0.01
CA GLY A 66 5.07 10.57 0.71
C GLY A 66 4.70 11.03 2.10
N GLU A 67 3.70 10.40 2.69
CA GLU A 67 3.25 10.76 4.03
C GLU A 67 3.37 9.57 4.98
N SER A 68 4.40 9.59 5.82
CA SER A 68 4.63 8.52 6.78
C SER A 68 3.31 8.01 7.35
N THR A 69 2.92 6.80 6.96
CA THR A 69 1.69 6.20 7.43
C THR A 69 1.83 5.70 8.87
N ARG A 70 2.24 6.60 9.76
CA ARG A 70 2.42 6.25 11.17
C ARG A 70 1.33 6.88 12.02
N ASP A 71 0.77 6.10 12.93
CA ASP A 71 -0.29 6.57 13.82
C ASP A 71 -1.44 7.15 13.01
N MET A 72 -1.70 6.56 11.84
CA MET A 72 -2.79 7.02 10.99
C MET A 72 -3.97 6.05 11.03
N THR A 73 -5.17 6.58 10.85
CA THR A 73 -6.38 5.76 10.88
C THR A 73 -6.86 5.46 9.46
N HIS A 74 -7.47 4.29 9.28
CA HIS A 74 -7.98 3.88 7.99
C HIS A 74 -8.60 5.07 7.25
N ALA A 75 -9.26 5.94 8.00
CA ALA A 75 -9.89 7.11 7.41
C ALA A 75 -8.87 8.03 6.77
N ARG A 76 -7.79 8.29 7.50
CA ARG A 76 -6.73 9.16 7.00
C ARG A 76 -6.25 8.71 5.62
N ALA A 77 -5.66 7.52 5.58
CA ALA A 77 -5.15 6.97 4.33
C ALA A 77 -6.18 7.11 3.21
N ILE A 78 -7.45 6.92 3.55
CA ILE A 78 -8.52 7.03 2.57
C ILE A 78 -8.61 8.44 2.00
N GLU A 79 -8.25 9.43 2.82
CA GLU A 79 -8.28 10.82 2.40
C GLU A 79 -7.00 11.20 1.67
N LEU A 80 -5.90 10.51 2.00
CA LEU A 80 -4.62 10.78 1.37
C LEU A 80 -4.65 10.40 -0.11
N ILE A 81 -5.32 9.30 -0.42
CA ILE A 81 -5.44 8.83 -1.80
C ILE A 81 -6.18 9.85 -2.67
N LYS A 82 -7.08 10.59 -2.05
CA LYS A 82 -7.86 11.60 -2.77
C LYS A 82 -7.25 12.99 -2.58
N SER A 83 -6.38 13.11 -1.57
CA SER A 83 -5.73 14.38 -1.29
C SER A 83 -4.63 14.68 -2.32
N GLY A 84 -3.97 13.63 -2.78
CA GLY A 84 -2.91 13.80 -3.75
C GLY A 84 -3.43 14.25 -5.10
N GLY A 85 -4.54 13.66 -5.54
CA GLY A 85 -5.12 14.03 -6.82
C GLY A 85 -5.40 12.82 -7.70
N ARG A 86 -5.14 12.97 -9.00
CA ARG A 86 -5.36 11.88 -9.94
C ARG A 86 -4.23 10.86 -9.88
N ARG A 87 -3.06 11.31 -9.44
CA ARG A 87 -1.89 10.43 -9.33
C ARG A 87 -1.56 10.17 -7.87
N VAL A 88 -1.53 8.89 -7.49
CA VAL A 88 -1.21 8.51 -6.12
C VAL A 88 0.03 7.61 -6.07
N ARG A 89 0.91 7.87 -5.11
CA ARG A 89 2.12 7.09 -4.95
C ARG A 89 2.31 6.65 -3.51
N LEU A 90 2.19 5.35 -3.27
CA LEU A 90 2.34 4.79 -1.93
C LEU A 90 3.40 3.71 -1.90
N LEU A 91 4.13 3.62 -0.80
CA LEU A 91 5.18 2.61 -0.65
C LEU A 91 4.61 1.30 -0.13
N LEU A 92 4.56 0.29 -0.99
CA LEU A 92 4.04 -1.02 -0.61
C LEU A 92 5.17 -2.03 -0.44
N LYS A 93 4.92 -3.07 0.35
CA LYS A 93 5.91 -4.11 0.60
C LYS A 93 5.35 -5.48 0.28
N ARG A 94 6.07 -6.24 -0.53
CA ARG A 94 5.65 -7.59 -0.92
C ARG A 94 6.33 -8.64 -0.05
N GLY A 95 5.54 -9.55 0.51
CA GLY A 95 6.08 -10.59 1.35
C GLY A 95 6.48 -11.82 0.57
N THR A 96 7.20 -11.61 -0.54
CA THR A 96 7.65 -12.72 -1.39
C THR A 96 8.79 -13.48 -0.73
N GLY A 97 9.36 -12.91 0.32
CA GLY A 97 10.45 -13.56 1.02
C GLY A 97 9.99 -14.68 1.92
N SER A 98 10.93 -15.39 2.52
CA SER A 98 10.62 -16.50 3.41
C SER A 98 10.40 -16.01 4.84
N GLY A 99 10.43 -14.70 5.02
CA GLY A 99 10.24 -14.12 6.34
C GLY A 99 10.89 -14.95 7.44
N PRO A 100 10.08 -15.77 8.11
CA PRO A 100 10.56 -16.64 9.19
C PRO A 100 11.44 -17.77 8.68
N SER A 101 12.54 -18.02 9.40
CA SER A 101 13.47 -19.08 9.01
C SER A 101 12.98 -20.44 9.50
N SER A 102 11.69 -20.69 9.33
CA SER A 102 11.10 -21.95 9.76
C SER A 102 10.94 -22.90 8.58
N GLY A 103 10.90 -24.19 8.87
CA GLY A 103 10.74 -25.19 7.82
C GLY A 103 11.86 -26.23 7.84
N GLY A 1 25.61 -6.42 17.92
CA GLY A 1 24.28 -6.14 18.41
C GLY A 1 24.18 -4.76 19.05
N SER A 2 23.16 -4.01 18.67
CA SER A 2 22.96 -2.67 19.20
C SER A 2 21.48 -2.42 19.53
N SER A 3 21.23 -1.79 20.67
CA SER A 3 19.86 -1.50 21.08
C SER A 3 19.10 -0.74 20.00
N GLY A 4 18.35 -1.47 19.19
CA GLY A 4 17.59 -0.85 18.12
C GLY A 4 17.28 -1.82 16.99
N SER A 5 16.64 -1.32 15.95
CA SER A 5 16.28 -2.14 14.80
C SER A 5 16.78 -1.53 13.51
N SER A 6 16.99 -2.36 12.50
CA SER A 6 17.49 -1.90 11.20
C SER A 6 16.65 -2.47 10.07
N GLY A 7 15.85 -1.61 9.44
CA GLY A 7 15.01 -2.04 8.34
C GLY A 7 14.48 -3.45 8.54
N GLN A 8 13.44 -3.58 9.36
CA GLN A 8 12.85 -4.88 9.63
C GLN A 8 11.80 -5.24 8.58
N ASP A 9 12.05 -4.83 7.34
CA ASP A 9 11.14 -5.10 6.24
C ASP A 9 11.75 -6.09 5.26
N PHE A 10 10.93 -6.55 4.31
CA PHE A 10 11.40 -7.51 3.31
C PHE A 10 11.37 -6.89 1.92
N ASP A 11 10.70 -5.76 1.79
CA ASP A 11 10.60 -5.06 0.51
C ASP A 11 9.92 -3.70 0.68
N TYR A 12 10.68 -2.64 0.44
CA TYR A 12 10.17 -1.28 0.56
C TYR A 12 10.17 -0.56 -0.78
N PHE A 13 9.22 -0.92 -1.64
CA PHE A 13 9.11 -0.31 -2.96
C PHE A 13 7.90 0.61 -3.04
N THR A 14 8.00 1.64 -3.89
CA THR A 14 6.91 2.60 -4.05
C THR A 14 6.01 2.21 -5.21
N VAL A 15 4.79 2.74 -5.21
CA VAL A 15 3.83 2.45 -6.27
C VAL A 15 3.46 3.71 -7.04
N ASP A 16 3.15 3.53 -8.32
CA ASP A 16 2.77 4.67 -9.17
C ASP A 16 1.55 4.33 -10.02
N MET A 17 0.47 5.07 -9.80
CA MET A 17 -0.77 4.85 -10.54
C MET A 17 -1.58 6.14 -10.66
N GLU A 18 -2.64 6.10 -11.45
CA GLU A 18 -3.48 7.27 -11.65
C GLU A 18 -4.93 6.96 -11.28
N LYS A 19 -5.77 7.99 -11.30
CA LYS A 19 -7.18 7.83 -10.97
C LYS A 19 -7.97 7.32 -12.18
N GLY A 20 -9.08 6.63 -11.91
CA GLY A 20 -9.90 6.11 -12.98
C GLY A 20 -11.33 6.61 -12.91
N ALA A 21 -12.23 5.92 -13.60
CA ALA A 21 -13.65 6.30 -13.62
C ALA A 21 -14.18 6.44 -12.20
N LYS A 22 -13.97 5.42 -11.38
CA LYS A 22 -14.43 5.44 -10.00
C LYS A 22 -13.26 5.52 -9.03
N GLY A 23 -12.18 6.16 -9.46
CA GLY A 23 -11.00 6.28 -8.62
C GLY A 23 -9.88 5.36 -9.04
N PHE A 24 -8.77 5.40 -8.32
CA PHE A 24 -7.61 4.58 -8.63
C PHE A 24 -8.02 3.11 -8.77
N GLY A 25 -9.22 2.79 -8.27
CA GLY A 25 -9.70 1.42 -8.35
C GLY A 25 -8.97 0.49 -7.39
N PHE A 26 -8.77 0.95 -6.16
CA PHE A 26 -8.09 0.15 -5.16
C PHE A 26 -8.53 0.54 -3.75
N SER A 27 -8.84 -0.46 -2.93
CA SER A 27 -9.29 -0.22 -1.56
C SER A 27 -8.20 -0.59 -0.57
N ILE A 28 -8.32 -0.07 0.65
CA ILE A 28 -7.34 -0.35 1.70
C ILE A 28 -8.02 -0.89 2.95
N ARG A 29 -7.21 -1.37 3.89
CA ARG A 29 -7.74 -1.93 5.13
C ARG A 29 -6.75 -1.71 6.27
N GLY A 30 -7.25 -1.86 7.51
CA GLY A 30 -6.39 -1.66 8.67
C GLY A 30 -6.21 -0.21 9.03
N GLY A 31 -5.33 0.06 9.99
CA GLY A 31 -5.08 1.42 10.42
C GLY A 31 -5.12 1.58 11.92
N ARG A 32 -4.81 2.79 12.39
CA ARG A 32 -4.82 3.06 13.83
C ARG A 32 -6.18 2.76 14.45
N GLU A 33 -7.18 2.56 13.59
CA GLU A 33 -8.52 2.24 14.05
C GLU A 33 -8.63 0.80 14.51
N TYR A 34 -7.81 -0.07 13.93
CA TYR A 34 -7.81 -1.48 14.28
C TYR A 34 -6.46 -1.91 14.84
N LYS A 35 -5.59 -0.93 15.06
CA LYS A 35 -4.26 -1.20 15.59
C LYS A 35 -3.47 -2.10 14.66
N MET A 36 -3.45 -1.76 13.38
CA MET A 36 -2.71 -2.54 12.39
C MET A 36 -2.29 -1.66 11.21
N ASP A 37 -1.35 -2.16 10.42
CA ASP A 37 -0.86 -1.43 9.26
C ASP A 37 -1.94 -1.32 8.18
N LEU A 38 -1.67 -0.52 7.16
CA LEU A 38 -2.61 -0.33 6.07
C LEU A 38 -2.30 -1.26 4.90
N TYR A 39 -3.23 -2.16 4.60
CA TYR A 39 -3.04 -3.11 3.51
C TYR A 39 -4.09 -2.89 2.41
N VAL A 40 -3.88 -3.53 1.27
CA VAL A 40 -4.80 -3.41 0.15
C VAL A 40 -5.99 -4.34 0.30
N LEU A 41 -7.15 -3.78 0.63
CA LEU A 41 -8.36 -4.56 0.81
C LEU A 41 -8.70 -5.34 -0.46
N ARG A 42 -9.02 -4.62 -1.52
CA ARG A 42 -9.37 -5.24 -2.80
C ARG A 42 -8.98 -4.33 -3.97
N LEU A 43 -8.67 -4.94 -5.10
CA LEU A 43 -8.28 -4.20 -6.28
C LEU A 43 -9.42 -4.14 -7.30
N ALA A 44 -9.45 -3.07 -8.08
CA ALA A 44 -10.50 -2.90 -9.09
C ALA A 44 -10.12 -3.57 -10.40
N GLU A 45 -10.87 -4.60 -10.77
CA GLU A 45 -10.61 -5.33 -12.01
C GLU A 45 -10.57 -4.38 -13.21
N ASP A 46 -11.49 -3.42 -13.22
CA ASP A 46 -11.56 -2.45 -14.31
C ASP A 46 -10.95 -1.12 -13.89
N GLY A 47 -10.13 -1.15 -12.84
CA GLY A 47 -9.49 0.06 -12.35
C GLY A 47 -8.06 0.18 -12.83
N PRO A 48 -7.50 1.40 -12.71
CA PRO A 48 -6.12 1.67 -13.12
C PRO A 48 -5.09 1.01 -12.21
N ALA A 49 -5.53 0.64 -11.02
CA ALA A 49 -4.65 -0.01 -10.04
C ALA A 49 -4.33 -1.44 -10.47
N ILE A 50 -5.35 -2.28 -10.57
CA ILE A 50 -5.15 -3.66 -10.97
C ILE A 50 -4.35 -3.76 -12.25
N ARG A 51 -4.29 -2.66 -13.00
CA ARG A 51 -3.55 -2.62 -14.26
C ARG A 51 -2.08 -2.26 -14.01
N ASN A 52 -1.84 -1.52 -12.93
CA ASN A 52 -0.49 -1.09 -12.58
C ASN A 52 0.40 -2.30 -12.32
N GLY A 53 -0.02 -3.14 -11.38
CA GLY A 53 0.75 -4.32 -11.04
C GLY A 53 1.66 -4.09 -9.85
N ARG A 54 2.50 -3.06 -9.93
CA ARG A 54 3.42 -2.74 -8.85
C ARG A 54 2.79 -3.01 -7.49
N MET A 55 1.47 -2.87 -7.42
CA MET A 55 0.75 -3.10 -6.18
C MET A 55 -0.40 -4.08 -6.38
N ARG A 56 -0.56 -5.01 -5.44
CA ARG A 56 -1.62 -6.00 -5.53
C ARG A 56 -2.34 -6.14 -4.18
N VAL A 57 -3.26 -7.11 -4.11
CA VAL A 57 -4.01 -7.35 -2.89
C VAL A 57 -3.29 -8.33 -1.98
N GLY A 58 -3.17 -7.97 -0.71
CA GLY A 58 -2.50 -8.83 0.25
C GLY A 58 -1.18 -8.25 0.73
N ASP A 59 -0.75 -7.15 0.11
CA ASP A 59 0.49 -6.49 0.48
C ASP A 59 0.29 -5.55 1.66
N GLN A 60 1.39 -5.04 2.19
CA GLN A 60 1.33 -4.12 3.33
C GLN A 60 1.90 -2.76 2.95
N ILE A 61 1.10 -1.71 3.15
CA ILE A 61 1.54 -0.35 2.83
C ILE A 61 2.08 0.35 4.06
N ILE A 62 3.35 0.76 3.99
CA ILE A 62 3.99 1.45 5.11
C ILE A 62 3.98 2.96 4.89
N GLU A 63 3.75 3.38 3.65
CA GLU A 63 3.70 4.79 3.33
C GLU A 63 2.57 5.10 2.34
N ILE A 64 2.11 6.35 2.34
CA ILE A 64 1.03 6.76 1.45
C ILE A 64 1.21 8.22 1.03
N ASN A 65 1.46 8.42 -0.26
CA ASN A 65 1.65 9.76 -0.81
C ASN A 65 2.79 10.49 -0.08
N GLY A 66 3.89 9.77 0.11
CA GLY A 66 5.04 10.36 0.78
C GLY A 66 4.76 10.69 2.23
N GLU A 67 3.90 9.88 2.87
CA GLU A 67 3.55 10.09 4.26
C GLU A 67 3.65 8.80 5.06
N SER A 68 4.42 8.83 6.15
CA SER A 68 4.61 7.64 6.98
C SER A 68 3.28 7.16 7.55
N THR A 69 2.94 5.92 7.24
CA THR A 69 1.69 5.33 7.71
C THR A 69 1.91 4.47 8.95
N ARG A 70 2.32 5.11 10.05
CA ARG A 70 2.57 4.41 11.29
C ARG A 70 1.52 4.77 12.34
N ASP A 71 1.04 6.01 12.31
CA ASP A 71 0.04 6.47 13.24
C ASP A 71 -1.13 7.13 12.51
N MET A 72 -1.66 6.43 11.51
CA MET A 72 -2.78 6.96 10.74
C MET A 72 -3.96 5.98 10.75
N THR A 73 -5.17 6.53 10.78
CA THR A 73 -6.37 5.71 10.80
C THR A 73 -6.88 5.44 9.39
N HIS A 74 -7.41 4.23 9.17
CA HIS A 74 -7.93 3.86 7.87
C HIS A 74 -8.56 5.06 7.16
N ALA A 75 -9.22 5.92 7.94
CA ALA A 75 -9.87 7.10 7.39
C ALA A 75 -8.85 8.01 6.71
N ARG A 76 -7.81 8.37 7.45
CA ARG A 76 -6.76 9.24 6.92
C ARG A 76 -6.30 8.75 5.54
N ALA A 77 -5.94 7.48 5.46
CA ALA A 77 -5.48 6.90 4.20
C ALA A 77 -6.48 7.15 3.08
N ILE A 78 -7.74 6.82 3.33
CA ILE A 78 -8.79 7.02 2.34
C ILE A 78 -8.86 8.48 1.89
N GLU A 79 -8.22 9.36 2.65
CA GLU A 79 -8.21 10.78 2.33
C GLU A 79 -6.97 11.15 1.53
N LEU A 80 -5.82 10.60 1.93
CA LEU A 80 -4.57 10.87 1.25
C LEU A 80 -4.64 10.45 -0.22
N ILE A 81 -5.34 9.35 -0.49
CA ILE A 81 -5.50 8.85 -1.84
C ILE A 81 -6.22 9.86 -2.72
N LYS A 82 -7.19 10.57 -2.14
CA LYS A 82 -7.97 11.56 -2.87
C LYS A 82 -7.39 12.96 -2.64
N SER A 83 -6.50 13.08 -1.68
CA SER A 83 -5.87 14.36 -1.36
C SER A 83 -4.70 14.65 -2.29
N GLY A 84 -4.06 13.58 -2.77
CA GLY A 84 -2.93 13.73 -3.67
C GLY A 84 -3.35 14.21 -5.05
N GLY A 85 -4.49 13.74 -5.52
CA GLY A 85 -4.98 14.13 -6.84
C GLY A 85 -5.32 12.94 -7.71
N ARG A 86 -4.93 13.01 -8.98
CA ARG A 86 -5.19 11.94 -9.92
C ARG A 86 -4.10 10.88 -9.86
N ARG A 87 -2.93 11.28 -9.38
CA ARG A 87 -1.79 10.36 -9.27
C ARG A 87 -1.44 10.11 -7.81
N VAL A 88 -1.45 8.83 -7.41
CA VAL A 88 -1.12 8.46 -6.04
C VAL A 88 0.10 7.56 -5.99
N ARG A 89 0.92 7.72 -4.96
CA ARG A 89 2.12 6.91 -4.81
C ARG A 89 2.30 6.48 -3.35
N LEU A 90 2.16 5.19 -3.11
CA LEU A 90 2.31 4.64 -1.76
C LEU A 90 3.42 3.59 -1.72
N LEU A 91 4.00 3.41 -0.53
CA LEU A 91 5.07 2.45 -0.35
C LEU A 91 4.52 1.08 0.06
N LEU A 92 4.62 0.11 -0.83
CA LEU A 92 4.13 -1.23 -0.56
C LEU A 92 5.27 -2.24 -0.58
N LYS A 93 5.08 -3.36 0.12
CA LYS A 93 6.09 -4.41 0.19
C LYS A 93 5.66 -5.63 -0.64
N ARG A 94 6.54 -6.09 -1.51
CA ARG A 94 6.27 -7.24 -2.35
C ARG A 94 7.19 -8.42 -2.00
N GLY A 95 6.77 -9.61 -2.38
CA GLY A 95 7.56 -10.79 -2.11
C GLY A 95 7.00 -11.62 -0.97
N THR A 96 5.98 -11.09 -0.31
CA THR A 96 5.35 -11.78 0.80
C THR A 96 4.25 -12.72 0.32
N GLY A 97 3.51 -12.29 -0.69
CA GLY A 97 2.44 -13.11 -1.23
C GLY A 97 1.44 -13.53 -0.18
N SER A 98 0.26 -13.97 -0.62
CA SER A 98 -0.79 -14.40 0.29
C SER A 98 -1.92 -15.08 -0.46
N GLY A 99 -2.31 -16.26 -0.01
CA GLY A 99 -3.38 -17.00 -0.66
C GLY A 99 -4.50 -17.34 0.31
N PRO A 100 -5.59 -17.90 -0.24
CA PRO A 100 -6.77 -18.28 0.55
C PRO A 100 -6.49 -19.48 1.46
N SER A 101 -6.06 -19.20 2.70
CA SER A 101 -5.74 -20.25 3.65
C SER A 101 -6.84 -20.35 4.71
N SER A 102 -7.80 -21.24 4.49
CA SER A 102 -8.90 -21.42 5.43
C SER A 102 -8.93 -22.86 5.95
N GLY A 103 -9.57 -23.05 7.10
CA GLY A 103 -9.66 -24.38 7.68
C GLY A 103 -10.25 -24.36 9.08
N GLY A 1 25.70 -14.87 18.21
CA GLY A 1 26.97 -14.45 17.68
C GLY A 1 26.88 -13.16 16.89
N SER A 2 27.05 -13.25 15.57
CA SER A 2 26.98 -12.09 14.70
C SER A 2 25.59 -11.94 14.10
N SER A 3 25.00 -10.76 14.26
CA SER A 3 23.67 -10.50 13.74
C SER A 3 23.71 -9.40 12.68
N GLY A 4 24.10 -8.19 13.10
CA GLY A 4 24.17 -7.07 12.18
C GLY A 4 23.06 -7.09 11.16
N SER A 5 21.94 -6.46 11.50
CA SER A 5 20.79 -6.40 10.61
C SER A 5 20.26 -4.98 10.49
N SER A 6 19.85 -4.61 9.28
CA SER A 6 19.33 -3.27 9.03
C SER A 6 18.11 -3.32 8.11
N GLY A 7 17.00 -2.77 8.58
CA GLY A 7 15.78 -2.76 7.79
C GLY A 7 15.21 -4.15 7.60
N GLN A 8 14.51 -4.65 8.61
CA GLN A 8 13.91 -5.98 8.55
C GLN A 8 12.58 -5.94 7.82
N ASP A 9 12.63 -6.06 6.50
CA ASP A 9 11.41 -6.04 5.68
C ASP A 9 11.57 -6.91 4.45
N PHE A 10 10.56 -6.90 3.58
CA PHE A 10 10.59 -7.70 2.36
C PHE A 10 11.15 -6.87 1.19
N ASP A 11 10.55 -5.70 0.97
CA ASP A 11 10.99 -4.83 -0.12
C ASP A 11 10.24 -3.51 -0.08
N TYR A 12 10.91 -2.46 0.38
CA TYR A 12 10.30 -1.14 0.46
C TYR A 12 10.28 -0.46 -0.91
N PHE A 13 9.31 -0.83 -1.74
CA PHE A 13 9.17 -0.26 -3.07
C PHE A 13 7.98 0.68 -3.14
N THR A 14 8.07 1.69 -4.01
CA THR A 14 7.00 2.66 -4.17
C THR A 14 6.06 2.25 -5.30
N VAL A 15 4.85 2.83 -5.30
CA VAL A 15 3.86 2.52 -6.32
C VAL A 15 3.45 3.78 -7.07
N ASP A 16 3.10 3.61 -8.34
CA ASP A 16 2.70 4.73 -9.18
C ASP A 16 1.46 4.37 -10.01
N MET A 17 0.37 5.09 -9.78
CA MET A 17 -0.87 4.84 -10.51
C MET A 17 -1.70 6.12 -10.62
N GLU A 18 -2.77 6.06 -11.41
CA GLU A 18 -3.64 7.21 -11.61
C GLU A 18 -5.06 6.91 -11.14
N LYS A 19 -5.91 7.93 -11.16
CA LYS A 19 -7.30 7.77 -10.73
C LYS A 19 -8.17 7.29 -11.88
N GLY A 20 -9.26 6.62 -11.55
CA GLY A 20 -10.17 6.12 -12.56
C GLY A 20 -11.53 6.79 -12.52
N ALA A 21 -12.57 6.01 -12.30
CA ALA A 21 -13.93 6.53 -12.24
C ALA A 21 -14.28 6.95 -10.81
N LYS A 22 -14.18 6.02 -9.88
CA LYS A 22 -14.49 6.30 -8.48
C LYS A 22 -13.24 6.16 -7.62
N GLY A 23 -12.09 6.46 -8.20
CA GLY A 23 -10.84 6.37 -7.46
C GLY A 23 -9.79 5.54 -8.18
N PHE A 24 -8.74 5.18 -7.47
CA PHE A 24 -7.66 4.39 -8.05
C PHE A 24 -8.02 2.90 -8.06
N GLY A 25 -9.28 2.60 -8.38
CA GLY A 25 -9.73 1.23 -8.42
C GLY A 25 -9.00 0.35 -7.42
N PHE A 26 -8.77 0.88 -6.23
CA PHE A 26 -8.07 0.13 -5.18
C PHE A 26 -8.53 0.57 -3.80
N SER A 27 -8.73 -0.40 -2.91
CA SER A 27 -9.18 -0.11 -1.55
C SER A 27 -8.12 -0.53 -0.53
N ILE A 28 -8.20 0.04 0.66
CA ILE A 28 -7.26 -0.28 1.72
C ILE A 28 -7.96 -0.85 2.95
N ARG A 29 -7.19 -1.41 3.87
CA ARG A 29 -7.75 -2.00 5.08
C ARG A 29 -6.82 -1.76 6.28
N GLY A 30 -7.35 -1.97 7.47
CA GLY A 30 -6.56 -1.77 8.68
C GLY A 30 -6.35 -0.31 9.00
N GLY A 31 -5.36 -0.02 9.84
CA GLY A 31 -5.08 1.35 10.23
C GLY A 31 -4.91 1.52 11.72
N ARG A 32 -4.49 2.70 12.15
CA ARG A 32 -4.28 2.98 13.56
C ARG A 32 -5.55 2.71 14.36
N GLU A 33 -6.70 2.88 13.71
CA GLU A 33 -7.99 2.65 14.36
C GLU A 33 -8.11 1.21 14.83
N TYR A 34 -7.60 0.29 14.01
CA TYR A 34 -7.66 -1.13 14.35
C TYR A 34 -6.31 -1.63 14.86
N LYS A 35 -5.46 -0.69 15.26
CA LYS A 35 -4.13 -1.03 15.78
C LYS A 35 -3.40 -1.97 14.82
N MET A 36 -3.43 -1.64 13.54
CA MET A 36 -2.76 -2.45 12.52
C MET A 36 -2.33 -1.60 11.34
N ASP A 37 -1.42 -2.13 10.53
CA ASP A 37 -0.92 -1.41 9.36
C ASP A 37 -1.99 -1.35 8.27
N LEU A 38 -1.71 -0.57 7.23
CA LEU A 38 -2.65 -0.42 6.13
C LEU A 38 -2.31 -1.38 4.99
N TYR A 39 -3.29 -2.19 4.60
CA TYR A 39 -3.10 -3.16 3.52
C TYR A 39 -4.12 -2.95 2.42
N VAL A 40 -3.88 -3.59 1.27
CA VAL A 40 -4.79 -3.49 0.13
C VAL A 40 -6.02 -4.36 0.31
N LEU A 41 -7.12 -3.75 0.75
CA LEU A 41 -8.36 -4.47 0.98
C LEU A 41 -8.74 -5.29 -0.26
N ARG A 42 -8.96 -4.60 -1.38
CA ARG A 42 -9.32 -5.27 -2.62
C ARG A 42 -8.94 -4.41 -3.82
N LEU A 43 -8.66 -5.06 -4.95
CA LEU A 43 -8.28 -4.37 -6.17
C LEU A 43 -9.42 -4.40 -7.19
N ALA A 44 -9.55 -3.31 -7.96
CA ALA A 44 -10.58 -3.22 -8.98
C ALA A 44 -10.14 -3.88 -10.28
N GLU A 45 -10.88 -4.90 -10.70
CA GLU A 45 -10.56 -5.62 -11.93
C GLU A 45 -10.64 -4.69 -13.13
N ASP A 46 -11.47 -3.66 -13.03
CA ASP A 46 -11.63 -2.69 -14.11
C ASP A 46 -11.07 -1.33 -13.71
N GLY A 47 -10.07 -1.35 -12.83
CA GLY A 47 -9.46 -0.11 -12.39
C GLY A 47 -8.02 0.04 -12.87
N PRO A 48 -7.45 1.23 -12.69
CA PRO A 48 -6.08 1.52 -13.10
C PRO A 48 -5.05 0.79 -12.25
N ALA A 49 -5.41 0.51 -11.00
CA ALA A 49 -4.52 -0.18 -10.09
C ALA A 49 -4.19 -1.57 -10.59
N ILE A 50 -5.19 -2.45 -10.60
CA ILE A 50 -5.00 -3.82 -11.06
C ILE A 50 -4.17 -3.86 -12.33
N ARG A 51 -4.19 -2.76 -13.08
CA ARG A 51 -3.44 -2.67 -14.33
C ARG A 51 -1.98 -2.30 -14.06
N ASN A 52 -1.77 -1.46 -13.05
CA ASN A 52 -0.43 -1.02 -12.68
C ASN A 52 0.48 -2.22 -12.41
N GLY A 53 0.10 -3.02 -11.43
CA GLY A 53 0.88 -4.20 -11.08
C GLY A 53 1.81 -3.95 -9.90
N ARG A 54 2.59 -2.87 -9.98
CA ARG A 54 3.52 -2.53 -8.91
C ARG A 54 2.95 -2.92 -7.55
N MET A 55 1.63 -2.82 -7.42
CA MET A 55 0.96 -3.16 -6.16
C MET A 55 -0.16 -4.17 -6.40
N ARG A 56 -0.42 -5.00 -5.40
CA ARG A 56 -1.47 -6.01 -5.49
C ARG A 56 -2.25 -6.11 -4.20
N VAL A 57 -3.18 -7.07 -4.14
CA VAL A 57 -3.99 -7.27 -2.95
C VAL A 57 -3.28 -8.14 -1.92
N GLY A 58 -3.49 -7.84 -0.64
CA GLY A 58 -2.86 -8.62 0.41
C GLY A 58 -1.57 -7.99 0.90
N ASP A 59 -0.93 -7.21 0.03
CA ASP A 59 0.33 -6.55 0.37
C ASP A 59 0.17 -5.69 1.62
N GLN A 60 1.27 -5.14 2.10
CA GLN A 60 1.25 -4.30 3.30
C GLN A 60 1.83 -2.93 3.00
N ILE A 61 1.00 -1.90 3.12
CA ILE A 61 1.44 -0.53 2.86
C ILE A 61 2.05 0.09 4.12
N ILE A 62 3.23 0.68 3.96
CA ILE A 62 3.92 1.31 5.08
C ILE A 62 3.89 2.84 4.95
N GLU A 63 3.68 3.31 3.73
CA GLU A 63 3.64 4.75 3.47
C GLU A 63 2.60 5.08 2.41
N ILE A 64 2.14 6.33 2.39
CA ILE A 64 1.14 6.77 1.43
C ILE A 64 1.35 8.23 1.06
N ASN A 65 1.44 8.50 -0.24
CA ASN A 65 1.63 9.86 -0.73
C ASN A 65 2.73 10.57 0.06
N GLY A 66 3.84 9.86 0.29
CA GLY A 66 4.95 10.45 1.03
C GLY A 66 4.59 10.73 2.47
N GLU A 67 3.83 9.83 3.08
CA GLU A 67 3.42 10.00 4.47
C GLU A 67 3.57 8.68 5.25
N SER A 68 4.27 8.75 6.37
CA SER A 68 4.50 7.57 7.20
C SER A 68 3.19 7.05 7.77
N THR A 69 2.75 5.90 7.26
CA THR A 69 1.51 5.28 7.72
C THR A 69 1.72 4.49 9.00
N ARG A 70 2.36 5.13 9.98
CA ARG A 70 2.62 4.48 11.26
C ARG A 70 1.63 4.95 12.32
N ASP A 71 1.19 6.20 12.20
CA ASP A 71 0.24 6.77 13.15
C ASP A 71 -0.96 7.38 12.42
N MET A 72 -1.47 6.66 11.42
CA MET A 72 -2.60 7.13 10.65
C MET A 72 -3.76 6.13 10.73
N THR A 73 -4.99 6.65 10.64
CA THR A 73 -6.17 5.81 10.70
C THR A 73 -6.71 5.52 9.30
N HIS A 74 -7.32 4.36 9.13
CA HIS A 74 -7.89 3.97 7.84
C HIS A 74 -8.50 5.17 7.13
N ALA A 75 -9.12 6.06 7.91
CA ALA A 75 -9.75 7.26 7.36
C ALA A 75 -8.72 8.14 6.67
N ARG A 76 -7.66 8.48 7.38
CA ARG A 76 -6.61 9.33 6.83
C ARG A 76 -6.16 8.82 5.46
N ALA A 77 -5.76 7.55 5.41
CA ALA A 77 -5.31 6.95 4.16
C ALA A 77 -6.33 7.15 3.05
N ILE A 78 -7.61 6.91 3.36
CA ILE A 78 -8.67 7.06 2.39
C ILE A 78 -8.80 8.52 1.94
N GLU A 79 -8.24 9.42 2.73
CA GLU A 79 -8.28 10.85 2.41
C GLU A 79 -7.03 11.27 1.65
N LEU A 80 -5.91 10.62 1.95
CA LEU A 80 -4.65 10.94 1.29
C LEU A 80 -4.70 10.57 -0.19
N ILE A 81 -5.36 9.45 -0.49
CA ILE A 81 -5.49 8.99 -1.86
C ILE A 81 -6.24 10.01 -2.73
N LYS A 82 -7.21 10.68 -2.12
CA LYS A 82 -8.00 11.68 -2.81
C LYS A 82 -7.45 13.08 -2.57
N SER A 83 -6.61 13.21 -1.54
CA SER A 83 -6.02 14.50 -1.20
C SER A 83 -4.85 14.83 -2.13
N GLY A 84 -4.27 13.80 -2.73
CA GLY A 84 -3.16 14.01 -3.64
C GLY A 84 -3.60 14.50 -5.00
N GLY A 85 -4.57 13.80 -5.60
CA GLY A 85 -5.07 14.19 -6.89
C GLY A 85 -5.44 12.99 -7.76
N ARG A 86 -4.96 13.00 -9.00
CA ARG A 86 -5.24 11.91 -9.93
C ARG A 86 -4.18 10.83 -9.84
N ARG A 87 -2.99 11.21 -9.39
CA ARG A 87 -1.88 10.28 -9.26
C ARG A 87 -1.54 10.05 -7.79
N VAL A 88 -1.52 8.78 -7.38
CA VAL A 88 -1.20 8.42 -6.01
C VAL A 88 0.02 7.52 -5.95
N ARG A 89 0.89 7.78 -4.97
CA ARG A 89 2.10 6.98 -4.81
C ARG A 89 2.27 6.55 -3.35
N LEU A 90 2.17 5.25 -3.11
CA LEU A 90 2.31 4.71 -1.77
C LEU A 90 3.42 3.66 -1.71
N LEU A 91 4.01 3.50 -0.53
CA LEU A 91 5.08 2.52 -0.34
C LEU A 91 4.52 1.16 0.08
N LEU A 92 4.59 0.19 -0.81
CA LEU A 92 4.10 -1.15 -0.53
C LEU A 92 5.23 -2.18 -0.60
N LYS A 93 5.04 -3.30 0.08
CA LYS A 93 6.04 -4.36 0.10
C LYS A 93 5.58 -5.55 -0.73
N ARG A 94 6.44 -6.01 -1.65
CA ARG A 94 6.11 -7.14 -2.51
C ARG A 94 6.59 -8.45 -1.88
N GLY A 95 6.01 -9.55 -2.33
CA GLY A 95 6.39 -10.86 -1.80
C GLY A 95 5.73 -11.15 -0.46
N THR A 96 5.59 -10.13 0.38
CA THR A 96 4.97 -10.29 1.68
C THR A 96 3.48 -10.55 1.55
N GLY A 97 2.89 -10.08 0.46
CA GLY A 97 1.46 -10.28 0.23
C GLY A 97 1.15 -11.67 -0.28
N SER A 98 0.19 -11.74 -1.20
CA SER A 98 -0.21 -13.02 -1.78
C SER A 98 0.86 -13.56 -2.73
N GLY A 99 1.42 -14.71 -2.38
CA GLY A 99 2.46 -15.31 -3.20
C GLY A 99 2.50 -16.82 -3.08
N PRO A 100 3.70 -17.37 -2.81
CA PRO A 100 3.89 -18.81 -2.66
C PRO A 100 3.24 -19.36 -1.40
N SER A 101 1.94 -19.62 -1.47
CA SER A 101 1.20 -20.15 -0.33
C SER A 101 0.81 -21.60 -0.55
N SER A 102 0.26 -21.89 -1.73
CA SER A 102 -0.16 -23.24 -2.07
C SER A 102 0.88 -24.26 -1.62
N GLY A 103 0.40 -25.42 -1.15
CA GLY A 103 1.31 -26.46 -0.69
C GLY A 103 2.21 -25.98 0.42
N GLY A 1 30.00 5.60 5.09
CA GLY A 1 28.93 4.80 5.66
C GLY A 1 27.60 5.07 5.01
N SER A 2 27.60 5.18 3.69
CA SER A 2 26.36 5.44 2.95
C SER A 2 25.23 4.54 3.44
N SER A 3 25.51 3.25 3.56
CA SER A 3 24.52 2.29 4.02
C SER A 3 25.10 1.38 5.09
N GLY A 4 24.61 1.52 6.31
CA GLY A 4 25.09 0.69 7.41
C GLY A 4 24.83 -0.79 7.18
N SER A 5 23.67 -1.25 7.65
CA SER A 5 23.30 -2.66 7.50
C SER A 5 22.28 -2.83 6.39
N SER A 6 22.19 -4.04 5.85
CA SER A 6 21.25 -4.34 4.78
C SER A 6 19.82 -4.30 5.28
N GLY A 7 18.89 -3.97 4.37
CA GLY A 7 17.49 -3.89 4.75
C GLY A 7 16.98 -5.19 5.37
N GLN A 8 16.14 -5.05 6.39
CA GLN A 8 15.59 -6.21 7.07
C GLN A 8 14.22 -6.58 6.51
N ASP A 9 13.38 -5.58 6.29
CA ASP A 9 12.04 -5.79 5.74
C ASP A 9 12.13 -6.27 4.30
N PHE A 10 10.96 -6.42 3.67
CA PHE A 10 10.90 -6.88 2.28
C PHE A 10 11.33 -5.78 1.32
N ASP A 11 11.23 -6.06 0.02
CA ASP A 11 11.62 -5.10 -1.00
C ASP A 11 10.78 -3.83 -0.88
N TYR A 12 11.37 -2.80 -0.27
CA TYR A 12 10.68 -1.52 -0.09
C TYR A 12 10.59 -0.76 -1.41
N PHE A 13 9.58 -1.10 -2.20
CA PHE A 13 9.38 -0.44 -3.49
C PHE A 13 8.17 0.49 -3.44
N THR A 14 8.23 1.57 -4.22
CA THR A 14 7.15 2.54 -4.27
C THR A 14 6.16 2.22 -5.38
N VAL A 15 4.92 2.67 -5.22
CA VAL A 15 3.89 2.42 -6.22
C VAL A 15 3.48 3.71 -6.92
N ASP A 16 3.18 3.61 -8.21
CA ASP A 16 2.79 4.77 -8.99
C ASP A 16 1.58 4.43 -9.87
N MET A 17 0.48 5.17 -9.66
CA MET A 17 -0.73 4.95 -10.43
C MET A 17 -1.58 6.22 -10.47
N GLU A 18 -2.66 6.18 -11.25
CA GLU A 18 -3.55 7.33 -11.39
C GLU A 18 -4.96 6.98 -10.90
N LYS A 19 -5.82 7.99 -10.86
CA LYS A 19 -7.20 7.79 -10.42
C LYS A 19 -8.12 7.51 -11.60
N GLY A 20 -9.10 6.65 -11.39
CA GLY A 20 -10.03 6.31 -12.46
C GLY A 20 -11.33 7.07 -12.35
N ALA A 21 -12.43 6.35 -12.16
CA ALA A 21 -13.74 6.98 -12.04
C ALA A 21 -14.10 7.22 -10.58
N LYS A 22 -14.10 6.15 -9.79
CA LYS A 22 -14.43 6.24 -8.37
C LYS A 22 -13.19 6.07 -7.52
N GLY A 23 -12.04 6.50 -8.04
CA GLY A 23 -10.79 6.38 -7.31
C GLY A 23 -9.76 5.57 -8.05
N PHE A 24 -8.68 5.22 -7.36
CA PHE A 24 -7.60 4.43 -7.97
C PHE A 24 -7.98 2.96 -8.01
N GLY A 25 -9.22 2.68 -8.37
CA GLY A 25 -9.68 1.31 -8.45
C GLY A 25 -8.98 0.41 -7.45
N PHE A 26 -8.81 0.90 -6.23
CA PHE A 26 -8.14 0.13 -5.18
C PHE A 26 -8.62 0.57 -3.80
N SER A 27 -8.87 -0.40 -2.93
CA SER A 27 -9.33 -0.11 -1.58
C SER A 27 -8.26 -0.48 -0.56
N ILE A 28 -8.39 0.08 0.65
CA ILE A 28 -7.44 -0.18 1.72
C ILE A 28 -8.14 -0.69 2.97
N ARG A 29 -7.36 -1.15 3.94
CA ARG A 29 -7.91 -1.66 5.19
C ARG A 29 -6.93 -1.46 6.34
N GLY A 30 -7.40 -1.71 7.56
CA GLY A 30 -6.55 -1.56 8.73
C GLY A 30 -6.27 -0.10 9.05
N GLY A 31 -5.37 0.13 10.00
CA GLY A 31 -5.04 1.49 10.39
C GLY A 31 -5.09 1.69 11.89
N ARG A 32 -4.63 2.86 12.34
CA ARG A 32 -4.63 3.17 13.77
C ARG A 32 -5.99 2.87 14.40
N GLU A 33 -7.04 2.96 13.59
CA GLU A 33 -8.40 2.70 14.05
C GLU A 33 -8.53 1.27 14.56
N TYR A 34 -7.88 0.34 13.86
CA TYR A 34 -7.94 -1.06 14.23
C TYR A 34 -6.60 -1.53 14.80
N LYS A 35 -5.74 -0.56 15.13
CA LYS A 35 -4.43 -0.87 15.70
C LYS A 35 -3.67 -1.84 14.80
N MET A 36 -3.62 -1.53 13.50
CA MET A 36 -2.91 -2.37 12.54
C MET A 36 -2.45 -1.54 11.36
N ASP A 37 -1.54 -2.11 10.56
CA ASP A 37 -1.01 -1.43 9.39
C ASP A 37 -2.07 -1.33 8.30
N LEU A 38 -1.76 -0.57 7.24
CA LEU A 38 -2.69 -0.39 6.14
C LEU A 38 -2.38 -1.35 5.00
N TYR A 39 -3.35 -2.17 4.63
CA TYR A 39 -3.19 -3.14 3.55
C TYR A 39 -4.25 -2.95 2.47
N VAL A 40 -4.04 -3.58 1.33
CA VAL A 40 -4.98 -3.48 0.21
C VAL A 40 -6.21 -4.35 0.47
N LEU A 41 -7.34 -3.70 0.68
CA LEU A 41 -8.60 -4.42 0.94
C LEU A 41 -9.05 -5.16 -0.31
N ARG A 42 -9.34 -4.41 -1.38
CA ARG A 42 -9.80 -4.99 -2.63
C ARG A 42 -9.30 -4.19 -3.82
N LEU A 43 -9.04 -4.88 -4.93
CA LEU A 43 -8.55 -4.22 -6.14
C LEU A 43 -9.63 -4.21 -7.22
N ALA A 44 -9.63 -3.16 -8.04
CA ALA A 44 -10.60 -3.03 -9.12
C ALA A 44 -10.15 -3.78 -10.37
N GLU A 45 -10.92 -4.79 -10.76
CA GLU A 45 -10.59 -5.59 -11.94
C GLU A 45 -10.58 -4.72 -13.19
N ASP A 46 -11.33 -3.63 -13.16
CA ASP A 46 -11.40 -2.71 -14.30
C ASP A 46 -10.84 -1.34 -13.93
N GLY A 47 -9.93 -1.32 -12.96
CA GLY A 47 -9.33 -0.07 -12.52
C GLY A 47 -7.88 0.04 -12.92
N PRO A 48 -7.29 1.23 -12.71
CA PRO A 48 -5.89 1.49 -13.03
C PRO A 48 -4.93 0.75 -12.12
N ALA A 49 -5.34 0.54 -10.87
CA ALA A 49 -4.51 -0.17 -9.91
C ALA A 49 -4.19 -1.57 -10.38
N ILE A 50 -5.20 -2.44 -10.43
CA ILE A 50 -5.01 -3.81 -10.87
C ILE A 50 -4.17 -3.87 -12.13
N ARG A 51 -4.13 -2.77 -12.87
CA ARG A 51 -3.35 -2.70 -14.10
C ARG A 51 -1.90 -2.31 -13.81
N ASN A 52 -1.71 -1.49 -12.78
CA ASN A 52 -0.37 -1.05 -12.39
C ASN A 52 0.53 -2.24 -12.11
N GLY A 53 0.15 -3.06 -11.14
CA GLY A 53 0.93 -4.23 -10.80
C GLY A 53 1.79 -4.00 -9.56
N ARG A 54 2.58 -2.94 -9.58
CA ARG A 54 3.45 -2.61 -8.46
C ARG A 54 2.79 -2.96 -7.14
N MET A 55 1.46 -2.88 -7.10
CA MET A 55 0.70 -3.19 -5.90
C MET A 55 -0.35 -4.26 -6.17
N ARG A 56 -0.61 -5.10 -5.17
CA ARG A 56 -1.60 -6.16 -5.31
C ARG A 56 -2.44 -6.29 -4.05
N VAL A 57 -3.36 -7.25 -4.05
CA VAL A 57 -4.24 -7.46 -2.90
C VAL A 57 -3.58 -8.38 -1.88
N GLY A 58 -3.43 -7.88 -0.66
CA GLY A 58 -2.81 -8.67 0.39
C GLY A 58 -1.49 -8.08 0.86
N ASP A 59 -0.99 -7.10 0.12
CA ASP A 59 0.27 -6.45 0.46
C ASP A 59 0.09 -5.52 1.66
N GLN A 60 1.21 -5.10 2.25
CA GLN A 60 1.17 -4.19 3.39
C GLN A 60 1.76 -2.83 3.04
N ILE A 61 0.92 -1.81 3.09
CA ILE A 61 1.35 -0.45 2.78
C ILE A 61 2.05 0.19 3.97
N ILE A 62 3.30 0.57 3.78
CA ILE A 62 4.09 1.19 4.84
C ILE A 62 4.05 2.72 4.71
N GLU A 63 3.89 3.20 3.48
CA GLU A 63 3.84 4.64 3.23
C GLU A 63 2.68 4.99 2.30
N ILE A 64 2.21 6.23 2.39
CA ILE A 64 1.10 6.69 1.56
C ILE A 64 1.29 8.15 1.15
N ASN A 65 1.38 8.37 -0.16
CA ASN A 65 1.57 9.72 -0.68
C ASN A 65 2.78 10.39 -0.05
N GLY A 66 3.78 9.58 0.31
CA GLY A 66 4.97 10.12 0.92
C GLY A 66 4.76 10.55 2.35
N GLU A 67 3.87 9.84 3.06
CA GLU A 67 3.57 10.17 4.44
C GLU A 67 3.60 8.91 5.30
N SER A 68 4.36 8.96 6.40
CA SER A 68 4.47 7.83 7.30
C SER A 68 3.09 7.32 7.71
N THR A 69 2.87 6.02 7.52
CA THR A 69 1.59 5.42 7.87
C THR A 69 1.68 4.66 9.20
N ARG A 70 2.21 5.33 10.22
CA ARG A 70 2.36 4.72 11.53
C ARG A 70 1.30 5.25 12.49
N ASP A 71 1.02 6.55 12.40
CA ASP A 71 0.03 7.18 13.26
C ASP A 71 -1.14 7.71 12.44
N MET A 72 -1.66 6.88 11.55
CA MET A 72 -2.79 7.26 10.71
C MET A 72 -3.90 6.22 10.78
N THR A 73 -5.14 6.70 10.64
CA THR A 73 -6.29 5.81 10.69
C THR A 73 -6.81 5.49 9.29
N HIS A 74 -7.45 4.33 9.14
CA HIS A 74 -7.99 3.92 7.85
C HIS A 74 -8.63 5.10 7.12
N ALA A 75 -9.29 5.97 7.88
CA ALA A 75 -9.94 7.13 7.32
C ALA A 75 -8.93 8.06 6.64
N ARG A 76 -7.83 8.35 7.35
CA ARG A 76 -6.80 9.22 6.81
C ARG A 76 -6.35 8.74 5.44
N ALA A 77 -5.75 7.56 5.39
CA ALA A 77 -5.26 6.99 4.14
C ALA A 77 -6.31 7.11 3.04
N ILE A 78 -7.58 6.93 3.41
CA ILE A 78 -8.68 7.03 2.46
C ILE A 78 -8.80 8.44 1.90
N GLU A 79 -8.46 9.42 2.72
CA GLU A 79 -8.53 10.82 2.31
C GLU A 79 -7.24 11.26 1.62
N LEU A 80 -6.16 10.55 1.92
CA LEU A 80 -4.86 10.86 1.33
C LEU A 80 -4.84 10.52 -0.16
N ILE A 81 -5.42 9.39 -0.52
CA ILE A 81 -5.47 8.95 -1.91
C ILE A 81 -6.24 9.97 -2.76
N LYS A 82 -7.24 10.61 -2.16
CA LYS A 82 -8.04 11.60 -2.86
C LYS A 82 -7.54 13.02 -2.57
N SER A 83 -6.75 13.15 -1.52
CA SER A 83 -6.20 14.45 -1.14
C SER A 83 -5.13 14.90 -2.12
N GLY A 84 -4.34 13.95 -2.62
CA GLY A 84 -3.29 14.27 -3.56
C GLY A 84 -3.83 14.72 -4.90
N GLY A 85 -4.78 13.95 -5.44
CA GLY A 85 -5.37 14.28 -6.72
C GLY A 85 -5.66 13.05 -7.57
N ARG A 86 -5.20 13.08 -8.81
CA ARG A 86 -5.42 11.95 -9.72
C ARG A 86 -4.24 10.99 -9.70
N ARG A 87 -3.12 11.46 -9.16
CA ARG A 87 -1.91 10.64 -9.08
C ARG A 87 -1.56 10.32 -7.63
N VAL A 88 -1.44 9.03 -7.33
CA VAL A 88 -1.13 8.59 -5.98
C VAL A 88 0.14 7.73 -5.96
N ARG A 89 0.91 7.83 -4.89
CA ARG A 89 2.15 7.08 -4.76
C ARG A 89 2.33 6.58 -3.32
N LEU A 90 2.23 5.27 -3.15
CA LEU A 90 2.39 4.65 -1.83
C LEU A 90 3.46 3.57 -1.85
N LEU A 91 4.16 3.42 -0.72
CA LEU A 91 5.21 2.41 -0.62
C LEU A 91 4.63 1.06 -0.22
N LEU A 92 4.85 0.06 -1.07
CA LEU A 92 4.36 -1.29 -0.81
C LEU A 92 5.46 -2.32 -0.99
N LYS A 93 5.31 -3.47 -0.35
CA LYS A 93 6.29 -4.55 -0.43
C LYS A 93 5.61 -5.90 -0.48
N ARG A 94 5.99 -6.71 -1.47
CA ARG A 94 5.41 -8.04 -1.62
C ARG A 94 6.14 -9.06 -0.75
N GLY A 95 5.39 -9.99 -0.17
CA GLY A 95 5.98 -11.00 0.69
C GLY A 95 6.59 -12.13 -0.10
N THR A 96 7.64 -11.83 -0.85
CA THR A 96 8.32 -12.84 -1.66
C THR A 96 9.64 -13.26 -1.03
N GLY A 97 10.11 -12.45 -0.08
CA GLY A 97 11.37 -12.75 0.59
C GLY A 97 12.57 -12.51 -0.30
N SER A 98 12.82 -13.42 -1.23
CA SER A 98 13.95 -13.30 -2.15
C SER A 98 13.47 -13.19 -3.59
N GLY A 99 14.42 -13.09 -4.51
CA GLY A 99 14.08 -12.98 -5.92
C GLY A 99 13.27 -14.16 -6.41
N PRO A 100 13.95 -15.27 -6.70
CA PRO A 100 13.31 -16.50 -7.19
C PRO A 100 12.46 -17.17 -6.11
N SER A 101 11.15 -17.21 -6.32
CA SER A 101 10.24 -17.82 -5.36
C SER A 101 9.49 -18.99 -6.00
N SER A 102 9.10 -19.95 -5.17
CA SER A 102 8.39 -21.13 -5.65
C SER A 102 9.19 -21.86 -6.72
N GLY A 103 10.48 -22.05 -6.45
CA GLY A 103 11.33 -22.73 -7.40
C GLY A 103 11.60 -24.17 -7.01
N GLY A 1 23.59 4.86 0.42
CA GLY A 1 24.65 4.21 -0.34
C GLY A 1 25.52 3.33 0.52
N SER A 2 24.89 2.57 1.41
CA SER A 2 25.62 1.67 2.30
C SER A 2 24.84 0.37 2.52
N SER A 3 25.57 -0.70 2.83
CA SER A 3 24.96 -2.00 3.05
C SER A 3 24.24 -2.04 4.40
N GLY A 4 23.16 -2.82 4.45
CA GLY A 4 22.39 -2.92 5.69
C GLY A 4 21.33 -1.84 5.81
N SER A 5 21.74 -0.58 5.63
CA SER A 5 20.82 0.54 5.73
C SER A 5 19.56 0.27 4.92
N SER A 6 18.40 0.62 5.49
CA SER A 6 17.13 0.42 4.83
C SER A 6 17.08 -0.95 4.15
N GLY A 7 17.65 -1.95 4.81
CA GLY A 7 17.67 -3.29 4.25
C GLY A 7 17.38 -4.35 5.30
N GLN A 8 16.22 -4.25 5.95
CA GLN A 8 15.85 -5.21 6.98
C GLN A 8 14.53 -5.89 6.62
N ASP A 9 13.53 -5.10 6.25
CA ASP A 9 12.23 -5.64 5.88
C ASP A 9 12.22 -6.08 4.42
N PHE A 10 11.06 -6.54 3.96
CA PHE A 10 10.92 -6.98 2.58
C PHE A 10 11.35 -5.89 1.60
N ASP A 11 11.24 -6.18 0.31
CA ASP A 11 11.62 -5.23 -0.73
C ASP A 11 10.80 -3.94 -0.60
N TYR A 12 11.50 -2.83 -0.38
CA TYR A 12 10.85 -1.53 -0.24
C TYR A 12 10.71 -0.84 -1.59
N PHE A 13 9.63 -1.16 -2.31
CA PHE A 13 9.39 -0.57 -3.61
C PHE A 13 8.20 0.41 -3.55
N THR A 14 8.27 1.45 -4.36
CA THR A 14 7.21 2.45 -4.40
C THR A 14 6.19 2.13 -5.49
N VAL A 15 4.98 2.65 -5.32
CA VAL A 15 3.91 2.42 -6.29
C VAL A 15 3.52 3.72 -7.00
N ASP A 16 3.26 3.61 -8.30
CA ASP A 16 2.88 4.76 -9.10
C ASP A 16 1.69 4.44 -10.00
N MET A 17 0.58 5.14 -9.79
CA MET A 17 -0.62 4.92 -10.59
C MET A 17 -1.45 6.20 -10.68
N GLU A 18 -2.47 6.18 -11.53
CA GLU A 18 -3.34 7.34 -11.71
C GLU A 18 -4.79 6.98 -11.44
N LYS A 19 -5.66 7.98 -11.48
CA LYS A 19 -7.08 7.77 -11.24
C LYS A 19 -7.74 7.06 -12.41
N GLY A 20 -8.90 6.46 -12.17
CA GLY A 20 -9.60 5.75 -13.23
C GLY A 20 -11.07 6.14 -13.30
N ALA A 21 -11.88 5.28 -13.90
CA ALA A 21 -13.31 5.53 -14.03
C ALA A 21 -13.93 5.87 -12.68
N LYS A 22 -13.76 4.96 -11.71
CA LYS A 22 -14.31 5.16 -10.38
C LYS A 22 -13.19 5.36 -9.36
N GLY A 23 -12.06 5.89 -9.82
CA GLY A 23 -10.93 6.11 -8.93
C GLY A 23 -9.73 5.26 -9.28
N PHE A 24 -8.74 5.24 -8.41
CA PHE A 24 -7.52 4.46 -8.64
C PHE A 24 -7.86 2.99 -8.81
N GLY A 25 -9.02 2.58 -8.32
CA GLY A 25 -9.44 1.19 -8.41
C GLY A 25 -8.73 0.30 -7.41
N PHE A 26 -8.56 0.81 -6.19
CA PHE A 26 -7.89 0.05 -5.14
C PHE A 26 -8.38 0.50 -3.76
N SER A 27 -8.63 -0.47 -2.89
CA SER A 27 -9.11 -0.18 -1.54
C SER A 27 -8.03 -0.51 -0.51
N ILE A 28 -8.28 -0.14 0.74
CA ILE A 28 -7.34 -0.40 1.83
C ILE A 28 -8.06 -0.91 3.07
N ARG A 29 -7.28 -1.37 4.04
CA ARG A 29 -7.85 -1.89 5.28
C ARG A 29 -6.90 -1.64 6.46
N GLY A 30 -7.39 -1.87 7.67
CA GLY A 30 -6.58 -1.67 8.86
C GLY A 30 -6.39 -0.20 9.17
N GLY A 31 -5.41 0.10 10.02
CA GLY A 31 -5.15 1.47 10.40
C GLY A 31 -5.09 1.66 11.90
N ARG A 32 -4.85 2.90 12.33
CA ARG A 32 -4.77 3.21 13.75
C ARG A 32 -6.09 2.89 14.46
N GLU A 33 -7.14 2.73 13.67
CA GLU A 33 -8.47 2.42 14.22
C GLU A 33 -8.51 0.98 14.74
N TYR A 34 -7.79 0.09 14.06
CA TYR A 34 -7.75 -1.31 14.46
C TYR A 34 -6.37 -1.70 14.98
N LYS A 35 -5.54 -0.69 15.23
CA LYS A 35 -4.19 -0.92 15.73
C LYS A 35 -3.41 -1.85 14.81
N MET A 36 -3.43 -1.54 13.52
CA MET A 36 -2.72 -2.36 12.54
C MET A 36 -2.32 -1.53 11.33
N ASP A 37 -1.38 -2.05 10.54
CA ASP A 37 -0.91 -1.35 9.35
C ASP A 37 -2.00 -1.26 8.29
N LEU A 38 -1.75 -0.49 7.25
CA LEU A 38 -2.71 -0.33 6.16
C LEU A 38 -2.41 -1.28 5.02
N TYR A 39 -3.35 -2.18 4.75
CA TYR A 39 -3.19 -3.16 3.68
C TYR A 39 -4.26 -2.97 2.61
N VAL A 40 -4.04 -3.58 1.44
CA VAL A 40 -4.98 -3.48 0.34
C VAL A 40 -6.15 -4.42 0.54
N LEU A 41 -7.35 -3.86 0.67
CA LEU A 41 -8.56 -4.65 0.87
C LEU A 41 -8.92 -5.43 -0.39
N ARG A 42 -9.05 -4.73 -1.51
CA ARG A 42 -9.39 -5.36 -2.77
C ARG A 42 -8.98 -4.47 -3.95
N LEU A 43 -8.66 -5.10 -5.08
CA LEU A 43 -8.25 -4.36 -6.27
C LEU A 43 -9.38 -4.33 -7.29
N ALA A 44 -9.40 -3.29 -8.11
CA ALA A 44 -10.42 -3.13 -9.13
C ALA A 44 -10.00 -3.84 -10.42
N GLU A 45 -10.72 -4.90 -10.78
CA GLU A 45 -10.42 -5.66 -11.98
C GLU A 45 -10.49 -4.76 -13.22
N ASP A 46 -11.18 -3.64 -13.08
CA ASP A 46 -11.32 -2.69 -14.19
C ASP A 46 -10.71 -1.34 -13.83
N GLY A 47 -9.99 -1.30 -12.72
CA GLY A 47 -9.37 -0.06 -12.28
C GLY A 47 -7.94 0.06 -12.77
N PRO A 48 -7.40 1.30 -12.70
CA PRO A 48 -6.02 1.58 -13.13
C PRO A 48 -4.98 0.96 -12.20
N ALA A 49 -5.42 0.58 -11.00
CA ALA A 49 -4.52 -0.03 -10.02
C ALA A 49 -4.16 -1.45 -10.41
N ILE A 50 -5.18 -2.29 -10.58
CA ILE A 50 -4.96 -3.69 -10.95
C ILE A 50 -4.14 -3.79 -12.23
N ARG A 51 -4.06 -2.69 -12.96
CA ARG A 51 -3.31 -2.65 -14.21
C ARG A 51 -1.86 -2.20 -13.97
N ASN A 52 -1.65 -1.53 -12.84
CA ASN A 52 -0.32 -1.05 -12.48
C ASN A 52 0.63 -2.22 -12.24
N GLY A 53 0.25 -3.10 -11.33
CA GLY A 53 1.09 -4.25 -11.02
C GLY A 53 1.95 -4.02 -9.79
N ARG A 54 2.71 -2.93 -9.81
CA ARG A 54 3.59 -2.60 -8.69
C ARG A 54 2.90 -2.87 -7.35
N MET A 55 1.58 -2.74 -7.34
CA MET A 55 0.80 -2.97 -6.13
C MET A 55 -0.34 -3.96 -6.39
N ARG A 56 -0.57 -4.85 -5.43
CA ARG A 56 -1.63 -5.85 -5.56
C ARG A 56 -2.43 -5.95 -4.27
N VAL A 57 -3.46 -6.78 -4.29
CA VAL A 57 -4.31 -6.97 -3.12
C VAL A 57 -3.75 -8.06 -2.21
N GLY A 58 -3.47 -7.69 -0.96
CA GLY A 58 -2.92 -8.64 -0.01
C GLY A 58 -1.54 -8.25 0.48
N ASP A 59 -1.11 -7.04 0.12
CA ASP A 59 0.21 -6.55 0.53
C ASP A 59 0.09 -5.65 1.75
N GLN A 60 1.21 -5.06 2.15
CA GLN A 60 1.23 -4.17 3.31
C GLN A 60 1.76 -2.80 2.93
N ILE A 61 0.96 -1.77 3.20
CA ILE A 61 1.35 -0.40 2.88
C ILE A 61 2.00 0.28 4.08
N ILE A 62 3.23 0.73 3.90
CA ILE A 62 3.96 1.40 4.97
C ILE A 62 3.97 2.91 4.77
N GLU A 63 3.73 3.34 3.53
CA GLU A 63 3.72 4.76 3.20
C GLU A 63 2.55 5.09 2.26
N ILE A 64 2.09 6.33 2.31
CA ILE A 64 0.99 6.77 1.47
C ILE A 64 1.17 8.23 1.05
N ASN A 65 1.18 8.47 -0.26
CA ASN A 65 1.33 9.82 -0.78
C ASN A 65 2.47 10.56 -0.06
N GLY A 66 3.63 9.93 0.00
CA GLY A 66 4.77 10.54 0.66
C GLY A 66 4.47 10.93 2.10
N GLU A 67 3.74 10.07 2.81
CA GLU A 67 3.37 10.33 4.20
C GLU A 67 3.40 9.05 5.02
N SER A 68 4.17 9.06 6.10
CA SER A 68 4.29 7.90 6.97
C SER A 68 2.93 7.46 7.47
N THR A 69 2.65 6.16 7.38
CA THR A 69 1.37 5.62 7.82
C THR A 69 1.55 4.80 9.10
N ARG A 70 2.10 5.44 10.13
CA ARG A 70 2.33 4.77 11.41
C ARG A 70 1.28 5.20 12.43
N ASP A 71 0.96 6.50 12.42
CA ASP A 71 -0.03 7.03 13.36
C ASP A 71 -1.22 7.62 12.60
N MET A 72 -1.75 6.84 11.65
CA MET A 72 -2.88 7.28 10.86
C MET A 72 -4.03 6.28 10.95
N THR A 73 -5.26 6.76 10.75
CA THR A 73 -6.43 5.90 10.81
C THR A 73 -6.95 5.58 9.42
N HIS A 74 -7.48 4.37 9.25
CA HIS A 74 -8.02 3.94 7.97
C HIS A 74 -8.65 5.12 7.22
N ALA A 75 -9.24 6.04 7.97
CA ALA A 75 -9.89 7.21 7.38
C ALA A 75 -8.86 8.10 6.69
N ARG A 76 -7.82 8.48 7.42
CA ARG A 76 -6.78 9.35 6.88
C ARG A 76 -6.32 8.83 5.52
N ALA A 77 -5.94 7.57 5.46
CA ALA A 77 -5.48 6.96 4.22
C ALA A 77 -6.50 7.16 3.10
N ILE A 78 -7.76 6.87 3.39
CA ILE A 78 -8.83 7.01 2.41
C ILE A 78 -8.98 8.47 1.98
N GLU A 79 -8.42 9.38 2.77
CA GLU A 79 -8.49 10.80 2.46
C GLU A 79 -7.25 11.26 1.70
N LEU A 80 -6.11 10.64 2.01
CA LEU A 80 -4.86 10.98 1.35
C LEU A 80 -4.89 10.59 -0.13
N ILE A 81 -5.51 9.45 -0.42
CA ILE A 81 -5.61 8.98 -1.79
C ILE A 81 -6.38 9.96 -2.65
N LYS A 82 -7.33 10.65 -2.05
CA LYS A 82 -8.14 11.63 -2.77
C LYS A 82 -7.61 13.05 -2.56
N SER A 83 -6.70 13.18 -1.60
CA SER A 83 -6.11 14.48 -1.30
C SER A 83 -4.97 14.80 -2.27
N GLY A 84 -4.29 13.76 -2.73
CA GLY A 84 -3.20 13.95 -3.66
C GLY A 84 -3.67 14.34 -5.05
N GLY A 85 -4.83 13.81 -5.45
CA GLY A 85 -5.38 14.11 -6.75
C GLY A 85 -5.66 12.86 -7.56
N ARG A 86 -5.16 12.82 -8.79
CA ARG A 86 -5.36 11.69 -9.67
C ARG A 86 -4.18 10.73 -9.60
N ARG A 87 -3.05 11.22 -9.11
CA ARG A 87 -1.85 10.41 -8.99
C ARG A 87 -1.54 10.10 -7.53
N VAL A 88 -1.46 8.82 -7.20
CA VAL A 88 -1.16 8.40 -5.84
C VAL A 88 0.06 7.48 -5.79
N ARG A 89 0.95 7.73 -4.85
CA ARG A 89 2.16 6.92 -4.69
C ARG A 89 2.32 6.43 -3.26
N LEU A 90 2.36 5.11 -3.09
CA LEU A 90 2.51 4.52 -1.78
C LEU A 90 3.57 3.43 -1.77
N LEU A 91 4.28 3.28 -0.66
CA LEU A 91 5.32 2.28 -0.54
C LEU A 91 4.73 0.92 -0.15
N LEU A 92 4.77 -0.02 -1.10
CA LEU A 92 4.25 -1.36 -0.85
C LEU A 92 5.32 -2.42 -1.08
N LYS A 93 5.33 -3.44 -0.24
CA LYS A 93 6.31 -4.52 -0.35
C LYS A 93 5.61 -5.87 -0.40
N ARG A 94 5.97 -6.68 -1.39
CA ARG A 94 5.38 -8.00 -1.56
C ARG A 94 6.16 -9.05 -0.76
N GLY A 95 5.44 -10.03 -0.22
CA GLY A 95 6.07 -11.07 0.57
C GLY A 95 6.50 -12.26 -0.29
N THR A 96 7.24 -12.00 -1.34
CA THR A 96 7.71 -13.04 -2.24
C THR A 96 9.04 -13.62 -1.76
N GLY A 97 9.59 -13.03 -0.71
CA GLY A 97 10.86 -13.50 -0.18
C GLY A 97 10.81 -13.74 1.32
N SER A 98 11.30 -14.88 1.76
CA SER A 98 11.30 -15.24 3.17
C SER A 98 12.59 -14.75 3.85
N GLY A 99 13.05 -13.57 3.43
CA GLY A 99 14.26 -13.02 4.01
C GLY A 99 15.14 -12.33 2.98
N PRO A 100 15.65 -11.14 3.32
CA PRO A 100 16.51 -10.37 2.43
C PRO A 100 17.88 -11.01 2.23
N SER A 101 18.83 -10.64 3.07
CA SER A 101 20.19 -11.18 2.98
C SER A 101 20.51 -12.04 4.21
N SER A 102 20.16 -13.31 4.14
CA SER A 102 20.41 -14.23 5.24
C SER A 102 21.02 -15.54 4.73
N GLY A 103 21.89 -16.14 5.54
CA GLY A 103 22.52 -17.39 5.15
C GLY A 103 21.58 -18.30 4.40
N GLY A 1 24.74 -4.33 8.05
CA GLY A 1 25.95 -5.11 8.11
C GLY A 1 25.89 -6.20 9.16
N SER A 2 24.97 -7.14 8.97
CA SER A 2 24.80 -8.25 9.92
C SER A 2 24.93 -7.76 11.36
N SER A 3 24.33 -6.60 11.64
CA SER A 3 24.39 -6.03 12.98
C SER A 3 23.03 -6.12 13.67
N GLY A 4 23.04 -6.06 15.00
CA GLY A 4 21.81 -6.13 15.75
C GLY A 4 20.86 -5.00 15.44
N SER A 5 19.97 -5.22 14.48
CA SER A 5 19.01 -4.20 14.08
C SER A 5 17.80 -4.83 13.41
N SER A 6 16.61 -4.46 13.88
CA SER A 6 15.36 -4.99 13.32
C SER A 6 15.26 -4.70 11.83
N GLY A 7 15.24 -5.76 11.01
CA GLY A 7 15.14 -5.58 9.59
C GLY A 7 14.72 -6.86 8.88
N GLN A 8 13.41 -7.09 8.82
CA GLN A 8 12.88 -8.28 8.17
C GLN A 8 11.87 -7.91 7.09
N ASP A 9 12.12 -6.78 6.42
CA ASP A 9 11.23 -6.32 5.37
C ASP A 9 11.61 -6.93 4.02
N PHE A 10 10.65 -7.55 3.36
CA PHE A 10 10.88 -8.18 2.07
C PHE A 10 11.52 -7.19 1.09
N ASP A 11 10.80 -6.11 0.79
CA ASP A 11 11.29 -5.09 -0.12
C ASP A 11 10.46 -3.82 -0.01
N TYR A 12 11.12 -2.71 0.30
CA TYR A 12 10.45 -1.43 0.43
C TYR A 12 10.43 -0.68 -0.89
N PHE A 13 9.43 -1.01 -1.72
CA PHE A 13 9.29 -0.36 -3.03
C PHE A 13 8.11 0.59 -3.04
N THR A 14 8.11 1.53 -3.99
CA THR A 14 7.04 2.51 -4.11
C THR A 14 6.10 2.14 -5.25
N VAL A 15 4.88 2.70 -5.20
CA VAL A 15 3.89 2.44 -6.23
C VAL A 15 3.52 3.71 -6.98
N ASP A 16 3.22 3.56 -8.26
CA ASP A 16 2.86 4.71 -9.09
C ASP A 16 1.66 4.37 -9.98
N MET A 17 0.54 5.06 -9.74
CA MET A 17 -0.67 4.83 -10.51
C MET A 17 -1.49 6.11 -10.62
N GLU A 18 -2.41 6.14 -11.58
CA GLU A 18 -3.27 7.30 -11.78
C GLU A 18 -4.73 6.97 -11.51
N LYS A 19 -5.58 7.98 -11.58
CA LYS A 19 -7.01 7.80 -11.35
C LYS A 19 -7.68 7.12 -12.55
N GLY A 20 -8.85 6.56 -12.33
CA GLY A 20 -9.57 5.89 -13.40
C GLY A 20 -11.02 6.31 -13.48
N ALA A 21 -11.88 5.41 -13.95
CA ALA A 21 -13.30 5.70 -14.06
C ALA A 21 -13.91 6.03 -12.71
N LYS A 22 -13.75 5.13 -11.75
CA LYS A 22 -14.29 5.33 -10.41
C LYS A 22 -13.17 5.51 -9.39
N GLY A 23 -12.05 6.06 -9.85
CA GLY A 23 -10.91 6.28 -8.96
C GLY A 23 -9.73 5.39 -9.31
N PHE A 24 -8.74 5.36 -8.43
CA PHE A 24 -7.55 4.54 -8.65
C PHE A 24 -7.92 3.07 -8.79
N GLY A 25 -9.12 2.71 -8.34
CA GLY A 25 -9.57 1.34 -8.42
C GLY A 25 -8.85 0.43 -7.45
N PHE A 26 -8.67 0.92 -6.22
CA PHE A 26 -7.98 0.15 -5.19
C PHE A 26 -8.45 0.58 -3.80
N SER A 27 -8.61 -0.40 -2.92
CA SER A 27 -9.06 -0.13 -1.55
C SER A 27 -7.97 -0.50 -0.54
N ILE A 28 -8.19 -0.11 0.72
CA ILE A 28 -7.23 -0.40 1.78
C ILE A 28 -7.94 -0.92 3.03
N ARG A 29 -7.15 -1.40 3.98
CA ARG A 29 -7.70 -1.93 5.23
C ARG A 29 -6.76 -1.65 6.40
N GLY A 30 -7.23 -1.92 7.61
CA GLY A 30 -6.41 -1.69 8.79
C GLY A 30 -6.12 -0.22 9.02
N GLY A 31 -5.25 0.06 9.99
CA GLY A 31 -4.91 1.44 10.28
C GLY A 31 -4.82 1.69 11.78
N ARG A 32 -4.40 2.90 12.15
CA ARG A 32 -4.26 3.28 13.54
C ARG A 32 -5.59 3.10 14.28
N GLU A 33 -6.67 2.94 13.52
CA GLU A 33 -7.99 2.76 14.10
C GLU A 33 -8.15 1.34 14.65
N TYR A 34 -7.53 0.37 13.98
CA TYR A 34 -7.60 -1.02 14.40
C TYR A 34 -6.26 -1.50 14.94
N LYS A 35 -5.36 -0.55 15.20
CA LYS A 35 -4.04 -0.87 15.73
C LYS A 35 -3.32 -1.86 14.82
N MET A 36 -3.31 -1.56 13.52
CA MET A 36 -2.65 -2.41 12.54
C MET A 36 -2.21 -1.61 11.32
N ASP A 37 -1.29 -2.17 10.55
CA ASP A 37 -0.78 -1.50 9.36
C ASP A 37 -1.88 -1.39 8.30
N LEU A 38 -1.59 -0.63 7.24
CA LEU A 38 -2.56 -0.43 6.16
C LEU A 38 -2.26 -1.38 4.99
N TYR A 39 -3.21 -2.25 4.68
CA TYR A 39 -3.04 -3.21 3.60
C TYR A 39 -4.10 -2.98 2.52
N VAL A 40 -3.91 -3.62 1.37
CA VAL A 40 -4.83 -3.48 0.26
C VAL A 40 -6.05 -4.40 0.44
N LEU A 41 -7.20 -3.80 0.71
CA LEU A 41 -8.43 -4.56 0.91
C LEU A 41 -8.79 -5.35 -0.36
N ARG A 42 -8.99 -4.63 -1.46
CA ARG A 42 -9.34 -5.25 -2.73
C ARG A 42 -8.97 -4.35 -3.90
N LEU A 43 -8.67 -4.96 -5.03
CA LEU A 43 -8.31 -4.21 -6.23
C LEU A 43 -9.45 -4.21 -7.24
N ALA A 44 -9.51 -3.15 -8.05
CA ALA A 44 -10.57 -3.02 -9.06
C ALA A 44 -10.15 -3.70 -10.36
N GLU A 45 -10.90 -4.73 -10.75
CA GLU A 45 -10.60 -5.46 -11.98
C GLU A 45 -10.72 -4.55 -13.20
N ASP A 46 -11.43 -3.43 -13.03
CA ASP A 46 -11.62 -2.48 -14.12
C ASP A 46 -11.02 -1.12 -13.77
N GLY A 47 -10.08 -1.12 -12.82
CA GLY A 47 -9.44 0.11 -12.40
C GLY A 47 -8.00 0.21 -12.86
N PRO A 48 -7.41 1.41 -12.73
CA PRO A 48 -6.02 1.65 -13.13
C PRO A 48 -5.02 0.95 -12.21
N ALA A 49 -5.43 0.70 -10.97
CA ALA A 49 -4.58 0.03 -10.00
C ALA A 49 -4.24 -1.38 -10.46
N ILE A 50 -5.25 -2.23 -10.53
CA ILE A 50 -5.07 -3.62 -10.95
C ILE A 50 -4.24 -3.69 -12.22
N ARG A 51 -4.26 -2.61 -13.00
CA ARG A 51 -3.50 -2.57 -14.26
C ARG A 51 -2.05 -2.21 -13.99
N ASN A 52 -1.81 -1.44 -12.94
CA ASN A 52 -0.46 -1.03 -12.58
C ASN A 52 0.43 -2.24 -12.32
N GLY A 53 0.05 -3.04 -11.33
CA GLY A 53 0.83 -4.22 -11.00
C GLY A 53 1.74 -4.00 -9.80
N ARG A 54 2.57 -2.95 -9.88
CA ARG A 54 3.49 -2.64 -8.80
C ARG A 54 2.88 -2.99 -7.44
N MET A 55 1.57 -2.86 -7.34
CA MET A 55 0.86 -3.15 -6.10
C MET A 55 -0.30 -4.10 -6.35
N ARG A 56 -0.55 -4.99 -5.39
CA ARG A 56 -1.63 -5.95 -5.51
C ARG A 56 -2.44 -6.04 -4.21
N VAL A 57 -3.38 -6.97 -4.15
CA VAL A 57 -4.21 -7.16 -2.97
C VAL A 57 -3.54 -8.08 -1.96
N GLY A 58 -3.66 -7.75 -0.69
CA GLY A 58 -3.07 -8.56 0.36
C GLY A 58 -1.71 -8.04 0.80
N ASP A 59 -1.13 -7.17 -0.02
CA ASP A 59 0.18 -6.60 0.29
C ASP A 59 0.12 -5.75 1.56
N GLN A 60 1.25 -5.16 1.93
CA GLN A 60 1.32 -4.34 3.12
C GLN A 60 1.82 -2.94 2.79
N ILE A 61 1.02 -1.93 3.11
CA ILE A 61 1.37 -0.55 2.84
C ILE A 61 1.97 0.11 4.07
N ILE A 62 3.12 0.76 3.90
CA ILE A 62 3.80 1.43 4.99
C ILE A 62 3.86 2.94 4.77
N GLU A 63 3.58 3.35 3.53
CA GLU A 63 3.60 4.77 3.18
C GLU A 63 2.45 5.12 2.25
N ILE A 64 1.99 6.36 2.32
CA ILE A 64 0.89 6.82 1.48
C ILE A 64 1.04 8.30 1.14
N ASN A 65 1.31 8.58 -0.13
CA ASN A 65 1.48 9.96 -0.58
C ASN A 65 2.61 10.65 0.17
N GLY A 66 3.56 9.85 0.66
CA GLY A 66 4.68 10.42 1.40
C GLY A 66 4.31 10.74 2.83
N GLU A 67 3.51 9.90 3.45
CA GLU A 67 3.08 10.10 4.83
C GLU A 67 3.44 8.90 5.70
N SER A 68 3.53 9.13 7.00
CA SER A 68 3.87 8.05 7.94
C SER A 68 2.63 7.25 8.31
N THR A 69 2.18 6.41 7.38
CA THR A 69 1.00 5.59 7.60
C THR A 69 0.98 5.03 9.02
N ARG A 70 2.16 4.85 9.60
CA ARG A 70 2.29 4.31 10.95
C ARG A 70 1.40 5.11 11.91
N ASP A 71 1.43 6.42 11.78
CA ASP A 71 0.63 7.29 12.66
C ASP A 71 -0.56 7.86 11.90
N MET A 72 -1.33 6.99 11.26
CA MET A 72 -2.51 7.40 10.51
C MET A 72 -3.61 6.35 10.58
N THR A 73 -4.86 6.81 10.61
CA THR A 73 -6.00 5.91 10.68
C THR A 73 -6.50 5.54 9.29
N HIS A 74 -7.21 4.41 9.21
CA HIS A 74 -7.74 3.95 7.94
C HIS A 74 -8.46 5.07 7.20
N ALA A 75 -9.08 5.97 7.96
CA ALA A 75 -9.80 7.09 7.38
C ALA A 75 -8.85 8.03 6.63
N ARG A 76 -7.77 8.41 7.30
CA ARG A 76 -6.78 9.31 6.70
C ARG A 76 -6.30 8.76 5.35
N ALA A 77 -5.68 7.59 5.38
CA ALA A 77 -5.18 6.96 4.16
C ALA A 77 -6.22 7.02 3.05
N ILE A 78 -7.50 7.02 3.42
CA ILE A 78 -8.58 7.07 2.46
C ILE A 78 -8.76 8.49 1.91
N GLU A 79 -8.46 9.47 2.75
CA GLU A 79 -8.60 10.87 2.36
C GLU A 79 -7.35 11.35 1.62
N LEU A 80 -6.23 10.67 1.86
CA LEU A 80 -4.97 11.03 1.22
C LEU A 80 -4.99 10.67 -0.26
N ILE A 81 -5.55 9.50 -0.58
CA ILE A 81 -5.63 9.05 -1.95
C ILE A 81 -6.43 10.02 -2.81
N LYS A 82 -7.40 10.68 -2.19
CA LYS A 82 -8.24 11.65 -2.89
C LYS A 82 -7.73 13.07 -2.68
N SER A 83 -6.84 13.23 -1.70
CA SER A 83 -6.28 14.54 -1.39
C SER A 83 -5.12 14.87 -2.33
N GLY A 84 -4.40 13.83 -2.76
CA GLY A 84 -3.27 14.03 -3.65
C GLY A 84 -3.70 14.44 -5.05
N GLY A 85 -4.77 13.81 -5.54
CA GLY A 85 -5.27 14.12 -6.87
C GLY A 85 -5.56 12.88 -7.68
N ARG A 86 -5.02 12.82 -8.90
CA ARG A 86 -5.23 11.68 -9.77
C ARG A 86 -4.07 10.70 -9.69
N ARG A 87 -2.92 11.19 -9.25
CA ARG A 87 -1.72 10.36 -9.13
C ARG A 87 -1.39 10.11 -7.65
N VAL A 88 -1.33 8.84 -7.28
CA VAL A 88 -1.01 8.46 -5.90
C VAL A 88 0.20 7.54 -5.85
N ARG A 89 1.02 7.70 -4.82
CA ARG A 89 2.20 6.88 -4.64
C ARG A 89 2.35 6.42 -3.20
N LEU A 90 2.26 5.11 -2.99
CA LEU A 90 2.37 4.54 -1.65
C LEU A 90 3.44 3.45 -1.62
N LEU A 91 4.08 3.29 -0.45
CA LEU A 91 5.12 2.29 -0.29
C LEU A 91 4.53 0.95 0.11
N LEU A 92 4.62 -0.03 -0.79
CA LEU A 92 4.10 -1.36 -0.53
C LEU A 92 5.21 -2.41 -0.57
N LYS A 93 4.96 -3.56 0.05
CA LYS A 93 5.94 -4.64 0.08
C LYS A 93 5.55 -5.75 -0.89
N ARG A 94 6.50 -6.13 -1.75
CA ARG A 94 6.26 -7.19 -2.73
C ARG A 94 6.87 -8.51 -2.26
N GLY A 95 6.03 -9.53 -2.15
CA GLY A 95 6.50 -10.84 -1.72
C GLY A 95 6.87 -11.73 -2.88
N THR A 96 8.05 -11.51 -3.45
CA THR A 96 8.53 -12.30 -4.58
C THR A 96 8.98 -13.68 -4.13
N GLY A 97 9.15 -13.84 -2.82
CA GLY A 97 9.59 -15.12 -2.28
C GLY A 97 8.59 -15.71 -1.30
N SER A 98 7.90 -16.76 -1.72
CA SER A 98 6.91 -17.41 -0.87
C SER A 98 7.52 -18.60 -0.13
N GLY A 99 8.76 -18.42 0.34
CA GLY A 99 9.43 -19.48 1.06
C GLY A 99 10.76 -19.86 0.42
N PRO A 100 11.71 -20.31 1.26
CA PRO A 100 13.05 -20.71 0.79
C PRO A 100 13.01 -22.00 -0.04
N SER A 101 14.19 -22.45 -0.47
CA SER A 101 14.28 -23.66 -1.27
C SER A 101 13.93 -24.89 -0.44
N SER A 102 14.63 -25.07 0.67
CA SER A 102 14.39 -26.21 1.55
C SER A 102 12.92 -26.30 1.95
N GLY A 103 12.19 -27.21 1.31
CA GLY A 103 10.78 -27.37 1.60
C GLY A 103 10.37 -28.83 1.68
N GLY A 1 25.55 -10.93 13.65
CA GLY A 1 24.48 -10.06 14.08
C GLY A 1 23.65 -10.67 15.19
N SER A 2 22.48 -11.18 14.83
CA SER A 2 21.58 -11.80 15.80
C SER A 2 21.36 -10.88 17.00
N SER A 3 21.26 -9.58 16.73
CA SER A 3 21.05 -8.59 17.78
C SER A 3 19.66 -8.74 18.40
N GLY A 4 18.66 -8.94 17.55
CA GLY A 4 17.30 -9.10 18.02
C GLY A 4 16.41 -9.78 17.01
N SER A 5 15.14 -9.38 16.98
CA SER A 5 14.17 -9.95 16.05
C SER A 5 13.98 -9.05 14.83
N SER A 6 15.09 -8.53 14.32
CA SER A 6 15.03 -7.64 13.16
C SER A 6 13.94 -8.07 12.19
N GLY A 7 13.33 -7.10 11.52
CA GLY A 7 12.27 -7.40 10.57
C GLY A 7 12.77 -7.50 9.15
N GLN A 8 12.37 -8.55 8.45
CA GLN A 8 12.79 -8.76 7.07
C GLN A 8 11.66 -8.45 6.10
N ASP A 9 11.86 -7.43 5.27
CA ASP A 9 10.84 -7.04 4.30
C ASP A 9 11.24 -7.48 2.90
N PHE A 10 10.24 -7.77 2.07
CA PHE A 10 10.48 -8.22 0.70
C PHE A 10 11.29 -7.18 -0.07
N ASP A 11 10.75 -5.98 -0.19
CA ASP A 11 11.43 -4.90 -0.90
C ASP A 11 10.64 -3.61 -0.79
N TYR A 12 11.24 -2.61 -0.13
CA TYR A 12 10.60 -1.31 0.05
C TYR A 12 10.52 -0.57 -1.27
N PHE A 13 9.50 -0.88 -2.06
CA PHE A 13 9.30 -0.23 -3.35
C PHE A 13 8.10 0.73 -3.30
N THR A 14 8.10 1.70 -4.22
CA THR A 14 7.03 2.68 -4.28
C THR A 14 6.04 2.35 -5.40
N VAL A 15 4.80 2.80 -5.24
CA VAL A 15 3.76 2.56 -6.24
C VAL A 15 3.41 3.82 -7.00
N ASP A 16 3.13 3.69 -8.29
CA ASP A 16 2.79 4.83 -9.13
C ASP A 16 1.61 4.49 -10.03
N MET A 17 0.44 5.03 -9.70
CA MET A 17 -0.77 4.80 -10.48
C MET A 17 -1.62 6.07 -10.57
N GLU A 18 -2.75 5.96 -11.26
CA GLU A 18 -3.64 7.10 -11.43
C GLU A 18 -5.05 6.75 -10.93
N LYS A 19 -5.90 7.77 -10.83
CA LYS A 19 -7.27 7.59 -10.37
C LYS A 19 -8.13 6.91 -11.45
N GLY A 20 -9.21 6.27 -11.03
CA GLY A 20 -10.09 5.60 -11.97
C GLY A 20 -11.55 5.93 -11.72
N ALA A 21 -12.34 4.89 -11.44
CA ALA A 21 -13.76 5.08 -11.20
C ALA A 21 -14.05 5.22 -9.70
N LYS A 22 -13.64 4.22 -8.93
CA LYS A 22 -13.84 4.24 -7.48
C LYS A 22 -12.55 4.59 -6.75
N GLY A 23 -11.72 5.41 -7.39
CA GLY A 23 -10.46 5.81 -6.79
C GLY A 23 -9.34 4.82 -7.05
N PHE A 24 -8.48 5.15 -8.00
CA PHE A 24 -7.36 4.28 -8.35
C PHE A 24 -7.79 2.81 -8.31
N GLY A 25 -9.07 2.56 -8.55
CA GLY A 25 -9.57 1.20 -8.54
C GLY A 25 -8.86 0.33 -7.53
N PHE A 26 -8.69 0.85 -6.32
CA PHE A 26 -8.02 0.11 -5.25
C PHE A 26 -8.50 0.56 -3.87
N SER A 27 -8.69 -0.40 -2.98
CA SER A 27 -9.15 -0.10 -1.63
C SER A 27 -8.08 -0.43 -0.60
N ILE A 28 -8.30 -0.03 0.64
CA ILE A 28 -7.36 -0.29 1.72
C ILE A 28 -8.08 -0.82 2.96
N ARG A 29 -7.30 -1.29 3.93
CA ARG A 29 -7.85 -1.84 5.16
C ARG A 29 -6.91 -1.60 6.33
N GLY A 30 -7.39 -1.88 7.54
CA GLY A 30 -6.57 -1.69 8.73
C GLY A 30 -6.32 -0.23 9.03
N GLY A 31 -5.33 0.03 9.88
CA GLY A 31 -5.01 1.40 10.24
C GLY A 31 -4.97 1.61 11.74
N ARG A 32 -4.35 2.71 12.17
CA ARG A 32 -4.25 3.02 13.58
C ARG A 32 -5.57 2.77 14.29
N GLU A 33 -6.67 2.88 13.55
CA GLU A 33 -7.99 2.67 14.12
C GLU A 33 -8.14 1.26 14.67
N TYR A 34 -7.59 0.29 13.94
CA TYR A 34 -7.66 -1.10 14.35
C TYR A 34 -6.32 -1.58 14.88
N LYS A 35 -5.43 -0.63 15.18
CA LYS A 35 -4.10 -0.94 15.70
C LYS A 35 -3.37 -1.89 14.76
N MET A 36 -3.41 -1.57 13.46
CA MET A 36 -2.74 -2.40 12.47
C MET A 36 -2.33 -1.57 11.26
N ASP A 37 -1.38 -2.07 10.47
CA ASP A 37 -0.90 -1.37 9.29
C ASP A 37 -2.00 -1.27 8.24
N LEU A 38 -1.75 -0.49 7.20
CA LEU A 38 -2.71 -0.30 6.12
C LEU A 38 -2.42 -1.25 4.96
N TYR A 39 -3.37 -2.12 4.66
CA TYR A 39 -3.23 -3.07 3.56
C TYR A 39 -4.24 -2.81 2.47
N VAL A 40 -4.04 -3.45 1.31
CA VAL A 40 -4.93 -3.28 0.17
C VAL A 40 -6.12 -4.24 0.26
N LEU A 41 -7.26 -3.71 0.70
CA LEU A 41 -8.47 -4.52 0.84
C LEU A 41 -8.70 -5.37 -0.42
N ARG A 42 -8.87 -4.70 -1.55
CA ARG A 42 -9.10 -5.39 -2.81
C ARG A 42 -8.71 -4.50 -3.99
N LEU A 43 -8.60 -5.11 -5.17
CA LEU A 43 -8.23 -4.39 -6.38
C LEU A 43 -9.37 -4.40 -7.39
N ALA A 44 -9.44 -3.35 -8.20
CA ALA A 44 -10.49 -3.24 -9.23
C ALA A 44 -10.04 -3.90 -10.52
N GLU A 45 -10.74 -4.96 -10.92
CA GLU A 45 -10.42 -5.67 -12.14
C GLU A 45 -10.41 -4.73 -13.34
N ASP A 46 -11.22 -3.68 -13.25
CA ASP A 46 -11.32 -2.70 -14.33
C ASP A 46 -10.77 -1.34 -13.88
N GLY A 47 -9.84 -1.36 -12.93
CA GLY A 47 -9.26 -0.13 -12.43
C GLY A 47 -7.82 0.05 -12.85
N PRO A 48 -7.27 1.25 -12.62
CA PRO A 48 -5.89 1.57 -12.98
C PRO A 48 -4.88 0.82 -12.12
N ALA A 49 -5.29 0.45 -10.91
CA ALA A 49 -4.42 -0.26 -9.98
C ALA A 49 -4.09 -1.66 -10.51
N ILE A 50 -5.11 -2.52 -10.57
CA ILE A 50 -4.92 -3.88 -11.05
C ILE A 50 -4.13 -3.90 -12.35
N ARG A 51 -4.14 -2.78 -13.07
CA ARG A 51 -3.41 -2.68 -14.32
C ARG A 51 -1.97 -2.23 -14.08
N ASN A 52 -1.77 -1.46 -13.02
CA ASN A 52 -0.44 -0.97 -12.68
C ASN A 52 0.52 -2.12 -12.42
N GLY A 53 0.19 -2.95 -11.43
CA GLY A 53 1.03 -4.08 -11.09
C GLY A 53 1.92 -3.82 -9.88
N ARG A 54 2.68 -2.73 -9.95
CA ARG A 54 3.57 -2.37 -8.85
C ARG A 54 2.95 -2.74 -7.50
N MET A 55 1.63 -2.68 -7.43
CA MET A 55 0.93 -3.00 -6.19
C MET A 55 -0.24 -3.94 -6.47
N ARG A 56 -0.52 -4.84 -5.54
CA ARG A 56 -1.60 -5.80 -5.68
C ARG A 56 -2.32 -6.02 -4.35
N VAL A 57 -3.51 -6.61 -4.41
CA VAL A 57 -4.29 -6.87 -3.22
C VAL A 57 -3.65 -7.96 -2.36
N GLY A 58 -3.56 -7.71 -1.06
CA GLY A 58 -2.97 -8.68 -0.16
C GLY A 58 -1.58 -8.27 0.30
N ASP A 59 -1.22 -7.02 0.04
CA ASP A 59 0.09 -6.50 0.43
C ASP A 59 -0.02 -5.63 1.67
N GLN A 60 1.12 -5.09 2.12
CA GLN A 60 1.15 -4.25 3.31
C GLN A 60 1.73 -2.87 2.98
N ILE A 61 0.94 -1.83 3.19
CA ILE A 61 1.38 -0.48 2.92
C ILE A 61 1.95 0.18 4.17
N ILE A 62 3.19 0.65 4.07
CA ILE A 62 3.86 1.30 5.19
C ILE A 62 3.83 2.81 5.05
N GLU A 63 3.75 3.28 3.80
CA GLU A 63 3.71 4.71 3.53
C GLU A 63 2.63 5.04 2.50
N ILE A 64 2.17 6.29 2.52
CA ILE A 64 1.14 6.73 1.58
C ILE A 64 1.34 8.19 1.20
N ASN A 65 1.31 8.47 -0.09
CA ASN A 65 1.49 9.83 -0.59
C ASN A 65 2.70 10.50 0.07
N GLY A 66 3.78 9.74 0.20
CA GLY A 66 4.98 10.28 0.82
C GLY A 66 4.80 10.60 2.28
N GLU A 67 3.89 9.89 2.93
CA GLU A 67 3.62 10.11 4.35
C GLU A 67 3.64 8.78 5.12
N SER A 68 4.40 8.76 6.21
CA SER A 68 4.53 7.56 7.03
C SER A 68 3.17 7.14 7.58
N THR A 69 2.80 5.88 7.34
CA THR A 69 1.52 5.36 7.81
C THR A 69 1.67 4.68 9.17
N ARG A 70 2.32 5.38 10.10
CA ARG A 70 2.53 4.84 11.45
C ARG A 70 1.47 5.37 12.40
N ASP A 71 1.13 6.65 12.27
CA ASP A 71 0.14 7.28 13.13
C ASP A 71 -1.04 7.79 12.31
N MET A 72 -1.60 6.92 11.47
CA MET A 72 -2.74 7.29 10.63
C MET A 72 -3.84 6.24 10.73
N THR A 73 -5.09 6.70 10.65
CA THR A 73 -6.24 5.81 10.74
C THR A 73 -6.81 5.52 9.35
N HIS A 74 -7.37 4.33 9.18
CA HIS A 74 -7.95 3.93 7.90
C HIS A 74 -8.60 5.12 7.20
N ALA A 75 -9.14 6.04 7.99
CA ALA A 75 -9.79 7.22 7.45
C ALA A 75 -8.78 8.12 6.73
N ARG A 76 -7.72 8.48 7.43
CA ARG A 76 -6.68 9.34 6.86
C ARG A 76 -6.25 8.82 5.49
N ALA A 77 -5.89 7.53 5.44
CA ALA A 77 -5.46 6.92 4.19
C ALA A 77 -6.46 7.16 3.07
N ILE A 78 -7.73 6.93 3.38
CA ILE A 78 -8.80 7.13 2.41
C ILE A 78 -8.90 8.58 1.98
N GLU A 79 -8.22 9.46 2.71
CA GLU A 79 -8.23 10.88 2.40
C GLU A 79 -7.02 11.26 1.56
N LEU A 80 -5.86 10.71 1.90
CA LEU A 80 -4.64 10.99 1.17
C LEU A 80 -4.77 10.59 -0.29
N ILE A 81 -5.45 9.48 -0.53
CA ILE A 81 -5.65 8.98 -1.89
C ILE A 81 -6.42 9.99 -2.73
N LYS A 82 -7.35 10.70 -2.09
CA LYS A 82 -8.16 11.70 -2.79
C LYS A 82 -7.58 13.10 -2.59
N SER A 83 -6.73 13.24 -1.58
CA SER A 83 -6.10 14.52 -1.28
C SER A 83 -4.87 14.75 -2.14
N GLY A 84 -4.40 13.68 -2.79
CA GLY A 84 -3.23 13.78 -3.63
C GLY A 84 -3.58 14.21 -5.05
N GLY A 85 -4.74 13.78 -5.54
CA GLY A 85 -5.17 14.13 -6.88
C GLY A 85 -5.47 12.91 -7.73
N ARG A 86 -5.10 12.98 -9.00
CA ARG A 86 -5.34 11.88 -9.92
C ARG A 86 -4.21 10.85 -9.84
N ARG A 87 -3.06 11.28 -9.34
CA ARG A 87 -1.91 10.39 -9.22
C ARG A 87 -1.56 10.15 -7.75
N VAL A 88 -1.48 8.88 -7.37
CA VAL A 88 -1.17 8.51 -5.99
C VAL A 88 0.07 7.62 -5.93
N ARG A 89 0.82 7.73 -4.83
CA ARG A 89 2.02 6.93 -4.65
C ARG A 89 2.16 6.48 -3.20
N LEU A 90 2.29 5.17 -3.02
CA LEU A 90 2.43 4.59 -1.68
C LEU A 90 3.50 3.51 -1.66
N LEU A 91 4.17 3.37 -0.52
CA LEU A 91 5.22 2.36 -0.38
C LEU A 91 4.63 1.00 -0.02
N LEU A 92 4.83 0.03 -0.90
CA LEU A 92 4.31 -1.32 -0.68
C LEU A 92 5.39 -2.36 -0.95
N LYS A 93 5.26 -3.52 -0.31
CA LYS A 93 6.21 -4.60 -0.49
C LYS A 93 5.53 -5.86 -1.01
N ARG A 94 6.09 -6.44 -2.07
CA ARG A 94 5.52 -7.65 -2.67
C ARG A 94 6.12 -8.89 -2.02
N GLY A 95 5.25 -9.82 -1.63
CA GLY A 95 5.71 -11.05 -1.00
C GLY A 95 6.28 -12.03 -2.00
N THR A 96 7.18 -11.56 -2.84
CA THR A 96 7.81 -12.40 -3.86
C THR A 96 9.06 -13.08 -3.31
N GLY A 97 9.68 -12.45 -2.31
CA GLY A 97 10.88 -13.03 -1.72
C GLY A 97 10.58 -13.85 -0.48
N SER A 98 9.51 -14.64 -0.55
CA SER A 98 9.11 -15.47 0.58
C SER A 98 9.07 -16.94 0.17
N GLY A 99 9.67 -17.79 1.00
CA GLY A 99 9.69 -19.21 0.71
C GLY A 99 10.47 -19.54 -0.55
N PRO A 100 9.88 -20.38 -1.41
CA PRO A 100 10.51 -20.79 -2.67
C PRO A 100 10.56 -19.65 -3.68
N SER A 101 11.70 -19.52 -4.34
CA SER A 101 11.90 -18.47 -5.34
C SER A 101 11.34 -18.89 -6.69
N SER A 102 10.18 -19.54 -6.67
CA SER A 102 9.55 -20.01 -7.90
C SER A 102 8.03 -19.81 -7.82
N GLY A 103 7.44 -19.45 -8.95
CA GLY A 103 6.00 -19.23 -9.01
C GLY A 103 5.43 -19.42 -10.39
N GLY A 1 24.85 -4.25 5.24
CA GLY A 1 23.45 -4.14 5.64
C GLY A 1 23.17 -4.83 6.96
N SER A 2 23.35 -4.11 8.07
CA SER A 2 23.11 -4.67 9.39
C SER A 2 21.65 -4.52 9.78
N SER A 3 20.75 -4.77 8.83
CA SER A 3 19.32 -4.66 9.09
C SER A 3 18.95 -5.31 10.42
N GLY A 4 17.86 -4.84 11.02
CA GLY A 4 17.42 -5.38 12.29
C GLY A 4 15.99 -4.99 12.62
N SER A 5 15.06 -5.39 11.77
CA SER A 5 13.65 -5.08 11.97
C SER A 5 13.48 -3.67 12.53
N SER A 6 14.33 -2.76 12.08
CA SER A 6 14.29 -1.37 12.54
C SER A 6 13.88 -0.44 11.41
N GLY A 7 12.58 -0.32 11.18
CA GLY A 7 12.08 0.54 10.13
C GLY A 7 11.73 -0.22 8.87
N GLN A 8 12.60 -0.16 7.86
CA GLN A 8 12.39 -0.85 6.61
C GLN A 8 12.43 -2.36 6.80
N ASP A 9 11.29 -3.02 6.57
CA ASP A 9 11.21 -4.46 6.72
C ASP A 9 12.02 -5.17 5.64
N PHE A 10 11.48 -5.19 4.42
CA PHE A 10 12.16 -5.84 3.30
C PHE A 10 11.39 -5.62 2.00
N ASP A 11 12.12 -5.36 0.93
CA ASP A 11 11.51 -5.14 -0.38
C ASP A 11 10.57 -3.93 -0.33
N TYR A 12 11.08 -2.79 0.11
CA TYR A 12 10.29 -1.58 0.20
C TYR A 12 10.33 -0.79 -1.11
N PHE A 13 9.34 -1.03 -1.97
CA PHE A 13 9.27 -0.34 -3.25
C PHE A 13 8.15 0.69 -3.25
N THR A 14 8.13 1.54 -4.27
CA THR A 14 7.11 2.57 -4.40
C THR A 14 6.09 2.21 -5.47
N VAL A 15 4.90 2.81 -5.38
CA VAL A 15 3.84 2.55 -6.35
C VAL A 15 3.46 3.83 -7.10
N ASP A 16 3.16 3.68 -8.38
CA ASP A 16 2.77 4.82 -9.21
C ASP A 16 1.57 4.47 -10.08
N MET A 17 0.44 5.12 -9.81
CA MET A 17 -0.78 4.88 -10.57
C MET A 17 -1.64 6.14 -10.62
N GLU A 18 -2.72 6.08 -11.39
CA GLU A 18 -3.63 7.21 -11.53
C GLU A 18 -5.03 6.85 -11.04
N LYS A 19 -5.92 7.84 -11.02
CA LYS A 19 -7.29 7.64 -10.58
C LYS A 19 -8.16 7.12 -11.73
N GLY A 20 -9.32 6.58 -11.39
CA GLY A 20 -10.22 6.06 -12.40
C GLY A 20 -11.57 6.76 -12.40
N ALA A 21 -12.63 5.99 -12.23
CA ALA A 21 -13.98 6.55 -12.21
C ALA A 21 -14.35 7.03 -10.82
N LYS A 22 -14.24 6.13 -9.84
CA LYS A 22 -14.56 6.47 -8.46
C LYS A 22 -13.31 6.49 -7.60
N GLY A 23 -12.18 6.14 -8.20
CA GLY A 23 -10.92 6.12 -7.47
C GLY A 23 -9.84 5.35 -8.19
N PHE A 24 -8.80 4.97 -7.47
CA PHE A 24 -7.70 4.22 -8.05
C PHE A 24 -8.02 2.73 -8.12
N GLY A 25 -9.28 2.42 -8.42
CA GLY A 25 -9.70 1.03 -8.50
C GLY A 25 -8.99 0.14 -7.50
N PHE A 26 -8.80 0.66 -6.28
CA PHE A 26 -8.13 -0.09 -5.23
C PHE A 26 -8.60 0.37 -3.85
N SER A 27 -8.80 -0.59 -2.95
CA SER A 27 -9.26 -0.29 -1.60
C SER A 27 -8.17 -0.62 -0.58
N ILE A 28 -8.41 -0.23 0.67
CA ILE A 28 -7.47 -0.49 1.74
C ILE A 28 -8.17 -1.00 3.00
N ARG A 29 -7.38 -1.44 3.97
CA ARG A 29 -7.93 -1.96 5.22
C ARG A 29 -6.96 -1.75 6.37
N GLY A 30 -7.43 -1.97 7.59
CA GLY A 30 -6.59 -1.78 8.76
C GLY A 30 -6.45 -0.33 9.14
N GLY A 31 -5.55 -0.06 10.09
CA GLY A 31 -5.33 1.31 10.53
C GLY A 31 -5.33 1.44 12.04
N ARG A 32 -5.00 2.62 12.54
CA ARG A 32 -4.96 2.88 13.97
C ARG A 32 -6.29 2.50 14.63
N GLU A 33 -7.35 2.48 13.81
CA GLU A 33 -8.68 2.15 14.31
C GLU A 33 -8.73 0.70 14.78
N TYR A 34 -8.01 -0.17 14.09
CA TYR A 34 -7.97 -1.59 14.44
C TYR A 34 -6.62 -1.98 15.02
N LYS A 35 -5.75 -0.98 15.18
CA LYS A 35 -4.42 -1.21 15.74
C LYS A 35 -3.60 -2.12 14.81
N MET A 36 -3.65 -1.84 13.52
CA MET A 36 -2.92 -2.62 12.54
C MET A 36 -2.49 -1.75 11.36
N ASP A 37 -1.53 -2.25 10.59
CA ASP A 37 -1.03 -1.51 9.42
C ASP A 37 -2.10 -1.41 8.35
N LEU A 38 -1.82 -0.60 7.33
CA LEU A 38 -2.76 -0.42 6.22
C LEU A 38 -2.43 -1.34 5.06
N TYR A 39 -3.38 -2.20 4.71
CA TYR A 39 -3.20 -3.15 3.61
C TYR A 39 -4.27 -2.96 2.54
N VAL A 40 -4.04 -3.55 1.38
CA VAL A 40 -4.99 -3.46 0.27
C VAL A 40 -6.13 -4.46 0.44
N LEU A 41 -7.31 -3.94 0.76
CA LEU A 41 -8.49 -4.78 0.95
C LEU A 41 -8.77 -5.60 -0.30
N ARG A 42 -8.98 -4.92 -1.43
CA ARG A 42 -9.26 -5.58 -2.69
C ARG A 42 -8.95 -4.67 -3.87
N LEU A 43 -8.57 -5.26 -4.99
CA LEU A 43 -8.24 -4.50 -6.19
C LEU A 43 -9.38 -4.57 -7.21
N ALA A 44 -9.51 -3.52 -8.02
CA ALA A 44 -10.55 -3.47 -9.04
C ALA A 44 -10.10 -4.14 -10.32
N GLU A 45 -10.80 -5.21 -10.70
CA GLU A 45 -10.47 -5.94 -11.92
C GLU A 45 -10.55 -5.04 -13.13
N ASP A 46 -11.25 -3.91 -13.01
CA ASP A 46 -11.40 -2.97 -14.10
C ASP A 46 -10.88 -1.59 -13.70
N GLY A 47 -9.94 -1.57 -12.75
CA GLY A 47 -9.37 -0.32 -12.30
C GLY A 47 -7.96 -0.10 -12.81
N PRO A 48 -7.46 1.15 -12.68
CA PRO A 48 -6.11 1.51 -13.12
C PRO A 48 -5.03 0.88 -12.25
N ALA A 49 -5.38 0.56 -11.01
CA ALA A 49 -4.44 -0.06 -10.08
C ALA A 49 -4.10 -1.48 -10.50
N ILE A 50 -5.11 -2.33 -10.57
CA ILE A 50 -4.91 -3.73 -10.95
C ILE A 50 -4.15 -3.82 -12.27
N ARG A 51 -4.13 -2.73 -13.02
CA ARG A 51 -3.44 -2.69 -14.30
C ARG A 51 -1.98 -2.31 -14.12
N ASN A 52 -1.69 -1.59 -13.04
CA ASN A 52 -0.32 -1.16 -12.74
C ASN A 52 0.58 -2.36 -12.47
N GLY A 53 0.22 -3.15 -11.46
CA GLY A 53 1.02 -4.32 -11.12
C GLY A 53 1.89 -4.09 -9.90
N ARG A 54 2.72 -3.04 -9.95
CA ARG A 54 3.61 -2.73 -8.85
C ARG A 54 2.93 -2.99 -7.50
N MET A 55 1.62 -2.75 -7.45
CA MET A 55 0.86 -2.96 -6.23
C MET A 55 -0.27 -3.96 -6.46
N ARG A 56 -0.47 -4.86 -5.50
CA ARG A 56 -1.52 -5.86 -5.61
C ARG A 56 -2.33 -5.94 -4.31
N VAL A 57 -3.37 -6.78 -4.32
CA VAL A 57 -4.22 -6.94 -3.15
C VAL A 57 -3.64 -7.98 -2.18
N GLY A 58 -3.42 -7.56 -0.94
CA GLY A 58 -2.88 -8.46 0.06
C GLY A 58 -1.53 -8.01 0.57
N ASP A 59 -1.05 -6.89 0.05
CA ASP A 59 0.24 -6.35 0.46
C ASP A 59 0.08 -5.41 1.65
N GLN A 60 1.20 -5.01 2.25
CA GLN A 60 1.19 -4.11 3.40
C GLN A 60 1.77 -2.75 3.04
N ILE A 61 0.97 -1.70 3.20
CA ILE A 61 1.41 -0.35 2.89
C ILE A 61 2.05 0.31 4.11
N ILE A 62 3.24 0.87 3.91
CA ILE A 62 3.95 1.54 5.00
C ILE A 62 4.05 3.04 4.75
N GLU A 63 3.77 3.45 3.53
CA GLU A 63 3.83 4.85 3.15
C GLU A 63 2.67 5.23 2.22
N ILE A 64 2.34 6.51 2.17
CA ILE A 64 1.26 6.99 1.33
C ILE A 64 1.56 8.39 0.79
N ASN A 65 1.33 8.58 -0.51
CA ASN A 65 1.58 9.87 -1.14
C ASN A 65 2.92 10.45 -0.70
N GLY A 66 3.84 9.56 -0.33
CA GLY A 66 5.16 10.01 0.11
C GLY A 66 5.16 10.46 1.55
N GLU A 67 4.30 9.85 2.37
CA GLU A 67 4.21 10.20 3.78
C GLU A 67 4.25 8.95 4.66
N SER A 68 4.93 9.05 5.80
CA SER A 68 5.05 7.92 6.71
C SER A 68 3.72 7.66 7.42
N THR A 69 3.02 6.63 6.96
CA THR A 69 1.73 6.26 7.53
C THR A 69 1.90 5.77 8.97
N ARG A 70 2.16 6.69 9.88
CA ARG A 70 2.34 6.35 11.29
C ARG A 70 1.19 6.90 12.13
N ASP A 71 0.62 6.04 12.97
CA ASP A 71 -0.47 6.44 13.84
C ASP A 71 -1.60 7.07 13.03
N MET A 72 -1.96 6.43 11.92
CA MET A 72 -3.02 6.93 11.05
C MET A 72 -4.20 5.97 11.02
N THR A 73 -5.41 6.51 10.95
CA THR A 73 -6.61 5.70 10.92
C THR A 73 -7.05 5.41 9.49
N HIS A 74 -7.64 4.23 9.28
CA HIS A 74 -8.10 3.84 7.96
C HIS A 74 -8.69 5.02 7.20
N ALA A 75 -9.22 5.98 7.96
CA ALA A 75 -9.82 7.17 7.36
C ALA A 75 -8.75 8.05 6.72
N ARG A 76 -7.73 8.40 7.48
CA ARG A 76 -6.64 9.24 6.99
C ARG A 76 -6.16 8.76 5.62
N ALA A 77 -5.84 7.47 5.53
CA ALA A 77 -5.37 6.89 4.28
C ALA A 77 -6.36 7.15 3.14
N ILE A 78 -7.64 6.93 3.42
CA ILE A 78 -8.68 7.13 2.43
C ILE A 78 -8.78 8.61 2.03
N GLU A 79 -8.13 9.46 2.81
CA GLU A 79 -8.14 10.90 2.54
C GLU A 79 -6.95 11.30 1.66
N LEU A 80 -5.79 10.73 1.96
CA LEU A 80 -4.58 11.03 1.21
C LEU A 80 -4.73 10.59 -0.25
N ILE A 81 -5.33 9.43 -0.45
CA ILE A 81 -5.53 8.89 -1.79
C ILE A 81 -6.30 9.89 -2.66
N LYS A 82 -7.21 10.63 -2.05
CA LYS A 82 -7.99 11.63 -2.77
C LYS A 82 -7.40 13.02 -2.61
N SER A 83 -6.54 13.17 -1.61
CA SER A 83 -5.90 14.46 -1.35
C SER A 83 -4.77 14.72 -2.35
N GLY A 84 -4.12 13.65 -2.79
CA GLY A 84 -3.03 13.80 -3.74
C GLY A 84 -3.52 14.24 -5.11
N GLY A 85 -4.63 13.69 -5.55
CA GLY A 85 -5.18 14.05 -6.84
C GLY A 85 -5.47 12.83 -7.71
N ARG A 86 -5.23 12.97 -9.01
CA ARG A 86 -5.47 11.87 -9.94
C ARG A 86 -4.34 10.85 -9.89
N ARG A 87 -3.20 11.27 -9.36
CA ARG A 87 -2.03 10.40 -9.24
C ARG A 87 -1.69 10.13 -7.79
N VAL A 88 -1.56 8.85 -7.44
CA VAL A 88 -1.23 8.46 -6.07
C VAL A 88 0.02 7.58 -6.03
N ARG A 89 0.79 7.72 -4.96
CA ARG A 89 2.02 6.94 -4.80
C ARG A 89 2.20 6.49 -3.35
N LEU A 90 2.29 5.19 -3.14
CA LEU A 90 2.47 4.64 -1.81
C LEU A 90 3.55 3.57 -1.80
N LEU A 91 4.26 3.46 -0.67
CA LEU A 91 5.33 2.48 -0.53
C LEU A 91 4.77 1.12 -0.10
N LEU A 92 4.74 0.17 -1.04
CA LEU A 92 4.24 -1.16 -0.75
C LEU A 92 5.36 -2.20 -0.86
N LYS A 93 5.21 -3.29 -0.11
CA LYS A 93 6.20 -4.35 -0.11
C LYS A 93 5.53 -5.72 -0.22
N ARG A 94 6.00 -6.54 -1.16
CA ARG A 94 5.45 -7.87 -1.36
C ARG A 94 6.44 -8.95 -0.91
N GLY A 95 5.99 -9.82 -0.02
CA GLY A 95 6.86 -10.88 0.47
C GLY A 95 6.94 -12.05 -0.49
N THR A 96 7.27 -11.76 -1.75
CA THR A 96 7.39 -12.78 -2.77
C THR A 96 8.75 -13.45 -2.72
N GLY A 97 9.81 -12.65 -2.59
CA GLY A 97 11.15 -13.19 -2.54
C GLY A 97 11.77 -13.04 -1.17
N SER A 98 12.74 -12.14 -1.04
CA SER A 98 13.43 -11.91 0.22
C SER A 98 13.93 -13.23 0.82
N GLY A 99 14.24 -14.18 -0.06
CA GLY A 99 14.72 -15.47 0.39
C GLY A 99 13.74 -16.59 0.12
N PRO A 100 14.25 -17.83 0.05
CA PRO A 100 13.43 -19.01 -0.21
C PRO A 100 12.51 -19.35 0.96
N SER A 101 12.60 -18.55 2.02
CA SER A 101 11.77 -18.77 3.21
C SER A 101 10.33 -19.08 2.82
N SER A 102 9.77 -18.25 1.95
CA SER A 102 8.39 -18.44 1.51
C SER A 102 8.15 -19.88 1.10
N GLY A 103 7.21 -20.54 1.79
CA GLY A 103 6.90 -21.92 1.47
C GLY A 103 5.72 -22.44 2.28
N GLY A 1 23.87 -19.04 10.38
CA GLY A 1 22.77 -18.47 11.13
C GLY A 1 23.19 -17.28 11.97
N SER A 2 22.91 -16.08 11.47
CA SER A 2 23.26 -14.86 12.18
C SER A 2 22.02 -14.16 12.72
N SER A 3 22.23 -13.17 13.58
CA SER A 3 21.13 -12.43 14.18
C SER A 3 19.99 -12.24 13.18
N GLY A 4 20.35 -11.90 11.95
CA GLY A 4 19.36 -11.70 10.91
C GLY A 4 19.12 -10.23 10.62
N SER A 5 20.06 -9.62 9.90
CA SER A 5 19.95 -8.20 9.55
C SER A 5 18.58 -7.89 8.95
N SER A 6 18.20 -8.64 7.92
CA SER A 6 16.92 -8.44 7.26
C SER A 6 15.77 -8.90 8.15
N GLY A 7 14.83 -7.99 8.41
CA GLY A 7 13.70 -8.32 9.25
C GLY A 7 12.63 -9.10 8.51
N GLN A 8 11.47 -8.48 8.34
CA GLN A 8 10.36 -9.12 7.65
C GLN A 8 9.87 -8.26 6.48
N ASP A 9 10.79 -7.55 5.85
CA ASP A 9 10.45 -6.69 4.73
C ASP A 9 10.98 -7.26 3.41
N PHE A 10 10.09 -7.78 2.59
CA PHE A 10 10.47 -8.36 1.31
C PHE A 10 11.27 -7.36 0.48
N ASP A 11 10.67 -6.21 0.22
CA ASP A 11 11.32 -5.16 -0.57
C ASP A 11 10.56 -3.85 -0.47
N TYR A 12 11.22 -2.81 0.05
CA TYR A 12 10.59 -1.50 0.19
C TYR A 12 10.57 -0.76 -1.14
N PHE A 13 9.56 -1.06 -1.96
CA PHE A 13 9.41 -0.43 -3.26
C PHE A 13 8.25 0.56 -3.26
N THR A 14 8.27 1.49 -4.21
CA THR A 14 7.22 2.49 -4.32
C THR A 14 6.20 2.11 -5.38
N VAL A 15 5.00 2.68 -5.30
CA VAL A 15 3.94 2.40 -6.25
C VAL A 15 3.52 3.66 -6.99
N ASP A 16 3.22 3.52 -8.27
CA ASP A 16 2.80 4.65 -9.09
C ASP A 16 1.61 4.28 -9.96
N MET A 17 0.49 4.98 -9.77
CA MET A 17 -0.72 4.72 -10.54
C MET A 17 -1.58 5.97 -10.63
N GLU A 18 -2.61 5.91 -11.46
CA GLU A 18 -3.51 7.05 -11.64
C GLU A 18 -4.93 6.70 -11.16
N LYS A 19 -5.80 7.70 -11.15
CA LYS A 19 -7.18 7.50 -10.72
C LYS A 19 -8.12 7.38 -11.91
N GLY A 20 -9.05 6.43 -11.84
CA GLY A 20 -10.00 6.24 -12.92
C GLY A 20 -11.30 6.98 -12.69
N ALA A 21 -12.40 6.23 -12.62
CA ALA A 21 -13.71 6.81 -12.40
C ALA A 21 -14.08 6.80 -10.92
N LYS A 22 -14.07 5.62 -10.32
CA LYS A 22 -14.41 5.47 -8.91
C LYS A 22 -13.14 5.48 -8.06
N GLY A 23 -12.11 6.19 -8.51
CA GLY A 23 -10.87 6.26 -7.78
C GLY A 23 -9.77 5.44 -8.42
N PHE A 24 -8.76 5.08 -7.64
CA PHE A 24 -7.64 4.29 -8.14
C PHE A 24 -7.98 2.81 -8.17
N GLY A 25 -9.28 2.51 -8.29
CA GLY A 25 -9.72 1.13 -8.33
C GLY A 25 -8.98 0.26 -7.35
N PHE A 26 -8.77 0.77 -6.13
CA PHE A 26 -8.07 0.02 -5.09
C PHE A 26 -8.51 0.48 -3.71
N SER A 27 -8.81 -0.49 -2.85
CA SER A 27 -9.25 -0.19 -1.49
C SER A 27 -8.19 -0.58 -0.47
N ILE A 28 -8.34 -0.11 0.75
CA ILE A 28 -7.39 -0.42 1.81
C ILE A 28 -8.11 -0.93 3.05
N ARG A 29 -7.34 -1.43 4.02
CA ARG A 29 -7.90 -1.96 5.25
C ARG A 29 -6.95 -1.73 6.42
N GLY A 30 -7.44 -1.94 7.64
CA GLY A 30 -6.62 -1.76 8.82
C GLY A 30 -6.44 -0.29 9.17
N GLY A 31 -5.53 -0.01 10.10
CA GLY A 31 -5.27 1.35 10.51
C GLY A 31 -5.27 1.52 12.02
N ARG A 32 -4.73 2.64 12.48
CA ARG A 32 -4.67 2.91 13.92
C ARG A 32 -6.01 2.64 14.59
N GLU A 33 -7.07 2.71 13.81
CA GLU A 33 -8.42 2.47 14.33
C GLU A 33 -8.58 1.03 14.78
N TYR A 34 -7.98 0.11 14.03
CA TYR A 34 -8.06 -1.31 14.34
C TYR A 34 -6.73 -1.82 14.89
N LYS A 35 -5.85 -0.89 15.26
CA LYS A 35 -4.55 -1.25 15.81
C LYS A 35 -3.81 -2.19 14.86
N MET A 36 -3.73 -1.81 13.59
CA MET A 36 -3.05 -2.63 12.59
C MET A 36 -2.56 -1.76 11.43
N ASP A 37 -1.64 -2.30 10.64
CA ASP A 37 -1.10 -1.58 9.49
C ASP A 37 -2.13 -1.47 8.39
N LEU A 38 -1.83 -0.65 7.39
CA LEU A 38 -2.74 -0.46 6.25
C LEU A 38 -2.41 -1.41 5.11
N TYR A 39 -3.38 -2.23 4.74
CA TYR A 39 -3.19 -3.19 3.66
C TYR A 39 -4.25 -3.02 2.58
N VAL A 40 -4.02 -3.65 1.44
CA VAL A 40 -4.96 -3.56 0.32
C VAL A 40 -6.14 -4.51 0.52
N LEU A 41 -7.33 -3.94 0.71
CA LEU A 41 -8.54 -4.73 0.92
C LEU A 41 -8.90 -5.52 -0.35
N ARG A 42 -9.05 -4.81 -1.46
CA ARG A 42 -9.40 -5.43 -2.73
C ARG A 42 -9.00 -4.53 -3.90
N LEU A 43 -8.68 -5.16 -5.03
CA LEU A 43 -8.29 -4.41 -6.22
C LEU A 43 -9.42 -4.38 -7.25
N ALA A 44 -9.46 -3.33 -8.04
CA ALA A 44 -10.49 -3.17 -9.06
C ALA A 44 -10.06 -3.83 -10.38
N GLU A 45 -10.79 -4.86 -10.79
CA GLU A 45 -10.49 -5.58 -12.02
C GLU A 45 -10.54 -4.63 -13.22
N ASP A 46 -11.30 -3.55 -13.08
CA ASP A 46 -11.45 -2.58 -14.15
C ASP A 46 -10.96 -1.20 -13.70
N GLY A 47 -9.94 -1.20 -12.85
CA GLY A 47 -9.40 0.05 -12.34
C GLY A 47 -7.94 0.25 -12.75
N PRO A 48 -7.43 1.46 -12.53
CA PRO A 48 -6.04 1.81 -12.87
C PRO A 48 -5.03 1.10 -11.97
N ALA A 49 -5.48 0.68 -10.79
CA ALA A 49 -4.62 -0.02 -9.84
C ALA A 49 -4.25 -1.40 -10.35
N ILE A 50 -5.24 -2.28 -10.45
CA ILE A 50 -5.02 -3.63 -10.93
C ILE A 50 -4.20 -3.63 -12.22
N ARG A 51 -4.25 -2.52 -12.95
CA ARG A 51 -3.51 -2.40 -14.20
C ARG A 51 -2.04 -2.02 -13.94
N ASN A 52 -1.81 -1.31 -12.84
CA ASN A 52 -0.47 -0.90 -12.48
C ASN A 52 0.44 -2.10 -12.27
N GLY A 53 0.02 -3.01 -11.40
CA GLY A 53 0.81 -4.19 -11.13
C GLY A 53 1.75 -4.01 -9.95
N ARG A 54 2.55 -2.96 -9.98
CA ARG A 54 3.49 -2.68 -8.91
C ARG A 54 2.88 -3.00 -7.55
N MET A 55 1.56 -2.89 -7.46
CA MET A 55 0.85 -3.17 -6.21
C MET A 55 -0.27 -4.18 -6.44
N ARG A 56 -0.46 -5.07 -5.47
CA ARG A 56 -1.51 -6.09 -5.58
C ARG A 56 -2.19 -6.30 -4.23
N VAL A 57 -3.10 -7.26 -4.18
CA VAL A 57 -3.83 -7.57 -2.95
C VAL A 57 -3.02 -8.48 -2.04
N GLY A 58 -3.07 -8.23 -0.74
CA GLY A 58 -2.34 -9.04 0.21
C GLY A 58 -1.01 -8.42 0.60
N ASP A 59 -0.83 -7.14 0.28
CA ASP A 59 0.41 -6.44 0.59
C ASP A 59 0.21 -5.52 1.80
N GLN A 60 1.30 -4.92 2.27
CA GLN A 60 1.26 -4.02 3.41
C GLN A 60 1.81 -2.66 3.05
N ILE A 61 0.98 -1.62 3.18
CA ILE A 61 1.39 -0.27 2.87
C ILE A 61 2.04 0.40 4.08
N ILE A 62 3.25 0.90 3.88
CA ILE A 62 3.99 1.57 4.96
C ILE A 62 3.92 3.09 4.80
N GLU A 63 4.01 3.55 3.55
CA GLU A 63 3.96 4.99 3.27
C GLU A 63 2.84 5.31 2.27
N ILE A 64 2.39 6.55 2.28
CA ILE A 64 1.34 6.99 1.39
C ILE A 64 1.64 8.36 0.79
N ASN A 65 1.44 8.49 -0.52
CA ASN A 65 1.69 9.75 -1.21
C ASN A 65 2.99 10.39 -0.70
N GLY A 66 3.90 9.56 -0.19
CA GLY A 66 5.16 10.07 0.31
C GLY A 66 5.05 10.57 1.74
N GLU A 67 4.22 9.90 2.54
CA GLU A 67 4.03 10.29 3.93
C GLU A 67 3.91 9.06 4.82
N SER A 68 4.72 9.01 5.87
CA SER A 68 4.70 7.88 6.80
C SER A 68 3.27 7.54 7.21
N THR A 69 2.98 6.25 7.37
CA THR A 69 1.66 5.80 7.75
C THR A 69 1.71 5.00 9.05
N ARG A 70 2.32 5.58 10.08
CA ARG A 70 2.44 4.93 11.37
C ARG A 70 1.24 5.25 12.26
N ASP A 71 1.10 6.51 12.62
CA ASP A 71 -0.01 6.95 13.47
C ASP A 71 -1.15 7.52 12.62
N MET A 72 -1.73 6.66 11.79
CA MET A 72 -2.83 7.08 10.92
C MET A 72 -4.00 6.09 11.01
N THR A 73 -5.20 6.57 10.71
CA THR A 73 -6.39 5.73 10.76
C THR A 73 -6.90 5.44 9.35
N HIS A 74 -7.48 4.25 9.18
CA HIS A 74 -8.03 3.85 7.88
C HIS A 74 -8.63 5.04 7.15
N ALA A 75 -9.17 5.98 7.91
CA ALA A 75 -9.79 7.17 7.33
C ALA A 75 -8.74 8.06 6.67
N ARG A 76 -7.66 8.34 7.40
CA ARG A 76 -6.59 9.18 6.87
C ARG A 76 -6.14 8.69 5.50
N ALA A 77 -5.81 7.40 5.40
CA ALA A 77 -5.36 6.82 4.16
C ALA A 77 -6.37 7.08 3.04
N ILE A 78 -7.64 6.78 3.31
CA ILE A 78 -8.69 6.99 2.31
C ILE A 78 -8.77 8.45 1.89
N GLU A 79 -8.15 9.32 2.68
CA GLU A 79 -8.15 10.76 2.39
C GLU A 79 -6.94 11.13 1.53
N LEU A 80 -5.78 10.58 1.87
CA LEU A 80 -4.56 10.86 1.13
C LEU A 80 -4.69 10.43 -0.33
N ILE A 81 -5.36 9.30 -0.55
CA ILE A 81 -5.55 8.79 -1.90
C ILE A 81 -6.35 9.77 -2.75
N LYS A 82 -7.27 10.49 -2.12
CA LYS A 82 -8.10 11.47 -2.81
C LYS A 82 -7.53 12.87 -2.65
N SER A 83 -6.68 13.05 -1.64
CA SER A 83 -6.07 14.35 -1.37
C SER A 83 -4.98 14.66 -2.39
N GLY A 84 -4.29 13.62 -2.84
CA GLY A 84 -3.22 13.80 -3.82
C GLY A 84 -3.75 14.18 -5.18
N GLY A 85 -4.85 13.54 -5.59
CA GLY A 85 -5.43 13.84 -6.88
C GLY A 85 -5.64 12.58 -7.73
N ARG A 86 -5.35 12.68 -9.01
CA ARG A 86 -5.52 11.55 -9.92
C ARG A 86 -4.31 10.62 -9.85
N ARG A 87 -3.17 11.16 -9.43
CA ARG A 87 -1.94 10.38 -9.32
C ARG A 87 -1.57 10.16 -7.86
N VAL A 88 -1.44 8.88 -7.48
CA VAL A 88 -1.09 8.54 -6.11
C VAL A 88 0.17 7.67 -6.08
N ARG A 89 0.94 7.81 -5.00
CA ARG A 89 2.17 7.04 -4.84
C ARG A 89 2.35 6.59 -3.39
N LEU A 90 2.29 5.29 -3.17
CA LEU A 90 2.45 4.73 -1.82
C LEU A 90 3.51 3.64 -1.81
N LEU A 91 4.20 3.51 -0.70
CA LEU A 91 5.25 2.51 -0.55
C LEU A 91 4.65 1.17 -0.11
N LEU A 92 4.71 0.18 -1.00
CA LEU A 92 4.17 -1.14 -0.70
C LEU A 92 5.25 -2.20 -0.83
N LYS A 93 5.06 -3.34 -0.16
CA LYS A 93 6.02 -4.44 -0.21
C LYS A 93 5.38 -5.68 -0.80
N ARG A 94 6.05 -6.27 -1.79
CA ARG A 94 5.56 -7.47 -2.44
C ARG A 94 6.40 -8.69 -2.06
N GLY A 95 5.74 -9.83 -1.87
CA GLY A 95 6.44 -11.04 -1.51
C GLY A 95 7.04 -11.75 -2.71
N THR A 96 7.43 -10.97 -3.71
CA THR A 96 8.03 -11.53 -4.93
C THR A 96 9.41 -12.10 -4.64
N GLY A 97 10.18 -11.40 -3.82
CA GLY A 97 11.53 -11.86 -3.49
C GLY A 97 11.55 -13.30 -3.04
N SER A 98 11.08 -13.55 -1.82
CA SER A 98 11.06 -14.90 -1.28
C SER A 98 9.70 -15.57 -1.53
N GLY A 99 9.64 -16.35 -2.61
CA GLY A 99 8.39 -17.04 -2.94
C GLY A 99 8.40 -18.50 -2.52
N PRO A 100 7.76 -18.78 -1.37
CA PRO A 100 7.68 -20.14 -0.84
C PRO A 100 6.80 -21.05 -1.68
N SER A 101 6.68 -22.30 -1.26
CA SER A 101 5.86 -23.28 -1.98
C SER A 101 6.43 -23.53 -3.38
N SER A 102 7.75 -23.62 -3.46
CA SER A 102 8.42 -23.86 -4.74
C SER A 102 9.51 -24.91 -4.59
N GLY A 103 9.58 -25.83 -5.55
CA GLY A 103 10.58 -26.87 -5.52
C GLY A 103 10.15 -28.07 -4.69
N GLY A 1 21.17 -14.91 19.96
CA GLY A 1 22.56 -14.63 20.27
C GLY A 1 23.05 -13.37 19.58
N SER A 2 23.34 -13.47 18.29
CA SER A 2 23.82 -12.33 17.53
C SER A 2 22.86 -11.97 16.40
N SER A 3 21.57 -12.00 16.71
CA SER A 3 20.54 -11.67 15.74
C SER A 3 19.65 -10.54 16.23
N GLY A 4 20.08 -9.30 15.95
CA GLY A 4 19.32 -8.15 16.37
C GLY A 4 18.38 -7.64 15.29
N SER A 5 17.09 -7.90 15.45
CA SER A 5 16.10 -7.48 14.48
C SER A 5 16.43 -6.09 13.93
N SER A 6 16.79 -6.04 12.65
CA SER A 6 17.15 -4.78 12.01
C SER A 6 16.09 -4.37 10.99
N GLY A 7 14.82 -4.54 11.37
CA GLY A 7 13.73 -4.18 10.47
C GLY A 7 13.42 -5.29 9.48
N GLN A 8 12.17 -5.76 9.51
CA GLN A 8 11.75 -6.83 8.61
C GLN A 8 11.01 -6.26 7.41
N ASP A 9 11.55 -6.49 6.22
CA ASP A 9 10.94 -6.00 4.98
C ASP A 9 11.45 -6.78 3.79
N PHE A 10 10.53 -7.16 2.90
CA PHE A 10 10.87 -7.92 1.71
C PHE A 10 11.52 -7.01 0.66
N ASP A 11 10.85 -5.92 0.33
CA ASP A 11 11.35 -4.98 -0.66
C ASP A 11 10.61 -3.64 -0.57
N TYR A 12 11.28 -2.63 -0.02
CA TYR A 12 10.67 -1.31 0.12
C TYR A 12 10.57 -0.62 -1.24
N PHE A 13 9.56 -0.99 -2.01
CA PHE A 13 9.34 -0.39 -3.32
C PHE A 13 8.13 0.54 -3.31
N THR A 14 8.14 1.53 -4.19
CA THR A 14 7.05 2.49 -4.28
C THR A 14 6.08 2.11 -5.39
N VAL A 15 4.89 2.70 -5.36
CA VAL A 15 3.87 2.43 -6.37
C VAL A 15 3.42 3.71 -7.06
N ASP A 16 3.10 3.60 -8.35
CA ASP A 16 2.65 4.75 -9.13
C ASP A 16 1.44 4.38 -9.98
N MET A 17 0.31 5.05 -9.72
CA MET A 17 -0.91 4.79 -10.46
C MET A 17 -1.77 6.05 -10.55
N GLU A 18 -2.88 5.96 -11.26
CA GLU A 18 -3.79 7.09 -11.42
C GLU A 18 -5.19 6.76 -10.90
N LYS A 19 -6.03 7.77 -10.80
CA LYS A 19 -7.40 7.58 -10.31
C LYS A 19 -8.26 6.94 -11.39
N GLY A 20 -9.33 6.27 -10.95
CA GLY A 20 -10.22 5.61 -11.88
C GLY A 20 -11.68 5.95 -11.63
N ALA A 21 -12.49 4.92 -11.40
CA ALA A 21 -13.91 5.12 -11.14
C ALA A 21 -14.18 5.18 -9.64
N LYS A 22 -13.69 4.19 -8.91
CA LYS A 22 -13.89 4.13 -7.46
C LYS A 22 -12.60 4.49 -6.73
N GLY A 23 -11.78 5.32 -7.36
CA GLY A 23 -10.53 5.73 -6.76
C GLY A 23 -9.41 4.74 -7.02
N PHE A 24 -8.54 5.08 -7.96
CA PHE A 24 -7.41 4.21 -8.32
C PHE A 24 -7.83 2.74 -8.29
N GLY A 25 -9.12 2.50 -8.50
CA GLY A 25 -9.63 1.14 -8.50
C GLY A 25 -8.92 0.25 -7.48
N PHE A 26 -8.75 0.77 -6.27
CA PHE A 26 -8.08 0.03 -5.21
C PHE A 26 -8.56 0.48 -3.84
N SER A 27 -8.67 -0.48 -2.92
CA SER A 27 -9.13 -0.18 -1.57
C SER A 27 -8.08 -0.60 -0.53
N ILE A 28 -8.21 -0.07 0.68
CA ILE A 28 -7.28 -0.39 1.75
C ILE A 28 -8.01 -0.95 2.97
N ARG A 29 -7.24 -1.47 3.92
CA ARG A 29 -7.82 -2.05 5.13
C ARG A 29 -6.90 -1.85 6.32
N GLY A 30 -7.45 -1.95 7.52
CA GLY A 30 -6.66 -1.78 8.72
C GLY A 30 -6.49 -0.32 9.09
N GLY A 31 -5.50 -0.04 9.94
CA GLY A 31 -5.24 1.33 10.35
C GLY A 31 -5.24 1.49 11.87
N ARG A 32 -5.01 2.71 12.33
CA ARG A 32 -4.99 2.99 13.76
C ARG A 32 -6.32 2.62 14.41
N GLU A 33 -7.36 2.56 13.59
CA GLU A 33 -8.70 2.22 14.09
C GLU A 33 -8.75 0.78 14.56
N TYR A 34 -8.01 -0.10 13.89
CA TYR A 34 -7.98 -1.50 14.24
C TYR A 34 -6.61 -1.90 14.80
N LYS A 35 -5.79 -0.90 15.08
CA LYS A 35 -4.45 -1.13 15.62
C LYS A 35 -3.65 -2.04 14.70
N MET A 36 -3.64 -1.71 13.41
CA MET A 36 -2.91 -2.50 12.43
C MET A 36 -2.50 -1.64 11.24
N ASP A 37 -1.50 -2.11 10.49
CA ASP A 37 -1.02 -1.38 9.32
C ASP A 37 -2.09 -1.31 8.24
N LEU A 38 -1.86 -0.50 7.22
CA LEU A 38 -2.80 -0.35 6.12
C LEU A 38 -2.45 -1.28 4.97
N TYR A 39 -3.35 -2.21 4.67
CA TYR A 39 -3.14 -3.17 3.59
C TYR A 39 -4.14 -2.94 2.47
N VAL A 40 -3.87 -3.54 1.31
CA VAL A 40 -4.74 -3.41 0.15
C VAL A 40 -5.92 -4.37 0.24
N LEU A 41 -7.05 -3.87 0.74
CA LEU A 41 -8.25 -4.68 0.88
C LEU A 41 -8.50 -5.50 -0.38
N ARG A 42 -8.73 -4.81 -1.50
CA ARG A 42 -8.99 -5.47 -2.77
C ARG A 42 -8.59 -4.58 -3.94
N LEU A 43 -8.70 -5.11 -5.15
CA LEU A 43 -8.34 -4.36 -6.35
C LEU A 43 -9.49 -4.39 -7.36
N ALA A 44 -9.58 -3.33 -8.16
CA ALA A 44 -10.63 -3.23 -9.17
C ALA A 44 -10.19 -3.90 -10.48
N GLU A 45 -10.96 -4.91 -10.91
CA GLU A 45 -10.66 -5.62 -12.14
C GLU A 45 -10.65 -4.67 -13.33
N ASP A 46 -11.40 -3.59 -13.22
CA ASP A 46 -11.49 -2.60 -14.29
C ASP A 46 -10.93 -1.26 -13.84
N GLY A 47 -9.95 -1.30 -12.95
CA GLY A 47 -9.35 -0.07 -12.44
C GLY A 47 -7.91 0.09 -12.88
N PRO A 48 -7.35 1.29 -12.65
CA PRO A 48 -5.96 1.60 -13.03
C PRO A 48 -4.96 0.86 -12.17
N ALA A 49 -5.37 0.51 -10.95
CA ALA A 49 -4.50 -0.21 -10.03
C ALA A 49 -4.17 -1.60 -10.54
N ILE A 50 -5.19 -2.46 -10.60
CA ILE A 50 -5.01 -3.82 -11.08
C ILE A 50 -4.20 -3.86 -12.37
N ARG A 51 -4.19 -2.74 -13.09
CA ARG A 51 -3.46 -2.64 -14.34
C ARG A 51 -2.00 -2.25 -14.08
N ASN A 52 -1.78 -1.47 -13.01
CA ASN A 52 -0.44 -1.03 -12.66
C ASN A 52 0.48 -2.22 -12.41
N GLY A 53 0.12 -3.04 -11.43
CA GLY A 53 0.92 -4.20 -11.10
C GLY A 53 1.81 -3.98 -9.90
N ARG A 54 2.60 -2.92 -9.94
CA ARG A 54 3.50 -2.59 -8.83
C ARG A 54 2.91 -3.02 -7.50
N MET A 55 1.59 -2.89 -7.38
CA MET A 55 0.89 -3.26 -6.15
C MET A 55 -0.19 -4.29 -6.44
N ARG A 56 -0.39 -5.21 -5.50
CA ARG A 56 -1.40 -6.25 -5.65
C ARG A 56 -2.15 -6.48 -4.34
N VAL A 57 -3.08 -7.42 -4.36
CA VAL A 57 -3.87 -7.74 -3.16
C VAL A 57 -3.09 -8.64 -2.22
N GLY A 58 -3.07 -8.26 -0.94
CA GLY A 58 -2.35 -9.04 0.05
C GLY A 58 -1.00 -8.45 0.39
N ASP A 59 -0.89 -7.12 0.29
CA ASP A 59 0.36 -6.44 0.59
C ASP A 59 0.21 -5.53 1.81
N GLN A 60 1.32 -4.95 2.25
CA GLN A 60 1.31 -4.05 3.40
C GLN A 60 1.84 -2.68 3.03
N ILE A 61 0.98 -1.67 3.15
CA ILE A 61 1.36 -0.29 2.82
C ILE A 61 2.00 0.39 4.02
N ILE A 62 3.24 0.83 3.86
CA ILE A 62 3.96 1.51 4.93
C ILE A 62 3.90 3.02 4.75
N GLU A 63 3.82 3.48 3.50
CA GLU A 63 3.75 4.90 3.20
C GLU A 63 2.59 5.20 2.25
N ILE A 64 2.02 6.39 2.39
CA ILE A 64 0.91 6.80 1.55
C ILE A 64 1.03 8.27 1.15
N ASN A 65 1.33 8.51 -0.13
CA ASN A 65 1.48 9.86 -0.63
C ASN A 65 2.52 10.64 0.17
N GLY A 66 3.64 9.98 0.46
CA GLY A 66 4.69 10.63 1.22
C GLY A 66 4.26 10.99 2.63
N GLU A 67 3.51 10.09 3.26
CA GLU A 67 3.03 10.31 4.62
C GLU A 67 3.15 9.05 5.46
N SER A 68 3.77 9.19 6.63
CA SER A 68 3.96 8.05 7.53
C SER A 68 2.61 7.41 7.88
N THR A 69 2.52 6.10 7.66
CA THR A 69 1.30 5.37 7.95
C THR A 69 1.45 4.51 9.19
N ARG A 70 2.00 5.10 10.25
CA ARG A 70 2.20 4.39 11.50
C ARG A 70 1.17 4.81 12.55
N ASP A 71 0.84 6.09 12.56
CA ASP A 71 -0.14 6.62 13.51
C ASP A 71 -1.31 7.28 12.77
N MET A 72 -1.82 6.59 11.76
CA MET A 72 -2.94 7.10 10.97
C MET A 72 -4.12 6.12 11.02
N THR A 73 -5.33 6.66 10.85
CA THR A 73 -6.53 5.84 10.86
C THR A 73 -7.00 5.53 9.45
N HIS A 74 -7.52 4.32 9.25
CA HIS A 74 -8.01 3.90 7.95
C HIS A 74 -8.62 5.08 7.19
N ALA A 75 -9.28 5.98 7.92
CA ALA A 75 -9.90 7.14 7.32
C ALA A 75 -8.86 8.07 6.70
N ARG A 76 -7.85 8.43 7.49
CA ARG A 76 -6.78 9.30 7.02
C ARG A 76 -6.24 8.83 5.67
N ALA A 77 -5.94 7.54 5.59
CA ALA A 77 -5.42 6.97 4.36
C ALA A 77 -6.37 7.21 3.18
N ILE A 78 -7.65 6.91 3.39
CA ILE A 78 -8.66 7.11 2.36
C ILE A 78 -8.75 8.58 1.95
N GLU A 79 -8.15 9.44 2.75
CA GLU A 79 -8.17 10.88 2.48
C GLU A 79 -6.96 11.30 1.66
N LEU A 80 -5.81 10.73 2.00
CA LEU A 80 -4.57 11.04 1.29
C LEU A 80 -4.64 10.60 -0.17
N ILE A 81 -5.22 9.42 -0.39
CA ILE A 81 -5.36 8.88 -1.73
C ILE A 81 -6.07 9.87 -2.65
N LYS A 82 -7.03 10.60 -2.10
CA LYS A 82 -7.78 11.58 -2.86
C LYS A 82 -7.22 12.99 -2.66
N SER A 83 -6.38 13.14 -1.63
CA SER A 83 -5.78 14.42 -1.32
C SER A 83 -4.67 14.76 -2.33
N GLY A 84 -3.99 13.73 -2.81
CA GLY A 84 -2.92 13.95 -3.77
C GLY A 84 -3.44 14.38 -5.12
N GLY A 85 -4.58 13.84 -5.52
CA GLY A 85 -5.17 14.19 -6.80
C GLY A 85 -5.54 12.96 -7.62
N ARG A 86 -5.15 12.96 -8.89
CA ARG A 86 -5.44 11.85 -9.78
C ARG A 86 -4.32 10.81 -9.75
N ARG A 87 -3.16 11.21 -9.25
CA ARG A 87 -2.02 10.32 -9.17
C ARG A 87 -1.62 10.09 -7.71
N VAL A 88 -1.55 8.84 -7.30
CA VAL A 88 -1.17 8.49 -5.94
C VAL A 88 0.08 7.61 -5.92
N ARG A 89 0.92 7.81 -4.91
CA ARG A 89 2.14 7.04 -4.77
C ARG A 89 2.34 6.56 -3.34
N LEU A 90 2.24 5.25 -3.13
CA LEU A 90 2.40 4.67 -1.81
C LEU A 90 3.49 3.61 -1.81
N LEU A 91 4.17 3.46 -0.68
CA LEU A 91 5.25 2.48 -0.55
C LEU A 91 4.69 1.12 -0.13
N LEU A 92 4.85 0.13 -0.99
CA LEU A 92 4.36 -1.22 -0.70
C LEU A 92 5.48 -2.24 -0.86
N LYS A 93 5.37 -3.34 -0.11
CA LYS A 93 6.37 -4.40 -0.17
C LYS A 93 5.72 -5.77 -0.29
N ARG A 94 6.17 -6.55 -1.26
CA ARG A 94 5.61 -7.88 -1.49
C ARG A 94 6.60 -8.96 -1.06
N GLY A 95 6.09 -10.09 -0.61
CA GLY A 95 6.93 -11.18 -0.18
C GLY A 95 7.56 -11.93 -1.34
N THR A 96 6.75 -12.24 -2.34
CA THR A 96 7.23 -12.96 -3.52
C THR A 96 8.22 -14.05 -3.13
N GLY A 97 8.12 -14.53 -1.89
CA GLY A 97 9.01 -15.57 -1.42
C GLY A 97 8.93 -16.83 -2.25
N SER A 98 9.80 -16.93 -3.25
CA SER A 98 9.82 -18.09 -4.13
C SER A 98 9.54 -19.38 -3.35
N GLY A 99 9.00 -20.37 -4.03
CA GLY A 99 8.70 -21.63 -3.39
C GLY A 99 8.47 -22.75 -4.38
N PRO A 100 8.84 -23.99 -3.99
CA PRO A 100 8.68 -25.17 -4.84
C PRO A 100 7.21 -25.56 -5.02
N SER A 101 6.31 -24.74 -4.47
CA SER A 101 4.89 -25.00 -4.56
C SER A 101 4.32 -24.47 -5.88
N SER A 102 5.13 -24.52 -6.92
CA SER A 102 4.71 -24.04 -8.24
C SER A 102 3.37 -24.64 -8.64
N GLY A 103 3.25 -25.95 -8.48
CA GLY A 103 2.01 -26.63 -8.83
C GLY A 103 1.15 -26.91 -7.62
N GLY A 1 25.68 -5.68 10.60
CA GLY A 1 25.53 -5.19 11.97
C GLY A 1 24.40 -5.85 12.71
N SER A 2 24.08 -5.33 13.89
CA SER A 2 23.00 -5.88 14.70
C SER A 2 21.94 -4.82 14.99
N SER A 3 20.77 -5.00 14.38
CA SER A 3 19.66 -4.05 14.56
C SER A 3 18.48 -4.73 15.24
N GLY A 4 18.77 -5.54 16.26
CA GLY A 4 17.72 -6.24 16.98
C GLY A 4 17.08 -7.33 16.15
N SER A 5 16.29 -8.17 16.79
CA SER A 5 15.62 -9.28 16.11
C SER A 5 15.16 -8.86 14.73
N SER A 6 15.53 -9.65 13.71
CA SER A 6 15.16 -9.35 12.34
C SER A 6 13.74 -8.80 12.26
N GLY A 7 13.53 -7.84 11.37
CA GLY A 7 12.21 -7.24 11.20
C GLY A 7 11.47 -7.80 10.01
N GLN A 8 10.18 -8.08 10.20
CA GLN A 8 9.36 -8.62 9.12
C GLN A 8 9.03 -7.54 8.10
N ASP A 9 9.81 -7.51 7.02
CA ASP A 9 9.61 -6.53 5.96
C ASP A 9 10.04 -7.09 4.61
N PHE A 10 9.19 -6.89 3.60
CA PHE A 10 9.49 -7.38 2.25
C PHE A 10 10.10 -6.28 1.39
N ASP A 11 10.40 -6.61 0.15
CA ASP A 11 10.99 -5.64 -0.78
C ASP A 11 10.28 -4.30 -0.69
N TYR A 12 10.96 -3.32 -0.11
CA TYR A 12 10.39 -1.98 0.05
C TYR A 12 10.39 -1.24 -1.28
N PHE A 13 9.38 -1.50 -2.09
CA PHE A 13 9.26 -0.85 -3.40
C PHE A 13 8.12 0.17 -3.39
N THR A 14 8.28 1.21 -4.20
CA THR A 14 7.26 2.26 -4.29
C THR A 14 6.24 1.95 -5.38
N VAL A 15 5.12 2.68 -5.35
CA VAL A 15 4.07 2.48 -6.34
C VAL A 15 3.53 3.82 -6.84
N ASP A 16 3.31 3.90 -8.15
CA ASP A 16 2.79 5.12 -8.75
C ASP A 16 1.69 4.80 -9.78
N MET A 17 0.51 5.37 -9.54
CA MET A 17 -0.63 5.14 -10.42
C MET A 17 -1.53 6.36 -10.46
N GLU A 18 -2.46 6.39 -11.43
CA GLU A 18 -3.38 7.50 -11.56
C GLU A 18 -4.78 7.10 -11.12
N LYS A 19 -5.69 8.08 -11.07
CA LYS A 19 -7.06 7.84 -10.65
C LYS A 19 -7.90 7.35 -11.83
N GLY A 20 -9.06 6.77 -11.52
CA GLY A 20 -9.95 6.26 -12.55
C GLY A 20 -11.31 6.92 -12.52
N ALA A 21 -12.36 6.11 -12.43
CA ALA A 21 -13.72 6.60 -12.38
C ALA A 21 -14.13 6.98 -10.96
N LYS A 22 -14.02 6.02 -10.05
CA LYS A 22 -14.38 6.26 -8.65
C LYS A 22 -13.16 6.11 -7.75
N GLY A 23 -11.97 6.31 -8.32
CA GLY A 23 -10.74 6.21 -7.56
C GLY A 23 -9.68 5.44 -8.30
N PHE A 24 -8.64 5.02 -7.57
CA PHE A 24 -7.53 4.27 -8.17
C PHE A 24 -7.86 2.78 -8.21
N GLY A 25 -9.13 2.46 -8.44
CA GLY A 25 -9.55 1.08 -8.50
C GLY A 25 -8.86 0.21 -7.47
N PHE A 26 -8.68 0.75 -6.26
CA PHE A 26 -8.03 0.02 -5.19
C PHE A 26 -8.50 0.52 -3.83
N SER A 27 -8.63 -0.40 -2.88
CA SER A 27 -9.08 -0.06 -1.54
C SER A 27 -8.02 -0.40 -0.50
N ILE A 28 -8.25 0.01 0.74
CA ILE A 28 -7.32 -0.26 1.82
C ILE A 28 -8.04 -0.78 3.06
N ARG A 29 -7.27 -1.26 4.03
CA ARG A 29 -7.83 -1.78 5.27
C ARG A 29 -6.86 -1.61 6.42
N GLY A 30 -7.34 -1.86 7.64
CA GLY A 30 -6.50 -1.73 8.82
C GLY A 30 -6.23 -0.28 9.17
N GLY A 31 -5.40 -0.07 10.20
CA GLY A 31 -5.07 1.28 10.63
C GLY A 31 -5.14 1.44 12.13
N ARG A 32 -4.77 2.63 12.62
CA ARG A 32 -4.79 2.90 14.04
C ARG A 32 -6.15 2.61 14.65
N GLU A 33 -7.19 2.66 13.81
CA GLU A 33 -8.54 2.40 14.25
C GLU A 33 -8.71 0.95 14.69
N TYR A 34 -8.04 0.04 13.99
CA TYR A 34 -8.11 -1.38 14.30
C TYR A 34 -6.79 -1.87 14.89
N LYS A 35 -5.94 -0.93 15.29
CA LYS A 35 -4.65 -1.26 15.88
C LYS A 35 -3.88 -2.23 14.99
N MET A 36 -3.80 -1.91 13.70
CA MET A 36 -3.09 -2.75 12.74
C MET A 36 -2.55 -1.92 11.58
N ASP A 37 -1.66 -2.50 10.80
CA ASP A 37 -1.06 -1.82 9.66
C ASP A 37 -2.09 -1.63 8.54
N LEU A 38 -1.72 -0.87 7.53
CA LEU A 38 -2.61 -0.61 6.40
C LEU A 38 -2.32 -1.57 5.25
N TYR A 39 -3.36 -2.23 4.75
CA TYR A 39 -3.22 -3.17 3.65
C TYR A 39 -4.22 -2.87 2.54
N VAL A 40 -4.02 -3.50 1.39
CA VAL A 40 -4.91 -3.31 0.24
C VAL A 40 -6.12 -4.22 0.33
N LEU A 41 -7.24 -3.68 0.80
CA LEU A 41 -8.47 -4.45 0.92
C LEU A 41 -8.70 -5.31 -0.31
N ARG A 42 -8.91 -4.66 -1.45
CA ARG A 42 -9.15 -5.36 -2.71
C ARG A 42 -8.76 -4.49 -3.89
N LEU A 43 -8.66 -5.11 -5.07
CA LEU A 43 -8.28 -4.39 -6.29
C LEU A 43 -9.43 -4.41 -7.29
N ALA A 44 -9.50 -3.37 -8.12
CA ALA A 44 -10.54 -3.27 -9.13
C ALA A 44 -10.12 -3.93 -10.43
N GLU A 45 -10.86 -4.95 -10.84
CA GLU A 45 -10.55 -5.66 -12.07
C GLU A 45 -10.55 -4.72 -13.27
N ASP A 46 -11.36 -3.67 -13.18
CA ASP A 46 -11.44 -2.69 -14.26
C ASP A 46 -10.89 -1.33 -13.81
N GLY A 47 -9.92 -1.37 -12.89
CA GLY A 47 -9.33 -0.14 -12.40
C GLY A 47 -7.88 0.01 -12.80
N PRO A 48 -7.34 1.22 -12.62
CA PRO A 48 -5.94 1.52 -12.96
C PRO A 48 -4.95 0.83 -12.03
N ALA A 49 -5.41 0.53 -10.82
CA ALA A 49 -4.56 -0.13 -9.84
C ALA A 49 -4.21 -1.55 -10.27
N ILE A 50 -5.25 -2.36 -10.48
CA ILE A 50 -5.06 -3.75 -10.89
C ILE A 50 -4.23 -3.82 -12.17
N ARG A 51 -4.08 -2.69 -12.84
CA ARG A 51 -3.31 -2.62 -14.09
C ARG A 51 -1.87 -2.23 -13.81
N ASN A 52 -1.63 -1.62 -12.65
CA ASN A 52 -0.30 -1.20 -12.27
C ASN A 52 0.61 -2.39 -12.04
N GLY A 53 0.19 -3.30 -11.17
CA GLY A 53 0.97 -4.48 -10.87
C GLY A 53 1.84 -4.30 -9.64
N ARG A 54 2.63 -3.24 -9.63
CA ARG A 54 3.51 -2.95 -8.50
C ARG A 54 2.79 -3.15 -7.17
N MET A 55 1.47 -2.96 -7.19
CA MET A 55 0.66 -3.11 -5.99
C MET A 55 -0.40 -4.18 -6.19
N ARG A 56 -0.63 -4.99 -5.16
CA ARG A 56 -1.62 -6.06 -5.22
C ARG A 56 -2.44 -6.13 -3.93
N VAL A 57 -3.31 -7.12 -3.83
CA VAL A 57 -4.14 -7.30 -2.66
C VAL A 57 -3.49 -8.26 -1.67
N GLY A 58 -3.06 -7.72 -0.52
CA GLY A 58 -2.43 -8.55 0.49
C GLY A 58 -1.18 -7.90 1.06
N ASP A 59 -0.62 -6.94 0.34
CA ASP A 59 0.58 -6.25 0.78
C ASP A 59 0.26 -5.27 1.90
N GLN A 60 1.30 -4.63 2.43
CA GLN A 60 1.12 -3.66 3.52
C GLN A 60 1.64 -2.29 3.11
N ILE A 61 0.77 -1.30 3.14
CA ILE A 61 1.14 0.06 2.78
C ILE A 61 1.79 0.79 3.95
N ILE A 62 3.05 1.17 3.78
CA ILE A 62 3.79 1.86 4.83
C ILE A 62 3.90 3.35 4.52
N GLU A 63 3.72 3.71 3.25
CA GLU A 63 3.80 5.09 2.82
C GLU A 63 2.62 5.46 1.93
N ILE A 64 2.22 6.72 1.97
CA ILE A 64 1.10 7.20 1.16
C ILE A 64 1.37 8.61 0.62
N ASN A 65 1.23 8.77 -0.69
CA ASN A 65 1.45 10.06 -1.32
C ASN A 65 2.56 10.83 -0.61
N GLY A 66 3.68 10.17 -0.36
CA GLY A 66 4.79 10.80 0.32
C GLY A 66 4.41 11.35 1.68
N GLU A 67 3.65 10.57 2.43
CA GLU A 67 3.20 10.99 3.76
C GLU A 67 3.35 9.85 4.76
N SER A 68 4.29 9.99 5.69
CA SER A 68 4.53 8.97 6.70
C SER A 68 3.21 8.44 7.26
N THR A 69 2.90 7.20 6.90
CA THR A 69 1.67 6.56 7.36
C THR A 69 1.82 6.03 8.79
N ARG A 70 2.16 6.92 9.71
CA ARG A 70 2.34 6.54 11.11
C ARG A 70 1.24 7.13 11.98
N ASP A 71 0.73 6.33 12.92
CA ASP A 71 -0.32 6.78 13.81
C ASP A 71 -1.50 7.33 13.03
N MET A 72 -1.78 6.73 11.88
CA MET A 72 -2.89 7.16 11.04
C MET A 72 -4.04 6.15 11.09
N THR A 73 -5.25 6.62 10.79
CA THR A 73 -6.43 5.77 10.80
C THR A 73 -6.89 5.46 9.38
N HIS A 74 -7.41 4.26 9.19
CA HIS A 74 -7.90 3.83 7.87
C HIS A 74 -8.53 5.01 7.13
N ALA A 75 -9.21 5.87 7.88
CA ALA A 75 -9.86 7.03 7.29
C ALA A 75 -8.86 7.93 6.58
N ARG A 76 -7.74 8.23 7.26
CA ARG A 76 -6.71 9.08 6.69
C ARG A 76 -6.22 8.52 5.35
N ALA A 77 -5.66 7.32 5.38
CA ALA A 77 -5.16 6.68 4.17
C ALA A 77 -6.18 6.77 3.03
N ILE A 78 -7.46 6.82 3.40
CA ILE A 78 -8.53 6.91 2.42
C ILE A 78 -8.67 8.34 1.89
N GLU A 79 -8.36 9.31 2.74
CA GLU A 79 -8.45 10.71 2.34
C GLU A 79 -7.18 11.17 1.64
N LEU A 80 -6.08 10.47 1.91
CA LEU A 80 -4.80 10.80 1.30
C LEU A 80 -4.79 10.46 -0.19
N ILE A 81 -5.40 9.33 -0.54
CA ILE A 81 -5.47 8.91 -1.93
C ILE A 81 -6.25 9.91 -2.78
N LYS A 82 -7.20 10.58 -2.15
CA LYS A 82 -8.02 11.57 -2.85
C LYS A 82 -7.48 12.98 -2.61
N SER A 83 -6.60 13.12 -1.63
CA SER A 83 -6.01 14.41 -1.29
C SER A 83 -4.90 14.77 -2.27
N GLY A 84 -4.21 13.74 -2.76
CA GLY A 84 -3.13 13.97 -3.71
C GLY A 84 -3.62 14.46 -5.05
N GLY A 85 -4.73 13.89 -5.52
CA GLY A 85 -5.28 14.29 -6.80
C GLY A 85 -5.53 13.12 -7.72
N ARG A 86 -5.10 13.24 -8.97
CA ARG A 86 -5.28 12.16 -9.94
C ARG A 86 -4.12 11.18 -9.90
N ARG A 87 -3.02 11.60 -9.28
CA ARG A 87 -1.84 10.75 -9.16
C ARG A 87 -1.55 10.41 -7.71
N VAL A 88 -1.41 9.12 -7.41
CA VAL A 88 -1.14 8.67 -6.06
C VAL A 88 0.11 7.79 -6.02
N ARG A 89 0.87 7.91 -4.94
CA ARG A 89 2.09 7.13 -4.77
C ARG A 89 2.22 6.61 -3.35
N LEU A 90 2.35 5.29 -3.22
CA LEU A 90 2.48 4.66 -1.91
C LEU A 90 3.53 3.56 -1.94
N LEU A 91 4.20 3.36 -0.81
CA LEU A 91 5.23 2.33 -0.69
C LEU A 91 4.63 1.00 -0.27
N LEU A 92 4.60 0.04 -1.19
CA LEU A 92 4.06 -1.28 -0.91
C LEU A 92 5.12 -2.36 -1.13
N LYS A 93 5.09 -3.39 -0.29
CA LYS A 93 6.04 -4.49 -0.39
C LYS A 93 5.31 -5.83 -0.45
N ARG A 94 5.76 -6.68 -1.36
CA ARG A 94 5.14 -8.00 -1.53
C ARG A 94 6.10 -9.11 -1.09
N GLY A 95 5.55 -10.15 -0.47
CA GLY A 95 6.37 -11.25 -0.01
C GLY A 95 6.66 -12.26 -1.11
N THR A 96 7.09 -11.77 -2.27
CA THR A 96 7.40 -12.63 -3.39
C THR A 96 8.87 -13.03 -3.40
N GLY A 97 9.66 -12.36 -2.55
CA GLY A 97 11.08 -12.67 -2.48
C GLY A 97 11.35 -14.08 -2.00
N SER A 98 10.91 -14.38 -0.78
CA SER A 98 11.12 -15.70 -0.20
C SER A 98 10.37 -15.83 1.13
N GLY A 99 10.10 -17.07 1.52
CA GLY A 99 9.38 -17.31 2.77
C GLY A 99 9.87 -18.57 3.47
N PRO A 100 10.29 -18.42 4.74
CA PRO A 100 10.78 -19.54 5.55
C PRO A 100 9.66 -20.52 5.92
N SER A 101 9.70 -21.71 5.34
CA SER A 101 8.70 -22.73 5.62
C SER A 101 7.29 -22.15 5.45
N SER A 102 7.09 -21.40 4.38
CA SER A 102 5.79 -20.80 4.09
C SER A 102 4.83 -21.82 3.49
N GLY A 103 3.54 -21.63 3.74
CA GLY A 103 2.54 -22.55 3.23
C GLY A 103 1.12 -22.06 3.48
N GLY A 1 29.96 -0.08 8.98
CA GLY A 1 29.99 0.52 7.66
C GLY A 1 29.17 1.79 7.59
N SER A 2 27.87 1.66 7.84
CA SER A 2 26.97 2.81 7.80
C SER A 2 26.34 3.07 9.16
N SER A 3 26.55 4.28 9.68
CA SER A 3 26.01 4.65 10.99
C SER A 3 24.52 4.33 11.06
N GLY A 4 24.17 3.36 11.91
CA GLY A 4 22.78 2.98 12.07
C GLY A 4 22.48 1.64 11.43
N SER A 5 21.65 0.84 12.10
CA SER A 5 21.29 -0.48 11.60
C SER A 5 19.82 -0.53 11.22
N SER A 6 19.52 -0.30 9.95
CA SER A 6 18.15 -0.31 9.47
C SER A 6 17.87 -1.56 8.64
N GLY A 7 17.01 -2.43 9.16
CA GLY A 7 16.68 -3.66 8.45
C GLY A 7 16.30 -3.40 7.00
N GLN A 8 16.28 -4.47 6.21
CA GLN A 8 15.93 -4.36 4.79
C GLN A 8 14.80 -5.32 4.44
N ASP A 9 13.56 -4.82 4.51
CA ASP A 9 12.39 -5.63 4.20
C ASP A 9 12.58 -6.38 2.88
N PHE A 10 11.65 -7.27 2.57
CA PHE A 10 11.71 -8.03 1.33
C PHE A 10 12.14 -7.17 0.16
N ASP A 11 11.45 -6.03 -0.01
CA ASP A 11 11.76 -5.11 -1.09
C ASP A 11 10.92 -3.84 -0.98
N TYR A 12 11.55 -2.75 -0.56
CA TYR A 12 10.85 -1.48 -0.41
C TYR A 12 10.70 -0.78 -1.76
N PHE A 13 9.64 -1.11 -2.49
CA PHE A 13 9.39 -0.52 -3.79
C PHE A 13 8.20 0.45 -3.73
N THR A 14 8.26 1.49 -4.53
CA THR A 14 7.19 2.50 -4.57
C THR A 14 6.16 2.14 -5.63
N VAL A 15 4.98 2.76 -5.53
CA VAL A 15 3.90 2.52 -6.49
C VAL A 15 3.48 3.82 -7.17
N ASP A 16 3.16 3.73 -8.46
CA ASP A 16 2.74 4.89 -9.23
C ASP A 16 1.53 4.55 -10.10
N MET A 17 0.39 5.14 -9.78
CA MET A 17 -0.83 4.91 -10.53
C MET A 17 -1.70 6.16 -10.58
N GLU A 18 -2.84 6.06 -11.24
CA GLU A 18 -3.76 7.19 -11.36
C GLU A 18 -5.15 6.82 -10.86
N LYS A 19 -6.05 7.79 -10.84
CA LYS A 19 -7.42 7.57 -10.38
C LYS A 19 -8.20 6.74 -11.39
N GLY A 20 -9.31 6.17 -10.96
CA GLY A 20 -10.13 5.35 -11.84
C GLY A 20 -11.61 5.55 -11.61
N ALA A 21 -12.28 4.52 -11.12
CA ALA A 21 -13.71 4.59 -10.85
C ALA A 21 -13.98 4.96 -9.40
N LYS A 22 -13.45 4.17 -8.48
CA LYS A 22 -13.63 4.42 -7.06
C LYS A 22 -12.33 4.88 -6.42
N GLY A 23 -11.50 5.58 -7.20
CA GLY A 23 -10.24 6.06 -6.67
C GLY A 23 -9.12 5.05 -6.84
N PHE A 24 -8.38 5.16 -7.95
CA PHE A 24 -7.27 4.26 -8.22
C PHE A 24 -7.73 2.80 -8.11
N GLY A 25 -9.00 2.57 -8.41
CA GLY A 25 -9.54 1.23 -8.36
C GLY A 25 -8.82 0.35 -7.34
N PHE A 26 -8.65 0.87 -6.14
CA PHE A 26 -7.97 0.13 -5.08
C PHE A 26 -8.44 0.59 -3.70
N SER A 27 -8.66 -0.37 -2.81
CA SER A 27 -9.13 -0.08 -1.46
C SER A 27 -8.09 -0.52 -0.42
N ILE A 28 -8.20 0.02 0.78
CA ILE A 28 -7.28 -0.31 1.86
C ILE A 28 -8.04 -0.87 3.07
N ARG A 29 -7.29 -1.40 4.03
CA ARG A 29 -7.88 -1.96 5.23
C ARG A 29 -6.97 -1.74 6.45
N GLY A 30 -7.55 -1.84 7.64
CA GLY A 30 -6.78 -1.65 8.86
C GLY A 30 -6.56 -0.18 9.17
N GLY A 31 -5.62 0.09 10.07
CA GLY A 31 -5.32 1.46 10.45
C GLY A 31 -5.28 1.65 11.95
N ARG A 32 -5.01 2.88 12.38
CA ARG A 32 -4.94 3.19 13.80
C ARG A 32 -6.28 2.93 14.49
N GLU A 33 -7.35 2.91 13.69
CA GLU A 33 -8.68 2.68 14.23
C GLU A 33 -8.82 1.24 14.73
N TYR A 34 -8.13 0.32 14.07
CA TYR A 34 -8.18 -1.09 14.46
C TYR A 34 -6.84 -1.53 15.04
N LYS A 35 -5.94 -0.58 15.26
CA LYS A 35 -4.63 -0.88 15.82
C LYS A 35 -3.86 -1.84 14.93
N MET A 36 -3.81 -1.54 13.63
CA MET A 36 -3.11 -2.37 12.67
C MET A 36 -2.65 -1.56 11.47
N ASP A 37 -1.67 -2.09 10.74
CA ASP A 37 -1.14 -1.41 9.56
C ASP A 37 -2.20 -1.34 8.46
N LEU A 38 -1.89 -0.59 7.40
CA LEU A 38 -2.81 -0.44 6.28
C LEU A 38 -2.48 -1.44 5.17
N TYR A 39 -3.45 -2.29 4.84
CA TYR A 39 -3.27 -3.29 3.81
C TYR A 39 -4.30 -3.12 2.69
N VAL A 40 -4.00 -3.65 1.52
CA VAL A 40 -4.90 -3.57 0.37
C VAL A 40 -6.11 -4.46 0.56
N LEU A 41 -7.27 -3.84 0.79
CA LEU A 41 -8.51 -4.58 0.98
C LEU A 41 -8.87 -5.37 -0.26
N ARG A 42 -9.02 -4.66 -1.38
CA ARG A 42 -9.37 -5.29 -2.65
C ARG A 42 -8.92 -4.44 -3.83
N LEU A 43 -8.70 -5.09 -4.97
CA LEU A 43 -8.26 -4.38 -6.17
C LEU A 43 -9.33 -4.43 -7.25
N ALA A 44 -9.52 -3.32 -7.95
CA ALA A 44 -10.52 -3.23 -9.01
C ALA A 44 -9.99 -3.85 -10.30
N GLU A 45 -10.60 -4.95 -10.73
CA GLU A 45 -10.20 -5.63 -11.95
C GLU A 45 -10.32 -4.71 -13.15
N ASP A 46 -11.11 -3.65 -13.00
CA ASP A 46 -11.31 -2.68 -14.08
C ASP A 46 -10.77 -1.32 -13.70
N GLY A 47 -9.84 -1.31 -12.73
CA GLY A 47 -9.25 -0.06 -12.29
C GLY A 47 -7.82 0.11 -12.76
N PRO A 48 -7.28 1.32 -12.61
CA PRO A 48 -5.90 1.63 -13.01
C PRO A 48 -4.87 0.95 -12.13
N ALA A 49 -5.30 0.50 -10.97
CA ALA A 49 -4.41 -0.18 -10.02
C ALA A 49 -4.04 -1.56 -10.53
N ILE A 50 -5.01 -2.48 -10.53
CA ILE A 50 -4.77 -3.83 -10.99
C ILE A 50 -3.95 -3.86 -12.26
N ARG A 51 -4.01 -2.76 -13.03
CA ARG A 51 -3.27 -2.65 -14.28
C ARG A 51 -1.80 -2.32 -14.01
N ASN A 52 -1.57 -1.49 -12.99
CA ASN A 52 -0.22 -1.09 -12.63
C ASN A 52 0.64 -2.30 -12.30
N GLY A 53 0.23 -3.07 -11.30
CA GLY A 53 0.98 -4.25 -10.91
C GLY A 53 1.85 -4.02 -9.68
N ARG A 54 2.67 -2.96 -9.74
CA ARG A 54 3.56 -2.63 -8.64
C ARG A 54 2.91 -2.96 -7.30
N MET A 55 1.59 -2.82 -7.24
CA MET A 55 0.85 -3.11 -6.01
C MET A 55 -0.22 -4.17 -6.26
N ARG A 56 -0.48 -4.99 -5.25
CA ARG A 56 -1.48 -6.04 -5.36
C ARG A 56 -2.37 -6.09 -4.12
N VAL A 57 -3.26 -7.07 -4.07
CA VAL A 57 -4.17 -7.22 -2.94
C VAL A 57 -3.53 -8.04 -1.82
N GLY A 58 -3.86 -7.70 -0.58
CA GLY A 58 -3.30 -8.41 0.55
C GLY A 58 -1.87 -7.99 0.86
N ASP A 59 -1.55 -6.75 0.54
CA ASP A 59 -0.21 -6.23 0.78
C ASP A 59 -0.21 -5.27 1.97
N GLN A 60 0.99 -4.95 2.48
CA GLN A 60 1.12 -4.05 3.61
C GLN A 60 1.72 -2.72 3.17
N ILE A 61 0.93 -1.66 3.26
CA ILE A 61 1.38 -0.32 2.87
C ILE A 61 2.11 0.36 4.03
N ILE A 62 3.32 0.83 3.76
CA ILE A 62 4.11 1.52 4.78
C ILE A 62 4.12 3.02 4.55
N GLU A 63 3.90 3.43 3.30
CA GLU A 63 3.88 4.84 2.95
C GLU A 63 2.67 5.17 2.09
N ILE A 64 2.20 6.41 2.19
CA ILE A 64 1.04 6.86 1.42
C ILE A 64 1.17 8.33 1.04
N ASN A 65 1.48 8.57 -0.22
CA ASN A 65 1.63 9.94 -0.73
C ASN A 65 2.80 10.64 -0.05
N GLY A 66 3.82 9.86 0.31
CA GLY A 66 4.99 10.43 0.96
C GLY A 66 4.92 10.31 2.46
N GLU A 67 3.73 10.07 2.99
CA GLU A 67 3.53 9.93 4.42
C GLU A 67 4.03 8.58 4.92
N SER A 68 4.58 8.56 6.14
CA SER A 68 5.10 7.33 6.72
C SER A 68 3.98 6.53 7.38
N THR A 69 2.74 6.77 6.94
CA THR A 69 1.58 6.07 7.48
C THR A 69 1.78 5.76 8.97
N ARG A 70 2.29 6.73 9.71
CA ARG A 70 2.53 6.54 11.14
C ARG A 70 1.40 7.16 11.95
N ASP A 71 0.77 6.35 12.80
CA ASP A 71 -0.33 6.82 13.63
C ASP A 71 -1.47 7.38 12.79
N MET A 72 -1.80 6.66 11.71
CA MET A 72 -2.87 7.09 10.81
C MET A 72 -4.03 6.10 10.85
N THR A 73 -5.25 6.63 10.77
CA THR A 73 -6.44 5.79 10.80
C THR A 73 -6.93 5.49 9.39
N HIS A 74 -7.58 4.34 9.23
CA HIS A 74 -8.09 3.92 7.93
C HIS A 74 -8.67 5.12 7.18
N ALA A 75 -9.36 6.00 7.90
CA ALA A 75 -9.96 7.18 7.30
C ALA A 75 -8.91 8.06 6.65
N ARG A 76 -7.88 8.43 7.42
CA ARG A 76 -6.80 9.28 6.91
C ARG A 76 -6.30 8.76 5.57
N ALA A 77 -5.91 7.49 5.53
CA ALA A 77 -5.40 6.87 4.32
C ALA A 77 -6.37 7.08 3.16
N ILE A 78 -7.66 6.86 3.42
CA ILE A 78 -8.69 7.03 2.40
C ILE A 78 -8.83 8.49 2.00
N GLU A 79 -8.27 9.38 2.80
CA GLU A 79 -8.34 10.81 2.52
C GLU A 79 -7.09 11.28 1.76
N LEU A 80 -5.96 10.65 2.05
CA LEU A 80 -4.71 10.99 1.41
C LEU A 80 -4.72 10.60 -0.07
N ILE A 81 -5.27 9.42 -0.36
CA ILE A 81 -5.35 8.94 -1.73
C ILE A 81 -6.10 9.93 -2.62
N LYS A 82 -7.10 10.58 -2.05
CA LYS A 82 -7.90 11.56 -2.79
C LYS A 82 -7.38 12.98 -2.53
N SER A 83 -6.55 13.13 -1.51
CA SER A 83 -6.00 14.43 -1.15
C SER A 83 -4.94 14.87 -2.18
N GLY A 84 -4.17 13.91 -2.67
CA GLY A 84 -3.14 14.21 -3.64
C GLY A 84 -3.72 14.58 -5.00
N GLY A 85 -4.81 13.94 -5.38
CA GLY A 85 -5.44 14.23 -6.66
C GLY A 85 -5.76 12.97 -7.44
N ARG A 86 -5.34 12.94 -8.70
CA ARG A 86 -5.59 11.79 -9.56
C ARG A 86 -4.41 10.83 -9.55
N ARG A 87 -3.25 11.34 -9.14
CA ARG A 87 -2.03 10.53 -9.09
C ARG A 87 -1.63 10.25 -7.65
N VAL A 88 -1.51 8.97 -7.30
CA VAL A 88 -1.12 8.57 -5.96
C VAL A 88 0.13 7.71 -5.97
N ARG A 89 0.93 7.81 -4.92
CA ARG A 89 2.16 7.03 -4.80
C ARG A 89 2.37 6.53 -3.38
N LEU A 90 2.34 5.22 -3.21
CA LEU A 90 2.52 4.61 -1.90
C LEU A 90 3.59 3.54 -1.93
N LEU A 91 4.33 3.38 -0.84
CA LEU A 91 5.37 2.38 -0.75
C LEU A 91 4.81 1.03 -0.31
N LEU A 92 4.89 0.04 -1.18
CA LEU A 92 4.39 -1.30 -0.88
C LEU A 92 5.48 -2.35 -1.07
N LYS A 93 5.36 -3.45 -0.35
CA LYS A 93 6.33 -4.53 -0.44
C LYS A 93 5.64 -5.88 -0.59
N ARG A 94 6.04 -6.64 -1.60
CA ARG A 94 5.46 -7.95 -1.86
C ARG A 94 6.08 -9.01 -0.95
N GLY A 95 5.22 -9.81 -0.33
CA GLY A 95 5.70 -10.86 0.56
C GLY A 95 6.87 -11.62 -0.01
N THR A 96 6.66 -12.24 -1.17
CA THR A 96 7.71 -13.01 -1.82
C THR A 96 8.53 -13.80 -0.80
N GLY A 97 7.93 -14.09 0.34
CA GLY A 97 8.62 -14.83 1.37
C GLY A 97 8.58 -16.33 1.15
N SER A 98 9.76 -16.95 1.11
CA SER A 98 9.86 -18.39 0.90
C SER A 98 9.19 -18.78 -0.42
N GLY A 99 9.41 -17.95 -1.44
CA GLY A 99 8.83 -18.23 -2.75
C GLY A 99 7.38 -18.66 -2.66
N PRO A 100 6.48 -17.68 -2.54
CA PRO A 100 5.04 -17.93 -2.44
C PRO A 100 4.45 -18.44 -3.75
N SER A 101 5.29 -18.61 -4.75
CA SER A 101 4.86 -19.08 -6.05
C SER A 101 4.77 -20.61 -6.08
N SER A 102 4.03 -21.16 -5.12
CA SER A 102 3.86 -22.60 -5.02
C SER A 102 2.39 -22.99 -5.22
N GLY A 103 2.06 -23.42 -6.43
CA GLY A 103 0.70 -23.82 -6.74
C GLY A 103 0.62 -25.21 -7.31
N GLY A 1 31.49 -15.36 1.32
CA GLY A 1 31.31 -15.92 2.64
C GLY A 1 29.98 -15.52 3.26
N SER A 2 30.04 -14.84 4.40
CA SER A 2 28.84 -14.41 5.10
C SER A 2 28.20 -13.23 4.38
N SER A 3 26.97 -13.42 3.92
CA SER A 3 26.23 -12.37 3.22
C SER A 3 24.78 -12.76 3.04
N GLY A 4 23.89 -12.02 3.69
CA GLY A 4 22.47 -12.31 3.59
C GLY A 4 21.73 -12.03 4.89
N SER A 5 21.05 -10.88 4.94
CA SER A 5 20.30 -10.50 6.14
C SER A 5 18.81 -10.77 5.95
N SER A 6 18.03 -10.48 6.99
CA SER A 6 16.59 -10.70 6.94
C SER A 6 15.89 -10.02 8.12
N GLY A 7 14.78 -9.34 7.84
CA GLY A 7 14.05 -8.66 8.88
C GLY A 7 12.56 -8.64 8.64
N GLN A 8 11.89 -7.59 9.09
CA GLN A 8 10.45 -7.46 8.92
C GLN A 8 10.11 -7.17 7.45
N ASP A 9 10.87 -6.27 6.84
CA ASP A 9 10.63 -5.90 5.45
C ASP A 9 11.50 -6.75 4.52
N PHE A 10 10.97 -7.07 3.35
CA PHE A 10 11.69 -7.87 2.36
C PHE A 10 12.02 -7.05 1.13
N ASP A 11 11.15 -6.10 0.80
CA ASP A 11 11.36 -5.25 -0.36
C ASP A 11 10.55 -3.96 -0.23
N TYR A 12 11.25 -2.84 -0.04
CA TYR A 12 10.60 -1.54 0.09
C TYR A 12 10.56 -0.82 -1.24
N PHE A 13 9.48 -1.02 -1.99
CA PHE A 13 9.31 -0.38 -3.29
C PHE A 13 8.14 0.60 -3.28
N THR A 14 8.19 1.59 -4.16
CA THR A 14 7.14 2.59 -4.24
C THR A 14 6.16 2.26 -5.38
N VAL A 15 4.94 2.76 -5.25
CA VAL A 15 3.91 2.53 -6.27
C VAL A 15 3.53 3.83 -6.97
N ASP A 16 3.25 3.72 -8.26
CA ASP A 16 2.86 4.89 -9.05
C ASP A 16 1.69 4.57 -9.97
N MET A 17 0.55 5.19 -9.70
CA MET A 17 -0.65 4.97 -10.49
C MET A 17 -1.50 6.23 -10.55
N GLU A 18 -2.59 6.17 -11.32
CA GLU A 18 -3.49 7.31 -11.46
C GLU A 18 -4.91 6.94 -11.02
N LYS A 19 -5.79 7.92 -11.00
CA LYS A 19 -7.18 7.71 -10.60
C LYS A 19 -8.02 7.26 -11.79
N GLY A 20 -9.07 6.50 -11.50
CA GLY A 20 -9.95 6.02 -12.56
C GLY A 20 -11.29 6.73 -12.57
N ALA A 21 -12.36 5.95 -12.37
CA ALA A 21 -13.71 6.51 -12.36
C ALA A 21 -14.11 6.92 -10.95
N LYS A 22 -14.07 5.95 -10.03
CA LYS A 22 -14.43 6.21 -8.64
C LYS A 22 -13.24 6.04 -7.72
N GLY A 23 -12.04 6.28 -8.26
CA GLY A 23 -10.83 6.16 -7.47
C GLY A 23 -9.75 5.36 -8.18
N PHE A 24 -8.70 5.01 -7.46
CA PHE A 24 -7.60 4.24 -8.04
C PHE A 24 -7.93 2.75 -8.07
N GLY A 25 -9.19 2.44 -8.39
CA GLY A 25 -9.61 1.05 -8.45
C GLY A 25 -8.91 0.19 -7.43
N PHE A 26 -8.73 0.72 -6.22
CA PHE A 26 -8.06 -0.01 -5.15
C PHE A 26 -8.53 0.47 -3.79
N SER A 27 -8.72 -0.47 -2.87
CA SER A 27 -9.18 -0.14 -1.52
C SER A 27 -8.12 -0.51 -0.48
N ILE A 28 -8.30 -0.01 0.74
CA ILE A 28 -7.36 -0.29 1.82
C ILE A 28 -8.09 -0.80 3.05
N ARG A 29 -7.32 -1.26 4.04
CA ARG A 29 -7.89 -1.79 5.27
C ARG A 29 -6.93 -1.58 6.44
N GLY A 30 -7.41 -1.82 7.65
CA GLY A 30 -6.58 -1.66 8.84
C GLY A 30 -6.31 -0.20 9.16
N GLY A 31 -5.30 0.04 9.99
CA GLY A 31 -4.96 1.40 10.36
C GLY A 31 -4.92 1.60 11.87
N ARG A 32 -4.32 2.69 12.30
CA ARG A 32 -4.22 3.00 13.72
C ARG A 32 -5.53 2.70 14.44
N GLU A 33 -6.64 2.93 13.76
CA GLU A 33 -7.96 2.68 14.33
C GLU A 33 -8.06 1.25 14.84
N TYR A 34 -7.52 0.30 14.08
CA TYR A 34 -7.57 -1.10 14.47
C TYR A 34 -6.20 -1.57 14.94
N LYS A 35 -5.35 -0.63 15.31
CA LYS A 35 -4.01 -0.95 15.79
C LYS A 35 -3.30 -1.90 14.83
N MET A 36 -3.31 -1.56 13.55
CA MET A 36 -2.67 -2.39 12.53
C MET A 36 -2.27 -1.56 11.32
N ASP A 37 -1.34 -2.06 10.53
CA ASP A 37 -0.86 -1.37 9.35
C ASP A 37 -1.97 -1.27 8.30
N LEU A 38 -1.72 -0.50 7.25
CA LEU A 38 -2.70 -0.33 6.18
C LEU A 38 -2.42 -1.28 5.03
N TYR A 39 -3.37 -2.17 4.75
CA TYR A 39 -3.22 -3.14 3.67
C TYR A 39 -4.31 -2.94 2.62
N VAL A 40 -4.12 -3.56 1.46
CA VAL A 40 -5.07 -3.47 0.36
C VAL A 40 -6.25 -4.42 0.56
N LEU A 41 -7.42 -3.86 0.83
CA LEU A 41 -8.62 -4.66 1.04
C LEU A 41 -8.97 -5.47 -0.21
N ARG A 42 -9.12 -4.78 -1.34
CA ARG A 42 -9.45 -5.43 -2.60
C ARG A 42 -8.99 -4.58 -3.78
N LEU A 43 -8.70 -5.23 -4.90
CA LEU A 43 -8.26 -4.54 -6.10
C LEU A 43 -9.32 -4.60 -7.19
N ALA A 44 -9.49 -3.49 -7.91
CA ALA A 44 -10.47 -3.42 -8.98
C ALA A 44 -9.97 -4.12 -10.24
N GLU A 45 -10.70 -5.15 -10.67
CA GLU A 45 -10.32 -5.90 -11.86
C GLU A 45 -10.36 -5.02 -13.10
N ASP A 46 -11.16 -3.95 -13.03
CA ASP A 46 -11.29 -3.02 -14.15
C ASP A 46 -10.78 -1.63 -13.77
N GLY A 47 -9.87 -1.60 -12.80
CA GLY A 47 -9.31 -0.33 -12.36
C GLY A 47 -7.89 -0.13 -12.84
N PRO A 48 -7.35 1.10 -12.64
CA PRO A 48 -5.99 1.45 -13.05
C PRO A 48 -4.94 0.75 -12.20
N ALA A 49 -5.29 0.45 -10.96
CA ALA A 49 -4.37 -0.22 -10.04
C ALA A 49 -4.02 -1.62 -10.54
N ILE A 50 -5.00 -2.52 -10.53
CA ILE A 50 -4.79 -3.88 -10.98
C ILE A 50 -4.00 -3.91 -12.29
N ARG A 51 -4.08 -2.83 -13.04
CA ARG A 51 -3.37 -2.73 -14.31
C ARG A 51 -1.91 -2.33 -14.09
N ASN A 52 -1.67 -1.52 -13.07
CA ASN A 52 -0.32 -1.06 -12.75
C ASN A 52 0.60 -2.24 -12.46
N GLY A 53 0.20 -3.07 -11.50
CA GLY A 53 1.00 -4.22 -11.14
C GLY A 53 1.91 -3.96 -9.97
N ARG A 54 2.72 -2.91 -10.07
CA ARG A 54 3.65 -2.55 -9.01
C ARG A 54 3.04 -2.83 -7.64
N MET A 55 1.73 -2.70 -7.55
CA MET A 55 1.03 -2.94 -6.29
C MET A 55 -0.12 -3.93 -6.49
N ARG A 56 -0.30 -4.82 -5.52
CA ARG A 56 -1.36 -5.81 -5.59
C ARG A 56 -2.16 -5.86 -4.30
N VAL A 57 -3.27 -6.60 -4.31
CA VAL A 57 -4.12 -6.71 -3.13
C VAL A 57 -3.59 -7.77 -2.17
N GLY A 58 -3.64 -7.46 -0.87
CA GLY A 58 -3.16 -8.41 0.13
C GLY A 58 -1.80 -8.02 0.68
N ASP A 59 -1.17 -7.03 0.06
CA ASP A 59 0.13 -6.56 0.50
C ASP A 59 0.02 -5.68 1.74
N GLN A 60 1.13 -5.12 2.17
CA GLN A 60 1.15 -4.25 3.34
C GLN A 60 1.71 -2.87 2.99
N ILE A 61 0.88 -1.85 3.10
CA ILE A 61 1.28 -0.49 2.80
C ILE A 61 1.96 0.16 3.99
N ILE A 62 3.20 0.61 3.79
CA ILE A 62 3.96 1.25 4.87
C ILE A 62 3.90 2.77 4.75
N GLU A 63 3.80 3.26 3.52
CA GLU A 63 3.73 4.69 3.27
C GLU A 63 2.59 5.02 2.31
N ILE A 64 2.03 6.22 2.45
CA ILE A 64 0.93 6.66 1.59
C ILE A 64 1.10 8.13 1.21
N ASN A 65 1.29 8.36 -0.08
CA ASN A 65 1.47 9.72 -0.59
C ASN A 65 2.58 10.44 0.15
N GLY A 66 3.66 9.72 0.45
CA GLY A 66 4.79 10.30 1.15
C GLY A 66 4.43 10.71 2.57
N GLU A 67 3.65 9.87 3.24
CA GLU A 67 3.25 10.16 4.61
C GLU A 67 3.35 8.90 5.48
N SER A 68 4.24 8.95 6.46
CA SER A 68 4.44 7.82 7.36
C SER A 68 3.11 7.30 7.90
N THR A 69 2.74 6.09 7.49
CA THR A 69 1.49 5.48 7.92
C THR A 69 1.66 4.77 9.27
N ARG A 70 2.30 5.45 10.21
CA ARG A 70 2.52 4.89 11.54
C ARG A 70 1.46 5.37 12.53
N ASP A 71 1.08 6.64 12.40
CA ASP A 71 0.08 7.22 13.27
C ASP A 71 -1.11 7.75 12.47
N MET A 72 -1.59 6.94 11.53
CA MET A 72 -2.71 7.31 10.69
C MET A 72 -3.84 6.28 10.81
N THR A 73 -5.08 6.75 10.64
CA THR A 73 -6.24 5.88 10.72
C THR A 73 -6.82 5.59 9.34
N HIS A 74 -7.37 4.39 9.17
CA HIS A 74 -7.96 3.99 7.89
C HIS A 74 -8.62 5.18 7.21
N ALA A 75 -9.32 5.99 7.99
CA ALA A 75 -10.00 7.17 7.45
C ALA A 75 -9.02 8.10 6.76
N ARG A 76 -7.92 8.42 7.43
CA ARG A 76 -6.90 9.31 6.88
C ARG A 76 -6.42 8.79 5.53
N ALA A 77 -5.81 7.61 5.53
CA ALA A 77 -5.30 7.01 4.30
C ALA A 77 -6.31 7.14 3.17
N ILE A 78 -7.59 7.01 3.50
CA ILE A 78 -8.66 7.12 2.50
C ILE A 78 -8.73 8.53 1.94
N GLU A 79 -8.44 9.51 2.79
CA GLU A 79 -8.48 10.91 2.37
C GLU A 79 -7.20 11.31 1.65
N LEU A 80 -6.11 10.61 1.96
CA LEU A 80 -4.82 10.88 1.34
C LEU A 80 -4.85 10.53 -0.14
N ILE A 81 -5.45 9.39 -0.46
CA ILE A 81 -5.54 8.93 -1.85
C ILE A 81 -6.29 9.94 -2.70
N LYS A 82 -7.21 10.67 -2.09
CA LYS A 82 -8.00 11.67 -2.79
C LYS A 82 -7.42 13.07 -2.59
N SER A 83 -6.59 13.21 -1.55
CA SER A 83 -5.97 14.49 -1.24
C SER A 83 -4.88 14.82 -2.26
N GLY A 84 -4.16 13.79 -2.71
CA GLY A 84 -3.10 14.00 -3.66
C GLY A 84 -3.62 14.44 -5.02
N GLY A 85 -4.71 13.82 -5.47
CA GLY A 85 -5.29 14.16 -6.75
C GLY A 85 -5.58 12.93 -7.60
N ARG A 86 -5.21 13.00 -8.87
CA ARG A 86 -5.43 11.89 -9.80
C ARG A 86 -4.27 10.91 -9.76
N ARG A 87 -3.13 11.37 -9.26
CA ARG A 87 -1.94 10.54 -9.17
C ARG A 87 -1.58 10.25 -7.71
N VAL A 88 -1.50 8.97 -7.37
CA VAL A 88 -1.16 8.57 -6.00
C VAL A 88 0.12 7.73 -5.99
N ARG A 89 0.87 7.83 -4.89
CA ARG A 89 2.11 7.09 -4.74
C ARG A 89 2.28 6.58 -3.31
N LEU A 90 2.24 5.27 -3.15
CA LEU A 90 2.40 4.65 -1.83
C LEU A 90 3.47 3.58 -1.85
N LEU A 91 4.15 3.40 -0.71
CA LEU A 91 5.19 2.39 -0.60
C LEU A 91 4.62 1.03 -0.19
N LEU A 92 4.70 0.06 -1.08
CA LEU A 92 4.19 -1.28 -0.81
C LEU A 92 5.29 -2.32 -0.96
N LYS A 93 5.10 -3.47 -0.31
CA LYS A 93 6.08 -4.56 -0.38
C LYS A 93 5.40 -5.88 -0.72
N ARG A 94 5.93 -6.56 -1.73
CA ARG A 94 5.37 -7.84 -2.15
C ARG A 94 6.21 -9.00 -1.64
N GLY A 95 5.55 -10.08 -1.23
CA GLY A 95 6.26 -11.24 -0.73
C GLY A 95 6.63 -12.21 -1.82
N THR A 96 7.55 -11.80 -2.69
CA THR A 96 7.99 -12.65 -3.80
C THR A 96 9.45 -13.04 -3.64
N GLY A 97 10.27 -12.10 -3.20
CA GLY A 97 11.69 -12.35 -3.02
C GLY A 97 11.94 -13.44 -1.99
N SER A 98 13.07 -13.35 -1.30
CA SER A 98 13.44 -14.34 -0.30
C SER A 98 12.23 -14.75 0.53
N GLY A 99 11.71 -15.95 0.26
CA GLY A 99 10.55 -16.43 0.99
C GLY A 99 10.58 -17.93 1.18
N PRO A 100 11.50 -18.40 2.04
CA PRO A 100 11.65 -19.83 2.33
C PRO A 100 10.48 -20.39 3.13
N SER A 101 9.57 -19.50 3.54
CA SER A 101 8.40 -19.90 4.32
C SER A 101 7.27 -20.35 3.40
N SER A 102 7.63 -20.79 2.21
CA SER A 102 6.63 -21.24 1.23
C SER A 102 6.57 -22.76 1.19
N GLY A 103 7.72 -23.40 1.37
CA GLY A 103 7.77 -24.86 1.35
C GLY A 103 9.19 -25.38 1.46
N GLY A 1 27.04 2.50 18.98
CA GLY A 1 25.62 2.23 19.10
C GLY A 1 24.92 2.13 17.75
N SER A 2 23.64 1.82 17.77
CA SER A 2 22.86 1.68 16.54
C SER A 2 22.36 3.04 16.07
N SER A 3 23.19 3.73 15.29
CA SER A 3 22.84 5.04 14.77
C SER A 3 21.84 4.93 13.62
N GLY A 4 22.14 4.04 12.67
CA GLY A 4 21.27 3.84 11.54
C GLY A 4 19.99 3.10 11.91
N SER A 5 18.86 3.60 11.44
CA SER A 5 17.57 2.97 11.73
C SER A 5 17.26 1.88 10.70
N SER A 6 16.84 0.72 11.20
CA SER A 6 16.52 -0.41 10.34
C SER A 6 15.55 -1.36 11.03
N GLY A 7 14.86 -2.19 10.24
CA GLY A 7 13.92 -3.14 10.79
C GLY A 7 13.70 -4.33 9.88
N GLN A 8 12.90 -5.28 10.35
CA GLN A 8 12.61 -6.49 9.57
C GLN A 8 11.60 -6.19 8.47
N ASP A 9 12.10 -6.02 7.25
CA ASP A 9 11.25 -5.73 6.11
C ASP A 9 11.44 -6.77 5.01
N PHE A 10 10.67 -6.64 3.93
CA PHE A 10 10.76 -7.56 2.81
C PHE A 10 11.18 -6.83 1.54
N ASP A 11 10.52 -5.71 1.25
CA ASP A 11 10.82 -4.92 0.07
C ASP A 11 10.15 -3.55 0.14
N TYR A 12 10.96 -2.50 0.14
CA TYR A 12 10.45 -1.14 0.21
C TYR A 12 10.39 -0.50 -1.18
N PHE A 13 9.33 -0.80 -1.91
CA PHE A 13 9.17 -0.26 -3.26
C PHE A 13 7.97 0.69 -3.32
N THR A 14 8.06 1.69 -4.19
CA THR A 14 6.99 2.67 -4.35
C THR A 14 6.01 2.25 -5.43
N VAL A 15 4.81 2.81 -5.39
CA VAL A 15 3.78 2.51 -6.37
C VAL A 15 3.38 3.74 -7.18
N ASP A 16 3.00 3.53 -8.43
CA ASP A 16 2.60 4.62 -9.30
C ASP A 16 1.35 4.26 -10.09
N MET A 17 0.28 5.02 -9.87
CA MET A 17 -0.98 4.78 -10.56
C MET A 17 -1.78 6.06 -10.70
N GLU A 18 -2.84 6.01 -11.51
CA GLU A 18 -3.69 7.18 -11.73
C GLU A 18 -5.13 6.88 -11.33
N LYS A 19 -5.98 7.91 -11.39
CA LYS A 19 -7.38 7.77 -11.04
C LYS A 19 -8.19 7.25 -12.22
N GLY A 20 -9.28 6.56 -11.93
CA GLY A 20 -10.14 6.03 -12.97
C GLY A 20 -11.57 6.49 -12.86
N ALA A 21 -12.48 5.74 -13.46
CA ALA A 21 -13.90 6.09 -13.43
C ALA A 21 -14.40 6.22 -11.99
N LYS A 22 -14.13 5.20 -11.19
CA LYS A 22 -14.55 5.20 -9.78
C LYS A 22 -13.35 5.33 -8.86
N GLY A 23 -12.30 5.99 -9.34
CA GLY A 23 -11.10 6.17 -8.55
C GLY A 23 -9.94 5.35 -9.05
N PHE A 24 -8.89 5.25 -8.23
CA PHE A 24 -7.71 4.48 -8.60
C PHE A 24 -8.04 3.00 -8.76
N GLY A 25 -9.23 2.62 -8.32
CA GLY A 25 -9.66 1.24 -8.43
C GLY A 25 -8.97 0.34 -7.43
N PHE A 26 -8.77 0.84 -6.21
CA PHE A 26 -8.12 0.08 -5.15
C PHE A 26 -8.58 0.55 -3.78
N SER A 27 -8.71 -0.40 -2.86
CA SER A 27 -9.14 -0.10 -1.50
C SER A 27 -8.10 -0.55 -0.48
N ILE A 28 -8.17 0.03 0.72
CA ILE A 28 -7.24 -0.30 1.78
C ILE A 28 -7.97 -0.88 2.99
N ARG A 29 -7.20 -1.42 3.94
CA ARG A 29 -7.78 -2.00 5.13
C ARG A 29 -6.86 -1.79 6.34
N GLY A 30 -7.40 -2.00 7.54
CA GLY A 30 -6.62 -1.82 8.75
C GLY A 30 -6.44 -0.36 9.11
N GLY A 31 -5.55 -0.09 10.06
CA GLY A 31 -5.30 1.28 10.48
C GLY A 31 -5.34 1.44 11.98
N ARG A 32 -4.95 2.62 12.46
CA ARG A 32 -4.93 2.90 13.89
C ARG A 32 -6.29 2.55 14.53
N GLU A 33 -7.35 2.63 13.74
CA GLU A 33 -8.69 2.33 14.23
C GLU A 33 -8.79 0.87 14.68
N TYR A 34 -8.12 -0.01 13.95
CA TYR A 34 -8.14 -1.43 14.27
C TYR A 34 -6.80 -1.87 14.85
N LYS A 35 -5.94 -0.90 15.16
CA LYS A 35 -4.63 -1.18 15.72
C LYS A 35 -3.84 -2.13 14.83
N MET A 36 -3.80 -1.82 13.53
CA MET A 36 -3.08 -2.65 12.57
C MET A 36 -2.58 -1.80 11.41
N ASP A 37 -1.62 -2.35 10.66
CA ASP A 37 -1.05 -1.64 9.50
C ASP A 37 -2.08 -1.50 8.40
N LEU A 38 -1.77 -0.68 7.39
CA LEU A 38 -2.67 -0.46 6.27
C LEU A 38 -2.33 -1.40 5.12
N TYR A 39 -3.29 -2.23 4.73
CA TYR A 39 -3.09 -3.17 3.63
C TYR A 39 -4.10 -2.92 2.51
N VAL A 40 -3.87 -3.55 1.37
CA VAL A 40 -4.76 -3.41 0.23
C VAL A 40 -5.97 -4.33 0.34
N LEU A 41 -7.08 -3.78 0.81
CA LEU A 41 -8.31 -4.55 0.98
C LEU A 41 -8.61 -5.37 -0.28
N ARG A 42 -8.87 -4.66 -1.38
CA ARG A 42 -9.18 -5.32 -2.64
C ARG A 42 -8.74 -4.47 -3.82
N LEU A 43 -8.91 -4.99 -5.03
CA LEU A 43 -8.52 -4.28 -6.23
C LEU A 43 -9.65 -4.27 -7.25
N ALA A 44 -9.69 -3.22 -8.09
CA ALA A 44 -10.72 -3.09 -9.10
C ALA A 44 -10.27 -3.72 -10.41
N GLU A 45 -10.95 -4.79 -10.82
CA GLU A 45 -10.63 -5.48 -12.05
C GLU A 45 -10.65 -4.52 -13.25
N ASP A 46 -11.44 -3.45 -13.11
CA ASP A 46 -11.55 -2.47 -14.18
C ASP A 46 -10.92 -1.13 -13.74
N GLY A 47 -10.03 -1.20 -12.77
CA GLY A 47 -9.38 0.00 -12.28
C GLY A 47 -7.96 0.14 -12.79
N PRO A 48 -7.40 1.36 -12.69
CA PRO A 48 -6.04 1.65 -13.15
C PRO A 48 -4.99 0.99 -12.26
N ALA A 49 -5.35 0.70 -11.01
CA ALA A 49 -4.45 0.07 -10.07
C ALA A 49 -4.15 -1.37 -10.47
N ILE A 50 -5.19 -2.20 -10.51
CA ILE A 50 -5.04 -3.60 -10.88
C ILE A 50 -4.28 -3.74 -12.19
N ARG A 51 -4.24 -2.66 -12.95
CA ARG A 51 -3.54 -2.66 -14.24
C ARG A 51 -2.06 -2.34 -14.07
N ASN A 52 -1.75 -1.57 -13.04
CA ASN A 52 -0.37 -1.19 -12.76
C ASN A 52 0.49 -2.42 -12.47
N GLY A 53 0.12 -3.15 -11.43
CA GLY A 53 0.87 -4.34 -11.07
C GLY A 53 1.66 -4.16 -9.79
N ARG A 54 2.43 -3.08 -9.71
CA ARG A 54 3.24 -2.79 -8.53
C ARG A 54 2.57 -3.32 -7.27
N MET A 55 1.47 -2.69 -6.88
CA MET A 55 0.73 -3.09 -5.69
C MET A 55 -0.28 -4.18 -6.02
N ARG A 56 -0.93 -4.72 -4.99
CA ARG A 56 -1.92 -5.77 -5.18
C ARG A 56 -2.58 -6.13 -3.84
N VAL A 57 -3.44 -7.14 -3.87
CA VAL A 57 -4.13 -7.59 -2.68
C VAL A 57 -3.25 -8.52 -1.85
N GLY A 58 -3.12 -8.21 -0.56
CA GLY A 58 -2.31 -9.02 0.32
C GLY A 58 -1.04 -8.31 0.75
N ASP A 59 -0.76 -7.17 0.13
CA ASP A 59 0.43 -6.40 0.46
C ASP A 59 0.18 -5.51 1.68
N GLN A 60 1.26 -4.92 2.21
CA GLN A 60 1.16 -4.05 3.36
C GLN A 60 1.74 -2.67 3.06
N ILE A 61 0.86 -1.66 3.07
CA ILE A 61 1.29 -0.29 2.80
C ILE A 61 1.90 0.35 4.03
N ILE A 62 3.12 0.86 3.88
CA ILE A 62 3.82 1.50 4.99
C ILE A 62 3.80 3.02 4.85
N GLU A 63 3.76 3.49 3.60
CA GLU A 63 3.74 4.92 3.32
C GLU A 63 2.70 5.25 2.24
N ILE A 64 2.15 6.46 2.31
CA ILE A 64 1.16 6.89 1.34
C ILE A 64 1.40 8.33 0.91
N ASN A 65 1.54 8.53 -0.40
CA ASN A 65 1.79 9.86 -0.95
C ASN A 65 2.95 10.54 -0.23
N GLY A 66 4.04 9.81 -0.05
CA GLY A 66 5.20 10.36 0.64
C GLY A 66 4.88 10.79 2.05
N GLU A 67 3.95 10.10 2.70
CA GLU A 67 3.56 10.43 4.06
C GLU A 67 3.53 9.17 4.93
N SER A 68 4.49 9.06 5.84
CA SER A 68 4.58 7.91 6.73
C SER A 68 3.21 7.59 7.33
N THR A 69 2.71 6.40 7.02
CA THR A 69 1.41 5.96 7.51
C THR A 69 1.50 5.52 8.97
N ARG A 70 2.10 6.38 9.80
CA ARG A 70 2.26 6.08 11.22
C ARG A 70 1.22 6.84 12.05
N ASP A 71 0.58 6.15 12.98
CA ASP A 71 -0.42 6.76 13.84
C ASP A 71 -1.58 7.31 13.01
N MET A 72 -1.80 6.72 11.84
CA MET A 72 -2.87 7.15 10.95
C MET A 72 -4.04 6.18 11.01
N THR A 73 -5.25 6.69 10.83
CA THR A 73 -6.45 5.87 10.86
C THR A 73 -6.94 5.57 9.46
N HIS A 74 -7.47 4.36 9.27
CA HIS A 74 -7.98 3.94 7.97
C HIS A 74 -8.60 5.12 7.22
N ALA A 75 -9.29 5.98 7.97
CA ALA A 75 -9.94 7.14 7.37
C ALA A 75 -8.91 8.05 6.70
N ARG A 76 -7.85 8.36 7.42
CA ARG A 76 -6.79 9.23 6.89
C ARG A 76 -6.25 8.68 5.57
N ALA A 77 -5.68 7.49 5.62
CA ALA A 77 -5.13 6.85 4.43
C ALA A 77 -6.09 6.95 3.26
N ILE A 78 -7.39 6.94 3.56
CA ILE A 78 -8.41 7.02 2.53
C ILE A 78 -8.49 8.43 1.95
N GLU A 79 -8.20 9.43 2.78
CA GLU A 79 -8.24 10.83 2.35
C GLU A 79 -6.94 11.21 1.66
N LEU A 80 -5.87 10.50 1.97
CA LEU A 80 -4.56 10.76 1.38
C LEU A 80 -4.55 10.37 -0.10
N ILE A 81 -5.16 9.24 -0.41
CA ILE A 81 -5.22 8.75 -1.78
C ILE A 81 -5.95 9.74 -2.69
N LYS A 82 -6.91 10.47 -2.11
CA LYS A 82 -7.68 11.46 -2.85
C LYS A 82 -7.11 12.85 -2.66
N SER A 83 -6.27 13.01 -1.64
CA SER A 83 -5.65 14.30 -1.35
C SER A 83 -4.52 14.60 -2.34
N GLY A 84 -3.88 13.54 -2.82
CA GLY A 84 -2.78 13.71 -3.76
C GLY A 84 -3.26 14.18 -5.12
N GLY A 85 -4.34 13.57 -5.61
CA GLY A 85 -4.87 13.95 -6.91
C GLY A 85 -5.17 12.75 -7.79
N ARG A 86 -5.06 12.92 -9.10
CA ARG A 86 -5.33 11.85 -10.04
C ARG A 86 -4.26 10.76 -9.94
N ARG A 87 -3.06 11.15 -9.55
CA ARG A 87 -1.94 10.21 -9.42
C ARG A 87 -1.59 9.99 -7.96
N VAL A 88 -1.57 8.73 -7.54
CA VAL A 88 -1.24 8.38 -6.16
C VAL A 88 -0.02 7.48 -6.10
N ARG A 89 0.89 7.77 -5.16
CA ARG A 89 2.10 7.00 -4.99
C ARG A 89 2.29 6.60 -3.53
N LEU A 90 2.19 5.30 -3.26
CA LEU A 90 2.36 4.80 -1.90
C LEU A 90 3.45 3.74 -1.85
N LEU A 91 4.14 3.65 -0.71
CA LEU A 91 5.21 2.69 -0.53
C LEU A 91 4.66 1.35 -0.06
N LEU A 92 4.65 0.36 -0.95
CA LEU A 92 4.15 -0.96 -0.62
C LEU A 92 5.27 -2.00 -0.70
N LYS A 93 5.14 -3.06 0.09
CA LYS A 93 6.14 -4.12 0.11
C LYS A 93 5.52 -5.46 -0.32
N ARG A 94 6.18 -6.12 -1.26
CA ARG A 94 5.69 -7.40 -1.76
C ARG A 94 6.51 -8.55 -1.20
N GLY A 95 5.96 -9.76 -1.27
CA GLY A 95 6.67 -10.92 -0.76
C GLY A 95 6.25 -11.27 0.66
N THR A 96 5.87 -10.26 1.44
CA THR A 96 5.45 -10.46 2.81
C THR A 96 4.02 -10.99 2.87
N GLY A 97 3.24 -10.69 1.85
CA GLY A 97 1.86 -11.14 1.80
C GLY A 97 1.66 -12.35 0.91
N SER A 98 0.97 -13.36 1.42
CA SER A 98 0.72 -14.58 0.67
C SER A 98 -0.55 -14.45 -0.17
N GLY A 99 -0.61 -15.20 -1.27
CA GLY A 99 -1.76 -15.15 -2.14
C GLY A 99 -1.78 -16.29 -3.13
N PRO A 100 -2.52 -17.37 -2.80
CA PRO A 100 -2.63 -18.54 -3.67
C PRO A 100 -3.43 -18.26 -4.94
N SER A 101 -2.97 -18.81 -6.06
CA SER A 101 -3.65 -18.61 -7.34
C SER A 101 -3.36 -19.77 -8.28
N SER A 102 -4.20 -19.90 -9.30
CA SER A 102 -4.05 -20.98 -10.29
C SER A 102 -4.20 -22.34 -9.61
N GLY A 103 -5.28 -22.51 -8.85
CA GLY A 103 -5.52 -23.76 -8.17
C GLY A 103 -6.96 -24.22 -8.28
#